data_7VGI
#
_entry.id   7VGI
#
_cell.length_a   1.00
_cell.length_b   1.00
_cell.length_c   1.00
_cell.angle_alpha   90.00
_cell.angle_beta   90.00
_cell.angle_gamma   90.00
#
_symmetry.space_group_name_H-M   'P 1'
#
loop_
_entity.id
_entity.type
_entity.pdbx_description
1 polymer 'Cell cycle control protein 50A'
2 polymer 'Phospholipid-transporting ATPase IC'
3 branched 2-acetamido-2-deoxy-beta-D-glucopyranose-(1-4)-2-acetamido-2-deoxy-beta-D-glucopyranose
4 branched alpha-D-mannopyranose-(1-4)-2-acetamido-2-deoxy-beta-D-glucopyranose-(1-4)-2-acetamido-2-deoxy-beta-D-glucopyranose
5 non-polymer 2-acetamido-2-deoxy-beta-D-glucopyranose
6 non-polymer 'MAGNESIUM ION'
#
loop_
_entity_poly.entity_id
_entity_poly.type
_entity_poly.pdbx_seq_one_letter_code
_entity_poly.pdbx_strand_id
1 'polypeptide(L)'
;MASMAMNYNAKDEVDGGPPCAPGGTAKTRRPDNTAFKQQRLPAWQPILTAGTVLPIFFIIGLIFIPIGIGIFVTSNNIRE
IEIDYTGTEPSSPCNKCLSPDVTPCFCTINFTLEKSFEGNVFMYYGLSNFYQNHRRYVKSRDDSQLNGDSSALLNPSKEC
EPYRRNEDKPIAPCGAIANSMFNDTLELFLIGNDSYPIPIALKKKGIAWWTDKNVKFRNPPGGDNLEERFKGTTKPVNWL
KPVYMLDSDPDNNGFINEDFIVWMRTAALPTFRKLYRLIERKSDLHPTLPAGRYSLNVTYNYPVHYFDGRKRMILSTISW
MGGKNPFLGIAYIAVGSISFLLGVVLLVINHKYRNSSNTADITIHHHHHH
;
A
2 'polypeptide(L)'
;MASWSHPQFEKGGGARGGSGGGSWSHPQFEKGFDYKDDDDKGTMSTERDSETTFDEDSQPNDEVVPYSDDETEDELDDQG
SAVEPEQNRVNREAEENREPFRKECTWQVKANDRKYHEQPHFMNTKFLCIKESKYANNAIKTYKYNAFTFIPMNLFEQFK
RAANLYFLALLILQAVPQISTLAWYTTLVPLLVVLGVTAIKDLVDDVARHKMDKEINNRTCEVIKDGRFKVAKWKEIQVG
DVIRLKKNDFVPADILLLSSSEPNSLCYVETAELDGETNLKFKMSLEITDQYLQREDTLATFDGFIECEEPNNRLDKFTG
TLFWRNTSFPLDADKILLRGCVIRNTDFCHGLVIFAGADTKIMKNSGKTRFKRTKIDYLMNYMVYTIFVVLILLSAGLAI
GHAYWEAQVGNSSWYLYDGEDDTPSYRGFLIFWGYIIVLNTMVPISLYVSVEVIRLGQSHFINWDLQMYYAEKDTPAKAR
TTTLNEQLGQIHYIFS(PHD)KTGTLTQNIMTFKKCCINGQIYGDHRDASQHNHNKIEQVDFSWNTYADGKLAFYDHYLI
EQIQSGKEPEVRQFFFLLAVCHTVMVDRTDGQLNYQAASPDEGALVNAARNFGFAFLARTQNTITISELGTERTYNVLAI
LDFNSDRKRMSIIVRTPEGNIKLYCKGADTVIYERLHRMNPTKQETQDALDIFANETLRTLCLCYKEIEEKEFTEWNKKF
MAASVASTNRDEALDKVYEEIEKDLILLGATAIEDKLQDGVPETISKLAKADIKIWVLTGDKKETAENIGFACELLTEDT
TICYGEDINSLLHARMENQRNRGGVYAKFAPPVQESFFPPGGNRALIITGSWLNEILLEKKTKRNKILKLKFPRTEEERR
MRTQSKRRLEAKKEQRQKNFVDLACECSAVICCRVTPKQKAMVVDLVKRYKKAITLAIGDGANDVNMIKTAHIGVGISGQ
EGMQAVMSSDYSFAQFRYLQRLLLVHGRWSYIRMCKFLRYFFYKNFAFTLVHFWYSFFNGYSAQTAYEDWFITLYNVLYT
SLPVLLMGLLDQDVSDKLSLRFPGLYIVGQRDLLFNYKRFFVSLLHGVLTSMILFFIPLGAYLQTVGQDGEAPSDYQSFA
VTIASALVITVNFQIGLDTSYWTFVNAFSIFGSIALYFGIMFDFHSAGIHVLFPSAFQFTGTASNALRQPYIWLTIILAV
AVCLLPVVAIRFLSMTIWPSESDKIQKHRKRLKAEEQWQRRQQVFRRGVSTRRSAYAFSHQRGYADLISSGRSIRKKRSP
LDAIVADGTAEYRRTGDS
;
B
#
loop_
_chem_comp.id
_chem_comp.type
_chem_comp.name
_chem_comp.formula
MAN D-saccharide, alpha linking alpha-D-mannopyranose 'C6 H12 O6'
MG non-polymer 'MAGNESIUM ION' 'Mg 2'
NAG D-saccharide, beta linking 2-acetamido-2-deoxy-beta-D-glucopyranose 'C8 H15 N O6'
#
# COMPACT_ATOMS: atom_id res chain seq x y z
N LYS A 27 -4.68 5.87 25.75
CA LYS A 27 -4.53 4.94 24.63
C LYS A 27 -3.08 4.83 24.18
N THR A 28 -2.35 3.85 24.73
CA THR A 28 -1.01 3.52 24.24
C THR A 28 -0.07 4.73 24.33
N ARG A 29 0.32 5.03 25.56
CA ARG A 29 1.22 6.15 25.87
C ARG A 29 2.39 6.24 24.91
N ARG A 30 2.94 7.43 24.75
CA ARG A 30 3.86 7.84 23.69
C ARG A 30 4.91 6.78 23.36
N PRO A 31 5.25 6.63 22.08
CA PRO A 31 6.30 5.68 21.71
C PRO A 31 7.68 6.19 22.08
N ASP A 32 8.64 5.27 22.12
CA ASP A 32 9.98 5.61 22.53
C ASP A 32 10.68 6.46 21.47
N ASN A 33 11.76 7.11 21.88
CA ASN A 33 12.47 8.07 21.05
C ASN A 33 13.74 7.47 20.43
N THR A 34 13.94 6.17 20.55
CA THR A 34 15.15 5.54 20.03
C THR A 34 15.28 5.76 18.52
N ALA A 35 16.50 6.00 18.08
CA ALA A 35 16.73 6.48 16.71
C ALA A 35 16.29 5.48 15.64
N PHE A 36 16.21 4.20 15.96
CA PHE A 36 15.73 3.25 14.96
C PHE A 36 14.24 3.42 14.69
N LYS A 37 13.44 3.61 15.74
CA LYS A 37 12.00 3.70 15.57
C LYS A 37 11.56 5.01 14.94
N GLN A 38 12.36 6.06 15.05
CA GLN A 38 12.02 7.36 14.49
C GLN A 38 12.56 7.56 13.08
N GLN A 39 13.16 6.52 12.50
CA GLN A 39 13.72 6.59 11.14
C GLN A 39 14.79 7.67 11.04
N ARG A 40 15.69 7.72 12.02
CA ARG A 40 16.78 8.69 11.96
C ARG A 40 18.09 8.05 12.40
N LEU A 41 18.35 6.83 11.93
CA LEU A 41 19.60 6.17 12.22
C LEU A 41 20.76 6.92 11.58
N PRO A 42 21.94 6.88 12.20
CA PRO A 42 23.12 7.52 11.57
C PRO A 42 23.44 6.82 10.26
N ALA A 43 23.77 7.62 9.24
CA ALA A 43 23.94 7.01 7.93
C ALA A 43 24.80 7.90 7.04
N TRP A 44 25.39 7.26 6.04
CA TRP A 44 26.19 7.92 5.02
C TRP A 44 25.37 8.00 3.74
N GLN A 45 25.26 9.21 3.19
CA GLN A 45 24.46 9.41 1.98
C GLN A 45 25.38 9.68 0.80
N PRO A 46 25.60 8.70 -0.08
CA PRO A 46 26.51 8.90 -1.21
C PRO A 46 25.78 9.40 -2.45
N ILE A 47 26.43 10.31 -3.16
CA ILE A 47 25.88 10.88 -4.39
C ILE A 47 26.96 10.80 -5.47
N LEU A 48 26.57 10.31 -6.66
CA LEU A 48 27.52 10.09 -7.74
C LEU A 48 27.94 11.41 -8.36
N THR A 49 29.00 12.01 -7.83
CA THR A 49 29.46 13.32 -8.29
C THR A 49 30.34 13.15 -9.52
N ALA A 50 30.98 14.23 -9.94
CA ALA A 50 31.89 14.18 -11.07
C ALA A 50 33.16 13.42 -10.72
N GLY A 51 33.77 13.75 -9.58
CA GLY A 51 35.07 13.20 -9.23
C GLY A 51 35.01 11.95 -8.39
N THR A 52 33.99 11.13 -8.60
CA THR A 52 33.89 9.86 -7.91
C THR A 52 33.72 8.69 -8.87
N VAL A 53 32.99 8.87 -9.96
CA VAL A 53 32.82 7.83 -10.96
C VAL A 53 33.54 8.14 -12.26
N LEU A 54 34.16 9.31 -12.36
CA LEU A 54 35.01 9.59 -13.50
C LEU A 54 36.41 9.01 -13.32
N PRO A 55 37.04 9.10 -12.13
CA PRO A 55 38.39 8.53 -11.99
C PRO A 55 38.41 7.06 -11.61
N ILE A 56 37.27 6.37 -11.73
CA ILE A 56 37.26 4.91 -11.54
C ILE A 56 37.32 4.25 -12.91
N PHE A 57 36.90 4.99 -13.94
CA PHE A 57 37.02 4.51 -15.31
C PHE A 57 38.42 4.70 -15.87
N PHE A 58 39.30 5.38 -15.16
CA PHE A 58 40.70 5.52 -15.52
C PHE A 58 41.62 4.62 -14.71
N ILE A 59 41.39 4.53 -13.40
CA ILE A 59 42.21 3.64 -12.57
C ILE A 59 42.09 2.21 -13.05
N ILE A 60 40.88 1.80 -13.44
CA ILE A 60 40.69 0.48 -14.03
C ILE A 60 41.41 0.40 -15.37
N GLY A 61 41.40 1.49 -16.13
CA GLY A 61 42.00 1.49 -17.45
C GLY A 61 43.52 1.45 -17.47
N LEU A 62 44.17 1.70 -16.33
CA LEU A 62 45.61 1.61 -16.24
C LEU A 62 46.09 0.39 -15.45
N ILE A 63 45.17 -0.49 -15.07
CA ILE A 63 45.55 -1.73 -14.40
C ILE A 63 45.17 -2.90 -15.29
N PHE A 64 44.10 -2.74 -16.08
CA PHE A 64 43.63 -3.84 -16.90
C PHE A 64 44.46 -4.02 -18.16
N ILE A 65 45.07 -2.96 -18.67
CA ILE A 65 45.89 -3.08 -19.87
C ILE A 65 47.27 -3.63 -19.51
N PRO A 66 47.96 -3.13 -18.47
CA PRO A 66 49.22 -3.80 -18.08
C PRO A 66 49.05 -5.27 -17.73
N ILE A 67 47.98 -5.63 -17.01
CA ILE A 67 47.76 -7.04 -16.66
C ILE A 67 47.38 -7.84 -17.91
N GLY A 68 46.74 -7.18 -18.88
CA GLY A 68 46.38 -7.87 -20.11
C GLY A 68 47.53 -8.05 -21.07
N ILE A 69 48.67 -7.41 -20.81
CA ILE A 69 49.86 -7.66 -21.60
C ILE A 69 50.75 -8.68 -20.91
N GLY A 70 50.82 -8.63 -19.58
CA GLY A 70 51.58 -9.62 -18.85
C GLY A 70 51.11 -11.04 -19.12
N ILE A 71 49.78 -11.22 -19.20
CA ILE A 71 49.24 -12.54 -19.54
C ILE A 71 49.61 -12.90 -20.97
N PHE A 72 49.38 -11.98 -21.91
CA PHE A 72 49.59 -12.30 -23.31
C PHE A 72 51.05 -12.59 -23.62
N VAL A 73 51.96 -11.82 -23.03
CA VAL A 73 53.38 -12.04 -23.27
C VAL A 73 53.84 -13.33 -22.60
N THR A 74 53.41 -13.58 -21.37
CA THR A 74 53.75 -14.83 -20.70
C THR A 74 53.15 -16.02 -21.44
N SER A 75 51.88 -15.93 -21.81
CA SER A 75 51.20 -17.05 -22.47
C SER A 75 51.81 -17.37 -23.82
N ASN A 76 52.50 -16.42 -24.44
CA ASN A 76 53.05 -16.65 -25.77
C ASN A 76 54.28 -17.54 -25.75
N ASN A 77 54.97 -17.63 -24.61
CA ASN A 77 56.24 -18.35 -24.53
C ASN A 77 56.12 -19.78 -24.04
N ILE A 78 54.92 -20.25 -23.69
CA ILE A 78 54.73 -21.67 -23.44
C ILE A 78 54.68 -22.40 -24.77
N ARG A 79 55.50 -23.44 -24.89
CA ARG A 79 55.58 -24.22 -26.13
C ARG A 79 54.63 -25.40 -26.03
N GLU A 80 53.84 -25.61 -27.08
CA GLU A 80 52.78 -26.61 -27.06
C GLU A 80 52.67 -27.27 -28.42
N ILE A 81 52.43 -28.58 -28.42
CA ILE A 81 52.27 -29.36 -29.64
C ILE A 81 51.08 -30.29 -29.47
N GLU A 82 50.30 -30.43 -30.54
CA GLU A 82 49.19 -31.37 -30.59
C GLU A 82 49.35 -32.27 -31.81
N ILE A 83 48.97 -33.53 -31.65
CA ILE A 83 49.20 -34.54 -32.68
C ILE A 83 47.93 -34.87 -33.44
N ASP A 84 46.81 -35.06 -32.74
CA ASP A 84 45.53 -35.44 -33.36
C ASP A 84 45.68 -36.75 -34.13
N TYR A 85 45.94 -37.81 -33.37
CA TYR A 85 46.23 -39.11 -33.94
C TYR A 85 44.99 -39.92 -34.28
N THR A 86 43.81 -39.31 -34.29
CA THR A 86 42.63 -39.99 -34.79
C THR A 86 42.75 -40.12 -36.31
N GLY A 87 42.63 -41.35 -36.80
CA GLY A 87 42.82 -41.58 -38.22
C GLY A 87 41.56 -41.55 -39.05
N THR A 88 40.87 -40.41 -39.10
CA THR A 88 39.70 -40.30 -39.95
C THR A 88 40.09 -40.18 -41.42
N GLU A 89 41.12 -39.39 -41.71
CA GLU A 89 41.56 -39.24 -43.09
C GLU A 89 42.30 -40.49 -43.54
N PRO A 90 42.19 -40.85 -44.83
CA PRO A 90 43.00 -41.96 -45.35
C PRO A 90 44.49 -41.67 -45.34
N SER A 91 44.90 -40.41 -45.24
CA SER A 91 46.31 -40.05 -45.25
C SER A 91 47.02 -40.32 -43.93
N SER A 92 46.28 -40.67 -42.88
CA SER A 92 47.01 -40.83 -41.64
C SER A 92 47.35 -42.30 -41.40
N PRO A 93 48.53 -42.57 -40.85
CA PRO A 93 48.93 -43.97 -40.62
C PRO A 93 48.05 -44.72 -39.64
N CYS A 94 47.25 -44.01 -38.84
CA CYS A 94 46.38 -44.65 -37.87
C CYS A 94 45.02 -45.02 -38.45
N ASN A 95 44.82 -44.83 -39.75
CA ASN A 95 43.56 -45.18 -40.39
C ASN A 95 43.33 -46.68 -40.46
N LYS A 96 44.37 -47.50 -40.24
CA LYS A 96 44.25 -48.94 -40.37
C LYS A 96 43.60 -49.61 -39.17
N CYS A 97 43.01 -48.83 -38.26
CA CYS A 97 42.43 -49.40 -37.04
C CYS A 97 41.12 -48.74 -36.65
N LEU A 98 40.35 -48.25 -37.62
CA LEU A 98 39.05 -47.69 -37.29
C LEU A 98 38.02 -48.77 -37.00
N SER A 99 38.09 -49.89 -37.71
CA SER A 99 37.23 -51.05 -37.45
C SER A 99 38.10 -52.29 -37.42
N PRO A 100 38.92 -52.46 -36.39
CA PRO A 100 39.86 -53.58 -36.36
C PRO A 100 39.16 -54.90 -36.11
N ASP A 101 39.84 -55.97 -36.49
CA ASP A 101 39.34 -57.32 -36.28
C ASP A 101 40.43 -58.29 -35.83
N VAL A 102 41.58 -57.77 -35.38
CA VAL A 102 42.74 -58.57 -35.06
C VAL A 102 43.31 -58.15 -33.71
N THR A 103 44.48 -58.69 -33.38
CA THR A 103 45.25 -58.35 -32.17
C THR A 103 45.40 -56.84 -32.08
N PRO A 104 45.65 -56.28 -30.89
CA PRO A 104 45.58 -54.82 -30.73
C PRO A 104 46.49 -54.09 -31.69
N CYS A 105 46.02 -52.96 -32.19
CA CYS A 105 46.76 -52.21 -33.20
C CYS A 105 47.89 -51.41 -32.56
N PHE A 106 48.83 -50.98 -33.42
CA PHE A 106 49.91 -50.09 -33.00
C PHE A 106 50.20 -49.17 -34.17
N CYS A 107 49.67 -47.96 -34.13
CA CYS A 107 49.92 -46.96 -35.17
C CYS A 107 50.93 -45.95 -34.65
N THR A 108 51.87 -45.56 -35.51
CA THR A 108 53.00 -44.72 -35.14
C THR A 108 52.92 -43.40 -35.90
N ILE A 109 53.16 -42.31 -35.20
CA ILE A 109 53.14 -40.97 -35.76
C ILE A 109 54.49 -40.32 -35.56
N ASN A 110 54.98 -39.62 -36.58
CA ASN A 110 56.24 -38.90 -36.50
C ASN A 110 55.96 -37.41 -36.33
N PHE A 111 56.45 -36.85 -35.23
CA PHE A 111 56.36 -35.41 -34.99
C PHE A 111 57.74 -34.89 -34.63
N THR A 112 57.93 -33.58 -34.85
CA THR A 112 59.24 -32.96 -34.68
C THR A 112 59.10 -31.72 -33.82
N LEU A 113 60.03 -31.55 -32.89
CA LEU A 113 60.10 -30.36 -32.04
C LEU A 113 61.10 -29.40 -32.69
N GLU A 114 60.58 -28.48 -33.51
CA GLU A 114 61.44 -27.50 -34.16
C GLU A 114 62.11 -26.58 -33.16
N LYS A 115 61.58 -26.49 -31.94
CA LYS A 115 62.15 -25.70 -30.87
C LYS A 115 62.16 -26.54 -29.60
N SER A 116 63.17 -26.30 -28.76
CA SER A 116 63.42 -27.17 -27.63
C SER A 116 62.44 -26.92 -26.49
N PHE A 117 62.31 -27.91 -25.62
CA PHE A 117 61.53 -27.82 -24.40
C PHE A 117 62.48 -27.87 -23.21
N GLU A 118 62.31 -26.95 -22.27
CA GLU A 118 63.12 -26.91 -21.06
C GLU A 118 62.21 -26.92 -19.84
N GLY A 119 62.82 -27.02 -18.66
CA GLY A 119 62.04 -27.10 -17.44
C GLY A 119 61.35 -28.44 -17.33
N ASN A 120 60.22 -28.44 -16.63
CA ASN A 120 59.39 -29.64 -16.52
C ASN A 120 58.36 -29.66 -17.64
N VAL A 121 57.97 -30.86 -18.03
CA VAL A 121 57.07 -31.07 -19.17
C VAL A 121 55.87 -31.89 -18.71
N PHE A 122 54.67 -31.47 -19.13
CA PHE A 122 53.43 -32.18 -18.87
C PHE A 122 52.88 -32.77 -20.16
N MET A 123 52.34 -33.97 -20.07
CA MET A 123 51.83 -34.69 -21.24
C MET A 123 50.37 -35.05 -20.99
N TYR A 124 49.46 -34.41 -21.71
CA TYR A 124 48.03 -34.62 -21.59
C TYR A 124 47.52 -35.47 -22.73
N TYR A 125 46.23 -35.82 -22.65
CA TYR A 125 45.50 -36.36 -23.78
C TYR A 125 44.15 -35.65 -23.87
N GLY A 126 43.70 -35.42 -25.10
CA GLY A 126 42.51 -34.62 -25.34
C GLY A 126 41.43 -35.42 -26.04
N LEU A 127 40.20 -34.93 -25.95
CA LEU A 127 39.07 -35.51 -26.62
C LEU A 127 38.16 -34.41 -27.11
N SER A 128 37.18 -34.77 -27.94
CA SER A 128 36.23 -33.81 -28.46
C SER A 128 34.92 -34.53 -28.74
N ASN A 129 33.84 -33.74 -28.77
CA ASN A 129 32.48 -34.26 -28.89
C ASN A 129 32.15 -35.29 -27.83
N PHE A 130 32.91 -35.31 -26.73
CA PHE A 130 32.68 -36.22 -25.62
C PHE A 130 31.93 -35.46 -24.54
N TYR A 131 30.64 -35.75 -24.39
CA TYR A 131 29.78 -35.02 -23.45
C TYR A 131 29.84 -35.70 -22.08
N GLN A 132 30.88 -35.37 -21.33
CA GLN A 132 30.99 -35.86 -19.96
C GLN A 132 30.18 -35.04 -18.98
N ASN A 133 29.50 -33.98 -19.44
CA ASN A 133 28.63 -33.17 -18.60
C ASN A 133 27.16 -33.49 -18.81
N HIS A 134 26.84 -34.53 -19.56
CA HIS A 134 25.46 -34.93 -19.77
C HIS A 134 24.84 -35.38 -18.46
N ARG A 135 23.57 -35.01 -18.24
CA ARG A 135 22.91 -35.30 -16.97
C ARG A 135 22.69 -36.78 -16.74
N ARG A 136 22.50 -37.56 -17.81
CA ARG A 136 22.34 -39.00 -17.70
C ARG A 136 23.67 -39.70 -17.40
N TYR A 137 24.79 -38.99 -17.57
CA TYR A 137 26.11 -39.57 -17.44
C TYR A 137 26.84 -39.06 -16.19
N VAL A 138 26.57 -37.82 -15.79
CA VAL A 138 27.25 -37.27 -14.63
C VAL A 138 26.81 -37.98 -13.35
N LYS A 139 25.53 -38.25 -13.21
CA LYS A 139 25.00 -38.83 -11.98
C LYS A 139 25.26 -40.32 -11.85
N SER A 140 25.79 -40.96 -12.90
CA SER A 140 25.94 -42.41 -12.91
C SER A 140 27.25 -42.81 -12.21
N ARG A 141 27.25 -42.65 -10.89
CA ARG A 141 28.32 -43.18 -10.07
C ARG A 141 27.76 -43.51 -8.69
N ASP A 142 28.61 -44.06 -7.84
CA ASP A 142 28.20 -44.45 -6.48
C ASP A 142 29.31 -44.01 -5.52
N ASP A 143 29.16 -42.82 -4.96
CA ASP A 143 30.22 -42.24 -4.16
C ASP A 143 30.47 -42.98 -2.85
N SER A 144 29.46 -43.69 -2.34
CA SER A 144 29.67 -44.47 -1.13
C SER A 144 30.65 -45.63 -1.37
N GLN A 145 30.48 -46.32 -2.49
CA GLN A 145 31.36 -47.46 -2.79
C GLN A 145 32.81 -47.02 -2.94
N LEU A 146 33.03 -45.93 -3.66
CA LEU A 146 34.40 -45.47 -3.91
C LEU A 146 35.08 -44.93 -2.66
N ASN A 147 34.34 -44.71 -1.57
CA ASN A 147 34.91 -44.23 -0.33
C ASN A 147 35.32 -45.37 0.60
N GLY A 148 35.54 -46.57 0.07
CA GLY A 148 35.91 -47.70 0.89
C GLY A 148 34.85 -48.14 1.86
N ASP A 149 33.58 -48.11 1.45
CA ASP A 149 32.49 -48.52 2.32
C ASP A 149 32.33 -50.03 2.28
N SER A 150 32.45 -50.67 3.45
CA SER A 150 32.39 -52.12 3.50
C SER A 150 30.99 -52.67 3.31
N SER A 151 29.96 -51.82 3.44
CA SER A 151 28.58 -52.27 3.39
C SER A 151 27.95 -52.13 2.01
N ALA A 152 28.05 -50.96 1.39
CA ALA A 152 27.43 -50.73 0.09
C ALA A 152 28.28 -51.25 -1.06
N LEU A 153 29.48 -51.77 -0.78
CA LEU A 153 30.32 -52.32 -1.85
C LEU A 153 29.63 -53.52 -2.49
N LEU A 154 28.99 -54.37 -1.69
CA LEU A 154 28.26 -55.53 -2.18
C LEU A 154 26.87 -55.18 -2.70
N ASN A 155 26.48 -53.91 -2.63
CA ASN A 155 25.11 -53.50 -2.96
C ASN A 155 25.13 -52.09 -3.54
N PRO A 156 25.41 -51.97 -4.83
CA PRO A 156 25.47 -50.65 -5.46
C PRO A 156 24.10 -50.00 -5.54
N SER A 157 24.10 -48.66 -5.59
CA SER A 157 22.87 -47.90 -5.59
C SER A 157 22.16 -48.02 -6.93
N LYS A 158 20.92 -47.55 -6.96
CA LYS A 158 20.08 -47.66 -8.15
C LYS A 158 20.39 -46.59 -9.19
N GLU A 159 21.20 -45.59 -8.84
CA GLU A 159 21.49 -44.52 -9.80
C GLU A 159 22.31 -45.00 -10.97
N CYS A 160 23.08 -46.08 -10.81
CA CYS A 160 23.91 -46.64 -11.87
C CYS A 160 23.23 -47.79 -12.60
N GLU A 161 21.91 -47.72 -12.77
CA GLU A 161 21.12 -48.89 -13.15
C GLU A 161 21.61 -49.65 -14.37
N PRO A 162 22.02 -49.00 -15.47
CA PRO A 162 22.54 -49.80 -16.60
C PRO A 162 23.73 -50.66 -16.23
N TYR A 163 24.56 -50.23 -15.29
CA TYR A 163 25.77 -50.93 -14.89
C TYR A 163 25.80 -51.12 -13.38
N ARG A 164 24.67 -51.57 -12.82
CA ARG A 164 24.54 -51.78 -11.39
C ARG A 164 24.72 -53.23 -10.98
N ARG A 165 24.40 -54.17 -11.86
CA ARG A 165 24.44 -55.58 -11.53
C ARG A 165 24.87 -56.37 -12.76
N ASN A 166 25.34 -57.59 -12.53
CA ASN A 166 25.80 -58.47 -13.59
C ASN A 166 25.29 -59.86 -13.22
N GLU A 167 25.89 -60.93 -13.74
CA GLU A 167 25.28 -62.24 -13.55
C GLU A 167 25.38 -62.61 -12.07
N ASP A 168 24.41 -62.11 -11.30
CA ASP A 168 24.31 -62.33 -9.86
C ASP A 168 25.59 -61.90 -9.14
N LYS A 169 26.17 -60.78 -9.58
CA LYS A 169 27.37 -60.23 -8.97
C LYS A 169 27.39 -58.72 -9.19
N PRO A 170 27.70 -57.94 -8.17
CA PRO A 170 27.76 -56.48 -8.35
C PRO A 170 29.11 -56.04 -8.88
N ILE A 171 29.09 -54.92 -9.61
CA ILE A 171 30.30 -54.37 -10.21
C ILE A 171 31.05 -53.53 -9.19
N ALA A 172 32.37 -53.72 -9.11
CA ALA A 172 33.14 -52.96 -8.13
C ALA A 172 33.21 -51.49 -8.52
N PRO A 173 33.83 -51.09 -9.65
CA PRO A 173 33.65 -49.69 -10.07
C PRO A 173 32.31 -49.53 -10.77
N CYS A 174 31.34 -48.94 -10.09
CA CYS A 174 29.97 -48.94 -10.55
C CYS A 174 29.63 -47.62 -11.24
N GLY A 175 28.81 -47.70 -12.27
CA GLY A 175 28.32 -46.54 -12.97
C GLY A 175 28.80 -46.49 -14.42
N ALA A 176 28.15 -45.62 -15.17
CA ALA A 176 28.49 -45.40 -16.57
C ALA A 176 29.71 -44.50 -16.75
N ILE A 177 30.20 -43.87 -15.68
CA ILE A 177 31.40 -43.05 -15.78
C ILE A 177 32.64 -43.94 -15.84
N ALA A 178 32.75 -44.86 -14.87
CA ALA A 178 33.90 -45.75 -14.80
C ALA A 178 33.85 -46.85 -15.84
N ASN A 179 32.75 -47.00 -16.56
CA ASN A 179 32.67 -48.01 -17.61
C ASN A 179 33.48 -47.60 -18.82
N SER A 180 33.44 -46.32 -19.18
CA SER A 180 34.03 -45.82 -20.41
C SER A 180 35.39 -45.17 -20.20
N MET A 181 36.19 -45.69 -19.27
CA MET A 181 37.48 -45.09 -18.98
C MET A 181 38.39 -45.16 -20.20
N PHE A 182 39.20 -44.12 -20.37
CA PHE A 182 40.13 -44.06 -21.49
C PHE A 182 41.24 -45.09 -21.30
N ASN A 183 41.49 -45.90 -22.34
CA ASN A 183 42.44 -47.00 -22.19
C ASN A 183 43.49 -47.07 -23.30
N ASP A 184 43.63 -46.03 -24.12
CA ASP A 184 44.72 -46.01 -25.08
C ASP A 184 46.06 -45.89 -24.34
N THR A 185 47.10 -46.45 -24.94
CA THR A 185 48.44 -46.39 -24.38
C THR A 185 49.35 -45.60 -25.31
N LEU A 186 50.02 -44.60 -24.77
CA LEU A 186 50.87 -43.70 -25.53
C LEU A 186 52.32 -43.89 -25.07
N GLU A 187 53.22 -44.08 -26.04
CA GLU A 187 54.64 -44.24 -25.76
C GLU A 187 55.44 -43.30 -26.65
N LEU A 188 56.39 -42.59 -26.06
CA LEU A 188 57.16 -41.57 -26.75
C LEU A 188 58.60 -42.05 -26.91
N PHE A 189 59.13 -41.92 -28.14
CA PHE A 189 60.47 -42.37 -28.46
C PHE A 189 61.24 -41.25 -29.13
N LEU A 190 62.46 -41.01 -28.64
CA LEU A 190 63.36 -40.01 -29.21
C LEU A 190 64.31 -40.71 -30.18
N ILE A 191 64.08 -40.52 -31.48
CA ILE A 191 64.96 -41.08 -32.51
C ILE A 191 65.99 -39.99 -32.82
N GLY A 192 67.04 -39.94 -31.99
CA GLY A 192 68.16 -39.07 -32.25
C GLY A 192 69.19 -39.80 -33.08
N ASN A 193 69.06 -41.12 -33.13
CA ASN A 193 69.92 -41.98 -33.91
C ASN A 193 69.18 -43.30 -34.15
N ASP A 194 69.33 -43.84 -35.35
CA ASP A 194 68.60 -45.04 -35.72
C ASP A 194 69.20 -46.26 -35.00
N SER A 195 68.44 -47.35 -35.02
CA SER A 195 68.77 -48.59 -34.31
C SER A 195 68.87 -48.40 -32.81
N TYR A 196 68.32 -47.29 -32.30
CA TYR A 196 68.31 -47.01 -30.86
C TYR A 196 67.23 -45.98 -30.53
N PRO A 197 65.94 -46.30 -30.73
CA PRO A 197 64.90 -45.37 -30.28
C PRO A 197 64.86 -45.27 -28.78
N ILE A 198 65.17 -44.10 -28.24
CA ILE A 198 65.35 -43.96 -26.79
C ILE A 198 63.98 -44.03 -26.11
N PRO A 199 63.80 -44.89 -25.13
CA PRO A 199 62.54 -44.92 -24.37
C PRO A 199 62.48 -43.81 -23.33
N ILE A 200 62.04 -42.62 -23.73
CA ILE A 200 61.96 -41.48 -22.83
C ILE A 200 61.16 -41.85 -21.59
N ALA A 201 61.71 -41.53 -20.42
CA ALA A 201 61.12 -41.96 -19.15
C ALA A 201 59.87 -41.14 -18.84
N LEU A 202 58.78 -41.83 -18.52
CA LEU A 202 57.51 -41.20 -18.17
C LEU A 202 57.11 -41.66 -16.77
N LYS A 203 56.69 -40.71 -15.94
CA LYS A 203 56.20 -41.02 -14.61
C LYS A 203 54.68 -41.03 -14.61
N LYS A 204 54.11 -42.02 -13.90
CA LYS A 204 52.66 -42.21 -13.89
C LYS A 204 52.04 -42.00 -12.52
N LYS A 205 52.78 -41.43 -11.57
CA LYS A 205 52.28 -41.20 -10.22
C LYS A 205 52.42 -39.73 -9.86
N GLY A 206 51.40 -39.19 -9.22
CA GLY A 206 51.37 -37.79 -8.85
C GLY A 206 50.61 -36.89 -9.79
N ILE A 207 49.56 -37.38 -10.44
CA ILE A 207 48.81 -36.61 -11.42
C ILE A 207 47.36 -36.42 -11.00
N ALA A 208 47.06 -36.60 -9.71
CA ALA A 208 45.71 -36.51 -9.20
C ALA A 208 45.63 -35.46 -8.10
N TRP A 209 44.41 -34.96 -7.88
CA TRP A 209 44.18 -34.02 -6.80
C TRP A 209 44.61 -34.65 -5.48
N TRP A 210 45.36 -33.88 -4.67
CA TRP A 210 45.89 -34.44 -3.44
C TRP A 210 44.79 -34.85 -2.47
N THR A 211 43.60 -34.26 -2.59
CA THR A 211 42.47 -34.62 -1.76
C THR A 211 41.62 -35.73 -2.37
N ASP A 212 41.93 -36.17 -3.58
CA ASP A 212 41.27 -37.33 -4.16
C ASP A 212 41.99 -38.62 -3.85
N LYS A 213 43.33 -38.60 -3.87
CA LYS A 213 44.10 -39.80 -3.58
C LYS A 213 44.12 -40.14 -2.10
N ASN A 214 43.90 -39.17 -1.22
CA ASN A 214 44.00 -39.40 0.22
C ASN A 214 42.71 -39.25 0.99
N VAL A 215 41.65 -38.69 0.40
CA VAL A 215 40.42 -38.46 1.14
C VAL A 215 39.22 -39.07 0.43
N LYS A 216 38.98 -38.66 -0.82
CA LYS A 216 37.73 -39.01 -1.48
C LYS A 216 37.73 -40.45 -1.98
N PHE A 217 38.86 -40.95 -2.47
CA PHE A 217 38.95 -42.30 -2.99
C PHE A 217 39.78 -43.14 -2.03
N ARG A 218 39.19 -44.24 -1.55
CA ARG A 218 39.85 -45.09 -0.58
C ARG A 218 39.56 -46.55 -0.90
N ASN A 219 40.57 -47.39 -0.75
CA ASN A 219 40.40 -48.81 -0.95
C ASN A 219 39.58 -49.42 0.19
N PRO A 220 38.88 -50.52 -0.06
CA PRO A 220 38.06 -51.15 0.99
C PRO A 220 38.94 -51.57 2.16
N PRO A 221 38.42 -51.46 3.38
CA PRO A 221 39.23 -51.76 4.58
C PRO A 221 39.36 -53.25 4.87
N GLY A 222 40.30 -53.89 4.18
CA GLY A 222 40.55 -55.30 4.37
C GLY A 222 41.93 -55.59 4.94
N GLY A 223 42.58 -56.63 4.44
CA GLY A 223 43.91 -56.98 4.91
C GLY A 223 45.01 -56.36 4.08
N ASP A 224 45.78 -57.19 3.38
CA ASP A 224 46.81 -56.70 2.49
C ASP A 224 46.73 -57.31 1.09
N ASN A 225 45.71 -58.12 0.81
CA ASN A 225 45.50 -58.69 -0.51
C ASN A 225 44.23 -58.07 -1.10
N LEU A 226 44.40 -57.34 -2.20
CA LEU A 226 43.25 -56.72 -2.85
C LEU A 226 42.34 -57.74 -3.51
N GLU A 227 42.79 -58.99 -3.67
CA GLU A 227 41.91 -60.02 -4.19
C GLU A 227 40.85 -60.42 -3.18
N GLU A 228 41.16 -60.32 -1.88
CA GLU A 228 40.20 -60.65 -0.85
C GLU A 228 39.26 -59.50 -0.53
N ARG A 229 39.73 -58.26 -0.65
CA ARG A 229 38.87 -57.11 -0.42
C ARG A 229 37.76 -57.02 -1.46
N PHE A 230 38.02 -57.48 -2.69
CA PHE A 230 37.04 -57.46 -3.77
C PHE A 230 36.44 -58.83 -4.01
N LYS A 231 36.23 -59.59 -2.94
CA LYS A 231 35.71 -60.95 -3.06
C LYS A 231 34.24 -60.92 -3.43
N GLY A 232 33.90 -61.60 -4.53
CA GLY A 232 32.52 -61.76 -4.96
C GLY A 232 32.00 -60.68 -5.88
N THR A 233 32.77 -59.63 -6.13
CA THR A 233 32.35 -58.55 -7.00
C THR A 233 32.96 -58.73 -8.39
N THR A 234 32.16 -58.45 -9.42
CA THR A 234 32.58 -58.69 -10.79
C THR A 234 33.42 -57.53 -11.30
N LYS A 235 33.68 -57.54 -12.60
CA LYS A 235 34.48 -56.64 -13.41
C LYS A 235 33.59 -55.81 -14.31
N PRO A 236 33.91 -54.54 -14.54
CA PRO A 236 33.07 -53.71 -15.41
C PRO A 236 32.95 -54.31 -16.80
N VAL A 237 31.79 -54.10 -17.43
CA VAL A 237 31.45 -54.77 -18.67
C VAL A 237 32.48 -54.46 -19.76
N ASN A 238 32.80 -53.19 -19.93
CA ASN A 238 33.66 -52.76 -21.03
C ASN A 238 35.15 -52.88 -20.71
N TRP A 239 35.52 -53.30 -19.50
CA TRP A 239 36.93 -53.39 -19.15
C TRP A 239 37.49 -54.73 -19.60
N LEU A 240 38.78 -54.93 -19.36
CA LEU A 240 39.46 -56.16 -19.72
C LEU A 240 40.08 -56.89 -18.53
N LYS A 241 40.42 -56.18 -17.47
CA LYS A 241 40.97 -56.77 -16.26
C LYS A 241 40.29 -56.14 -15.06
N PRO A 242 40.12 -56.90 -13.98
CA PRO A 242 39.44 -56.35 -12.80
C PRO A 242 40.23 -55.22 -12.18
N VAL A 243 39.51 -54.41 -11.39
CA VAL A 243 40.10 -53.20 -10.82
C VAL A 243 41.23 -53.52 -9.86
N TYR A 244 41.27 -54.72 -9.28
CA TYR A 244 42.33 -55.05 -8.34
C TYR A 244 43.66 -55.36 -9.02
N MET A 245 43.76 -55.17 -10.33
CA MET A 245 45.02 -55.37 -11.05
C MET A 245 45.25 -54.28 -12.09
N LEU A 246 44.73 -53.08 -11.83
CA LEU A 246 44.93 -51.97 -12.76
C LEU A 246 46.40 -51.59 -12.87
N ASP A 247 47.12 -51.58 -11.75
CA ASP A 247 48.54 -51.26 -11.74
C ASP A 247 49.25 -52.20 -10.78
N SER A 248 50.52 -52.48 -11.09
CA SER A 248 51.30 -53.41 -10.29
C SER A 248 51.84 -52.80 -9.01
N ASP A 249 51.83 -51.47 -8.89
CA ASP A 249 52.24 -50.83 -7.65
C ASP A 249 51.22 -51.14 -6.58
N PRO A 250 51.61 -51.79 -5.47
CA PRO A 250 50.60 -52.15 -4.46
C PRO A 250 50.00 -50.94 -3.76
N ASP A 251 50.71 -49.81 -3.69
CA ASP A 251 50.11 -48.59 -3.16
C ASP A 251 49.12 -48.00 -4.16
N ASN A 252 49.50 -47.94 -5.44
CA ASN A 252 48.67 -47.37 -6.49
C ASN A 252 47.97 -48.52 -7.21
N ASN A 253 46.90 -49.00 -6.60
CA ASN A 253 46.12 -50.08 -7.19
C ASN A 253 44.71 -50.04 -6.62
N GLY A 254 43.74 -50.45 -7.43
CA GLY A 254 42.36 -50.42 -7.00
C GLY A 254 41.72 -49.05 -7.16
N PHE A 255 40.83 -48.72 -6.23
CA PHE A 255 40.10 -47.45 -6.28
C PHE A 255 41.03 -46.26 -6.10
N ILE A 256 42.25 -46.47 -5.64
CA ILE A 256 43.15 -45.35 -5.33
C ILE A 256 44.05 -45.12 -6.54
N ASN A 257 43.77 -45.81 -7.63
CA ASN A 257 44.56 -45.63 -8.85
C ASN A 257 44.45 -44.20 -9.34
N GLU A 258 45.55 -43.69 -9.88
CA GLU A 258 45.61 -42.29 -10.29
C GLU A 258 45.11 -42.07 -11.71
N ASP A 259 45.39 -42.99 -12.64
CA ASP A 259 44.78 -42.90 -13.96
C ASP A 259 43.27 -43.06 -13.87
N PHE A 260 42.80 -43.85 -12.91
CA PHE A 260 41.37 -44.01 -12.70
C PHE A 260 40.75 -42.74 -12.11
N ILE A 261 41.45 -42.12 -11.15
CA ILE A 261 40.92 -40.93 -10.49
C ILE A 261 40.73 -39.79 -11.48
N VAL A 262 41.71 -39.59 -12.35
CA VAL A 262 41.67 -38.46 -13.28
C VAL A 262 40.47 -38.58 -14.22
N TRP A 263 40.15 -39.79 -14.66
CA TRP A 263 38.98 -39.96 -15.52
C TRP A 263 37.69 -39.73 -14.74
N MET A 264 37.65 -40.14 -13.47
CA MET A 264 36.43 -39.99 -12.70
C MET A 264 36.06 -38.52 -12.51
N ARG A 265 37.06 -37.66 -12.42
CA ARG A 265 36.82 -36.23 -12.22
C ARG A 265 36.35 -35.62 -13.52
N THR A 266 35.03 -35.56 -13.72
CA THR A 266 34.46 -35.30 -15.03
C THR A 266 34.80 -33.90 -15.51
N ALA A 267 34.65 -33.69 -16.81
CA ALA A 267 34.95 -32.41 -17.43
C ALA A 267 33.73 -31.49 -17.38
N ALA A 268 33.91 -30.26 -17.84
CA ALA A 268 32.85 -29.25 -17.80
C ALA A 268 32.34 -28.86 -19.17
N LEU A 269 33.13 -29.05 -20.21
CA LEU A 269 32.76 -28.73 -21.58
C LEU A 269 33.09 -29.93 -22.46
N PRO A 270 32.46 -30.04 -23.64
CA PRO A 270 32.70 -31.21 -24.49
C PRO A 270 34.15 -31.39 -24.88
N THR A 271 34.90 -30.32 -25.10
CA THR A 271 36.30 -30.39 -25.50
C THR A 271 37.17 -30.17 -24.26
N PHE A 272 37.85 -31.23 -23.82
CA PHE A 272 38.64 -31.16 -22.60
C PHE A 272 39.99 -31.80 -22.85
N ARG A 273 40.82 -31.79 -21.81
CA ARG A 273 42.10 -32.48 -21.82
C ARG A 273 42.39 -32.94 -20.40
N LYS A 274 43.05 -34.09 -20.27
CA LYS A 274 43.32 -34.68 -18.98
C LYS A 274 44.79 -35.08 -18.89
N LEU A 275 45.35 -34.98 -17.70
CA LEU A 275 46.77 -35.26 -17.50
C LEU A 275 47.04 -36.74 -17.62
N TYR A 276 48.15 -37.10 -18.25
CA TYR A 276 48.52 -38.49 -18.46
C TYR A 276 49.79 -38.88 -17.72
N ARG A 277 50.90 -38.20 -17.99
CA ARG A 277 52.18 -38.54 -17.37
C ARG A 277 52.99 -37.27 -17.16
N LEU A 278 54.03 -37.39 -16.34
CA LEU A 278 55.00 -36.32 -16.15
C LEU A 278 56.35 -36.74 -16.74
N ILE A 279 57.05 -35.77 -17.30
CA ILE A 279 58.38 -35.99 -17.86
C ILE A 279 59.33 -35.18 -17.02
N GLU A 280 59.93 -35.81 -16.00
CA GLU A 280 60.81 -35.10 -15.09
C GLU A 280 62.09 -34.65 -15.80
N ARG A 281 62.79 -33.72 -15.18
CA ARG A 281 64.06 -33.24 -15.69
C ARG A 281 65.20 -33.82 -14.86
N LYS A 282 66.42 -33.42 -15.19
CA LYS A 282 67.62 -33.90 -14.52
C LYS A 282 68.43 -32.71 -14.02
N SER A 283 69.32 -32.98 -13.06
CA SER A 283 70.06 -31.91 -12.40
C SER A 283 70.91 -31.13 -13.39
N ASP A 284 71.58 -31.84 -14.30
CA ASP A 284 72.34 -31.16 -15.34
C ASP A 284 71.39 -30.40 -16.26
N LEU A 285 71.79 -29.19 -16.63
CA LEU A 285 70.95 -28.32 -17.44
C LEU A 285 70.85 -28.91 -18.84
N HIS A 286 69.74 -29.58 -19.10
CA HIS A 286 69.52 -30.23 -20.39
C HIS A 286 68.11 -29.97 -20.87
N PRO A 287 67.90 -29.97 -22.17
CA PRO A 287 66.53 -29.86 -22.71
C PRO A 287 65.74 -31.13 -22.51
N THR A 288 65.01 -31.23 -21.40
CA THR A 288 64.24 -32.41 -21.00
C THR A 288 63.64 -33.16 -22.19
N LEU A 289 63.05 -32.43 -23.14
CA LEU A 289 62.74 -32.96 -24.47
C LEU A 289 63.66 -32.23 -25.45
N PRO A 290 64.77 -32.84 -25.83
CA PRO A 290 65.74 -32.14 -26.69
C PRO A 290 65.21 -31.95 -28.10
N ALA A 291 65.78 -30.98 -28.80
CA ALA A 291 65.39 -30.73 -30.18
C ALA A 291 65.73 -31.94 -31.04
N GLY A 292 64.89 -32.20 -32.03
CA GLY A 292 65.07 -33.33 -32.91
C GLY A 292 63.74 -33.94 -33.24
N ARG A 293 63.78 -35.15 -33.80
CA ARG A 293 62.58 -35.84 -34.25
C ARG A 293 62.18 -36.91 -33.24
N TYR A 294 60.87 -37.18 -33.18
CA TYR A 294 60.29 -38.10 -32.22
C TYR A 294 59.26 -38.98 -32.90
N SER A 295 58.94 -40.09 -32.25
CA SER A 295 57.89 -40.99 -32.69
C SER A 295 56.95 -41.29 -31.53
N LEU A 296 55.64 -41.33 -31.82
CA LEU A 296 54.62 -41.63 -30.83
C LEU A 296 54.00 -42.97 -31.18
N ASN A 297 54.04 -43.91 -30.23
CA ASN A 297 53.69 -45.30 -30.46
C ASN A 297 52.40 -45.59 -29.69
N VAL A 298 51.30 -45.80 -30.41
CA VAL A 298 49.96 -45.73 -29.84
C VAL A 298 49.28 -47.08 -29.98
N THR A 299 48.76 -47.59 -28.86
CA THR A 299 47.96 -48.83 -28.87
C THR A 299 46.49 -48.42 -28.94
N TYR A 300 46.03 -48.20 -30.17
CA TYR A 300 44.68 -47.73 -30.43
C TYR A 300 43.62 -48.69 -29.90
N ASN A 301 42.83 -48.23 -28.93
CA ASN A 301 41.76 -49.02 -28.33
C ASN A 301 40.43 -48.28 -28.25
N TYR A 302 40.45 -46.96 -28.01
CA TYR A 302 39.25 -46.24 -27.63
C TYR A 302 38.50 -45.79 -28.88
N PRO A 303 37.30 -46.32 -29.14
CA PRO A 303 36.59 -45.99 -30.38
C PRO A 303 35.79 -44.69 -30.34
N VAL A 304 36.42 -43.54 -30.63
CA VAL A 304 35.68 -42.28 -30.62
C VAL A 304 35.10 -41.91 -31.98
N HIS A 305 35.52 -42.57 -33.06
CA HIS A 305 35.09 -42.16 -34.39
C HIS A 305 33.61 -42.37 -34.64
N TYR A 306 32.93 -43.17 -33.81
CA TYR A 306 31.51 -43.45 -34.05
C TYR A 306 30.66 -42.20 -33.95
N PHE A 307 30.93 -41.35 -32.95
CA PHE A 307 30.14 -40.16 -32.69
C PHE A 307 30.90 -38.88 -33.05
N ASP A 308 31.71 -38.95 -34.11
CA ASP A 308 32.51 -37.82 -34.58
C ASP A 308 33.52 -37.35 -33.55
N GLY A 309 33.97 -38.25 -32.69
CA GLY A 309 34.97 -37.90 -31.70
C GLY A 309 36.33 -37.67 -32.32
N ARG A 310 37.22 -37.10 -31.51
CA ARG A 310 38.59 -36.82 -31.92
C ARG A 310 39.51 -37.06 -30.74
N LYS A 311 40.69 -37.62 -31.00
CA LYS A 311 41.68 -37.88 -29.97
C LYS A 311 42.94 -37.08 -30.25
N ARG A 312 43.62 -36.68 -29.18
CA ARG A 312 44.81 -35.87 -29.31
C ARG A 312 45.80 -36.21 -28.21
N MET A 313 47.07 -35.95 -28.47
CA MET A 313 48.12 -36.01 -27.47
C MET A 313 48.80 -34.65 -27.42
N ILE A 314 49.00 -34.12 -26.21
CA ILE A 314 49.44 -32.75 -26.01
C ILE A 314 50.66 -32.74 -25.11
N LEU A 315 51.68 -31.99 -25.49
CA LEU A 315 52.87 -31.77 -24.67
C LEU A 315 53.00 -30.27 -24.41
N SER A 316 53.12 -29.90 -23.14
CA SER A 316 53.17 -28.50 -22.77
C SER A 316 54.23 -28.30 -21.68
N THR A 317 54.66 -27.05 -21.54
CA THR A 317 55.64 -26.63 -20.56
C THR A 317 54.93 -25.80 -19.49
N ILE A 318 55.67 -25.44 -18.44
CA ILE A 318 55.08 -24.79 -17.28
C ILE A 318 55.39 -23.30 -17.31
N SER A 319 54.75 -22.55 -16.40
CA SER A 319 55.02 -21.13 -16.21
C SER A 319 54.53 -20.75 -14.83
N TRP A 320 55.07 -19.63 -14.32
CA TRP A 320 54.72 -19.13 -13.00
C TRP A 320 53.35 -18.47 -12.97
N MET A 321 52.69 -18.31 -14.11
CA MET A 321 51.38 -17.71 -14.21
C MET A 321 50.28 -18.74 -14.43
N GLY A 322 50.49 -19.67 -15.35
CA GLY A 322 49.50 -20.68 -15.66
C GLY A 322 49.86 -21.44 -16.91
N GLY A 323 48.91 -21.58 -17.83
CA GLY A 323 49.15 -22.20 -19.10
C GLY A 323 49.07 -21.21 -20.25
N LYS A 324 49.06 -21.76 -21.46
CA LYS A 324 48.91 -20.96 -22.67
C LYS A 324 47.44 -20.58 -22.80
N ASN A 325 47.05 -19.56 -22.04
CA ASN A 325 45.68 -19.07 -21.99
C ASN A 325 45.66 -17.65 -22.54
N PRO A 326 45.41 -17.46 -23.84
CA PRO A 326 45.40 -16.12 -24.42
C PRO A 326 44.04 -15.45 -24.49
N PHE A 327 42.99 -16.05 -23.94
CA PHE A 327 41.69 -15.38 -23.94
C PHE A 327 41.66 -14.27 -22.91
N LEU A 328 42.21 -14.51 -21.72
CA LEU A 328 42.27 -13.47 -20.71
C LEU A 328 43.17 -12.32 -21.17
N GLY A 329 44.27 -12.64 -21.83
CA GLY A 329 45.17 -11.59 -22.30
C GLY A 329 44.50 -10.61 -23.24
N ILE A 330 43.73 -11.11 -24.19
CA ILE A 330 43.02 -10.23 -25.09
C ILE A 330 41.84 -9.54 -24.39
N ALA A 331 41.16 -10.27 -23.49
CA ALA A 331 39.97 -9.70 -22.85
C ALA A 331 40.31 -8.48 -22.00
N TYR A 332 41.41 -8.53 -21.26
CA TYR A 332 41.81 -7.38 -20.46
C TYR A 332 42.20 -6.19 -21.32
N ILE A 333 42.84 -6.43 -22.46
CA ILE A 333 43.19 -5.33 -23.35
C ILE A 333 41.92 -4.70 -23.93
N ALA A 334 40.93 -5.54 -24.25
CA ALA A 334 39.68 -5.02 -24.80
C ALA A 334 38.84 -4.35 -23.72
N VAL A 335 38.76 -4.95 -22.54
CA VAL A 335 37.99 -4.35 -21.46
C VAL A 335 38.70 -3.12 -20.92
N GLY A 336 40.03 -3.19 -20.81
CA GLY A 336 40.79 -2.06 -20.29
C GLY A 336 40.91 -0.88 -21.23
N SER A 337 40.53 -1.05 -22.49
CA SER A 337 40.51 0.07 -23.43
C SER A 337 39.11 0.64 -23.60
N ILE A 338 38.10 -0.21 -23.69
CA ILE A 338 36.72 0.28 -23.76
C ILE A 338 36.38 1.05 -22.49
N SER A 339 36.80 0.55 -21.33
CA SER A 339 36.59 1.27 -20.10
C SER A 339 37.34 2.61 -20.11
N PHE A 340 38.55 2.62 -20.68
CA PHE A 340 39.29 3.87 -20.81
C PHE A 340 38.58 4.85 -21.73
N LEU A 341 38.07 4.36 -22.86
CA LEU A 341 37.37 5.21 -23.81
C LEU A 341 35.94 5.50 -23.40
N LEU A 342 35.56 5.17 -22.17
CA LEU A 342 34.35 5.69 -21.55
C LEU A 342 34.65 6.83 -20.60
N GLY A 343 35.79 6.79 -19.92
CA GLY A 343 36.21 7.89 -19.07
C GLY A 343 36.56 9.16 -19.83
N VAL A 344 36.65 9.09 -21.15
CA VAL A 344 36.82 10.29 -21.97
C VAL A 344 35.47 10.83 -22.44
N VAL A 345 34.61 9.95 -22.96
CA VAL A 345 33.29 10.40 -23.38
C VAL A 345 32.35 10.66 -22.22
N LEU A 346 32.75 10.36 -20.99
CA LEU A 346 32.05 10.81 -19.79
C LEU A 346 32.71 12.03 -19.19
N LEU A 347 33.69 12.61 -19.87
CA LEU A 347 34.30 13.88 -19.47
C LEU A 347 34.01 15.00 -20.45
N VAL A 348 33.77 14.69 -21.72
CA VAL A 348 33.30 15.71 -22.65
C VAL A 348 31.81 15.93 -22.56
N ILE A 349 31.09 15.07 -21.83
CA ILE A 349 29.67 15.24 -21.60
C ILE A 349 29.39 15.88 -20.24
N ASN A 350 30.10 15.43 -19.21
CA ASN A 350 29.95 16.05 -17.89
C ASN A 350 30.32 17.52 -17.93
N HIS A 351 31.42 17.85 -18.59
CA HIS A 351 31.82 19.25 -18.73
C HIS A 351 30.79 20.05 -19.51
N LYS A 352 30.25 19.46 -20.58
CA LYS A 352 29.31 20.19 -21.43
C LYS A 352 27.97 20.41 -20.74
N TYR A 353 27.49 19.41 -20.00
CA TYR A 353 26.13 19.42 -19.45
C TYR A 353 26.06 19.85 -18.00
N ARG A 354 27.15 20.33 -17.41
CA ARG A 354 27.12 20.80 -16.03
C ARG A 354 27.03 22.32 -16.00
N ASN A 355 26.30 22.82 -15.00
CA ASN A 355 25.93 24.23 -14.91
C ASN A 355 25.16 24.67 -16.15
N SER A 356 24.35 23.76 -16.67
CA SER A 356 23.59 23.97 -17.90
C SER A 356 22.31 23.14 -17.80
N SER A 357 21.66 22.94 -18.95
CA SER A 357 20.46 22.11 -19.03
C SER A 357 20.63 20.75 -18.36
N SER B 58 -42.24 20.67 -7.59
CA SER B 58 -41.38 20.02 -6.60
C SER B 58 -39.91 20.19 -6.94
N GLN B 59 -39.40 21.43 -6.79
CA GLN B 59 -38.02 21.78 -7.02
C GLN B 59 -37.15 21.25 -5.87
N PRO B 60 -35.86 20.97 -6.13
CA PRO B 60 -34.95 20.55 -5.05
C PRO B 60 -34.97 21.49 -3.86
N ASN B 61 -35.29 20.93 -2.69
CA ASN B 61 -35.51 21.73 -1.49
C ASN B 61 -34.22 22.26 -0.88
N ASP B 62 -33.09 21.62 -1.17
CA ASP B 62 -31.74 21.95 -0.71
C ASP B 62 -31.66 22.40 0.75
N GLU B 63 -32.53 21.81 1.60
CA GLU B 63 -32.43 21.98 3.04
C GLU B 63 -32.76 20.70 3.80
N VAL B 64 -32.87 19.55 3.13
CA VAL B 64 -33.68 18.46 3.66
C VAL B 64 -32.88 17.17 3.83
N VAL B 65 -31.69 17.08 3.24
CA VAL B 65 -30.89 15.86 3.27
C VAL B 65 -31.74 14.72 2.70
N PRO B 66 -31.85 14.58 1.39
CA PRO B 66 -32.87 13.70 0.81
C PRO B 66 -32.65 12.24 1.13
N TYR B 67 -33.05 11.83 2.33
CA TYR B 67 -32.91 10.44 2.75
C TYR B 67 -33.79 9.49 1.95
N SER B 68 -34.74 10.00 1.18
CA SER B 68 -35.51 9.17 0.26
C SER B 68 -34.66 8.87 -0.96
N ASP B 69 -35.29 8.32 -2.00
CA ASP B 69 -34.63 7.89 -3.23
C ASP B 69 -33.29 7.22 -2.96
N ASP B 70 -33.31 6.30 -2.00
CA ASP B 70 -32.13 5.50 -1.68
C ASP B 70 -32.44 4.01 -1.80
N GLU B 104 -45.68 -0.33 8.40
CA GLU B 104 -46.38 -1.29 9.25
C GLU B 104 -46.27 -2.70 8.69
N CYS B 105 -45.18 -3.39 9.04
CA CYS B 105 -44.93 -4.75 8.58
C CYS B 105 -44.75 -5.71 9.76
N THR B 106 -45.38 -5.39 10.89
CA THR B 106 -45.48 -6.28 12.05
C THR B 106 -44.10 -6.69 12.58
N TRP B 107 -43.37 -5.68 13.07
CA TRP B 107 -42.15 -5.98 13.81
C TRP B 107 -42.47 -6.61 15.16
N GLN B 108 -43.51 -6.12 15.83
CA GLN B 108 -44.08 -6.77 17.02
C GLN B 108 -43.06 -6.90 18.15
N VAL B 109 -42.69 -5.76 18.74
CA VAL B 109 -41.70 -5.78 19.87
C VAL B 109 -42.37 -6.42 21.09
N LYS B 110 -43.58 -5.96 21.41
CA LYS B 110 -44.41 -6.50 22.53
C LYS B 110 -43.69 -6.37 23.88
N ALA B 111 -43.68 -5.15 24.44
CA ALA B 111 -43.09 -4.76 25.76
C ALA B 111 -41.93 -5.66 26.18
N ASN B 112 -42.06 -6.33 27.33
CA ASN B 112 -41.03 -7.25 27.86
C ASN B 112 -41.14 -8.59 27.12
N ASP B 113 -41.79 -9.59 27.72
CA ASP B 113 -41.98 -10.88 27.05
C ASP B 113 -40.70 -11.47 26.45
N ARG B 114 -39.68 -11.69 27.28
CA ARG B 114 -38.36 -12.08 26.76
C ARG B 114 -38.37 -13.45 26.09
N LYS B 115 -39.53 -14.11 26.06
CA LYS B 115 -39.67 -15.37 25.34
C LYS B 115 -40.74 -15.32 24.26
N TYR B 116 -41.39 -14.17 24.07
CA TYR B 116 -42.33 -14.04 22.96
C TYR B 116 -41.60 -14.07 21.62
N HIS B 117 -40.39 -13.52 21.58
CA HIS B 117 -39.62 -13.44 20.36
C HIS B 117 -38.86 -14.72 20.03
N GLU B 118 -38.91 -15.72 20.92
CA GLU B 118 -38.24 -16.99 20.70
C GLU B 118 -39.15 -18.05 20.11
N GLN B 119 -40.35 -17.67 19.67
CA GLN B 119 -41.26 -18.63 19.09
C GLN B 119 -40.75 -19.09 17.72
N PRO B 120 -41.03 -20.34 17.34
CA PRO B 120 -40.48 -20.87 16.08
C PRO B 120 -41.10 -20.28 14.83
N HIS B 121 -42.20 -19.55 14.94
CA HIS B 121 -42.81 -18.92 13.76
C HIS B 121 -42.17 -17.60 13.41
N PHE B 122 -41.13 -17.18 14.16
CA PHE B 122 -40.33 -16.02 13.82
C PHE B 122 -38.94 -16.38 13.32
N MET B 123 -38.37 -17.49 13.79
CA MET B 123 -36.98 -17.80 13.53
C MET B 123 -36.76 -18.22 12.07
N ASN B 124 -35.51 -18.17 11.66
CA ASN B 124 -35.07 -18.70 10.38
C ASN B 124 -34.21 -19.93 10.60
N THR B 125 -34.47 -20.98 9.82
CA THR B 125 -33.77 -22.25 9.95
C THR B 125 -32.79 -22.39 8.79
N LYS B 126 -31.60 -22.91 9.11
CA LYS B 126 -30.55 -23.11 8.12
C LYS B 126 -30.19 -24.59 8.01
N PHE B 127 -29.19 -24.85 7.18
CA PHE B 127 -28.90 -26.21 6.73
C PHE B 127 -28.59 -27.16 7.89
N LEU B 128 -27.75 -26.72 8.82
CA LEU B 128 -27.35 -27.55 9.94
C LEU B 128 -28.14 -27.16 11.19
N CYS B 129 -27.80 -27.77 12.32
CA CYS B 129 -28.56 -27.59 13.57
C CYS B 129 -28.43 -26.20 14.16
N ILE B 130 -27.51 -25.37 13.67
CA ILE B 130 -27.35 -24.01 14.18
C ILE B 130 -28.26 -23.11 13.37
N LYS B 131 -29.18 -22.42 14.05
CA LYS B 131 -30.18 -21.58 13.41
C LYS B 131 -30.24 -20.22 14.10
N GLU B 132 -30.52 -19.19 13.32
CA GLU B 132 -30.62 -17.83 13.82
C GLU B 132 -32.07 -17.47 14.09
N SER B 133 -32.33 -16.20 14.38
CA SER B 133 -33.68 -15.69 14.59
C SER B 133 -33.89 -14.45 13.73
N LYS B 134 -35.14 -14.00 13.68
CA LYS B 134 -35.46 -12.79 12.91
C LYS B 134 -35.00 -11.54 13.64
N TYR B 135 -35.05 -11.55 14.97
CA TYR B 135 -34.66 -10.40 15.78
C TYR B 135 -33.18 -10.51 16.13
N ALA B 136 -32.39 -9.53 15.70
CA ALA B 136 -30.95 -9.58 15.90
C ALA B 136 -30.58 -9.15 17.32
N ASN B 137 -29.41 -9.61 17.76
CA ASN B 137 -28.85 -9.20 19.04
C ASN B 137 -28.21 -7.82 18.89
N ASN B 138 -27.74 -7.27 20.01
CA ASN B 138 -27.16 -5.93 20.04
C ASN B 138 -25.64 -5.96 20.12
N ALA B 139 -25.00 -6.90 19.43
CA ALA B 139 -23.55 -6.99 19.41
C ALA B 139 -23.01 -6.47 18.08
N ILE B 140 -21.76 -6.02 18.11
CA ILE B 140 -21.09 -5.45 16.95
C ILE B 140 -19.92 -6.35 16.57
N LYS B 141 -19.85 -6.71 15.29
CA LYS B 141 -18.80 -7.57 14.77
C LYS B 141 -18.13 -6.87 13.61
N THR B 142 -16.86 -6.47 13.80
CA THR B 142 -16.08 -5.89 12.72
C THR B 142 -14.91 -6.76 12.27
N TYR B 143 -14.63 -7.84 12.99
CA TYR B 143 -13.57 -8.75 12.56
C TYR B 143 -14.02 -9.56 11.35
N LYS B 144 -13.11 -10.39 10.84
CA LYS B 144 -13.36 -11.16 9.64
C LYS B 144 -13.36 -12.67 9.85
N TYR B 145 -12.52 -13.18 10.76
CA TYR B 145 -12.36 -14.61 10.99
C TYR B 145 -12.81 -14.89 12.41
N ASN B 146 -13.94 -15.59 12.57
CA ASN B 146 -14.51 -15.70 13.91
C ASN B 146 -13.87 -16.81 14.73
N ALA B 147 -14.17 -18.07 14.38
CA ALA B 147 -13.57 -19.19 15.09
C ALA B 147 -12.94 -20.20 14.14
N PHE B 148 -13.71 -20.60 13.12
CA PHE B 148 -13.37 -21.77 12.32
C PHE B 148 -13.59 -21.54 10.83
N THR B 149 -13.98 -20.34 10.42
CA THR B 149 -13.94 -19.96 9.02
C THR B 149 -12.59 -19.33 8.66
N PHE B 150 -11.65 -19.33 9.60
CA PHE B 150 -10.36 -18.70 9.36
C PHE B 150 -9.55 -19.43 8.31
N ILE B 151 -9.58 -20.76 8.31
CA ILE B 151 -8.75 -21.52 7.37
C ILE B 151 -9.32 -21.47 5.96
N PRO B 152 -10.59 -21.83 5.72
CA PRO B 152 -11.09 -21.81 4.34
C PRO B 152 -11.09 -20.41 3.73
N MET B 153 -11.37 -19.39 4.53
CA MET B 153 -11.47 -18.04 3.98
C MET B 153 -10.09 -17.43 3.75
N ASN B 154 -9.14 -17.67 4.63
CA ASN B 154 -7.83 -17.04 4.48
C ASN B 154 -7.04 -17.66 3.34
N LEU B 155 -7.20 -18.97 3.10
CA LEU B 155 -6.58 -19.58 1.93
C LEU B 155 -7.16 -19.01 0.64
N PHE B 156 -8.45 -18.67 0.64
CA PHE B 156 -9.07 -18.12 -0.55
C PHE B 156 -8.44 -16.79 -0.95
N GLU B 157 -8.19 -15.91 0.02
CA GLU B 157 -7.51 -14.66 -0.26
C GLU B 157 -6.00 -14.78 -0.19
N GLN B 158 -5.48 -15.94 0.22
CA GLN B 158 -4.07 -16.24 0.04
C GLN B 158 -3.77 -16.58 -1.41
N PHE B 159 -4.66 -17.34 -2.05
CA PHE B 159 -4.51 -17.78 -3.42
C PHE B 159 -5.08 -16.78 -4.42
N LYS B 160 -5.33 -15.55 -4.00
CA LYS B 160 -5.68 -14.47 -4.92
C LYS B 160 -4.46 -13.87 -5.59
N ARG B 161 -3.26 -14.29 -5.21
CA ARG B 161 -2.02 -13.85 -5.82
C ARG B 161 -1.58 -14.90 -6.82
N ALA B 162 -1.18 -14.44 -8.01
CA ALA B 162 -0.88 -15.37 -9.10
C ALA B 162 0.28 -16.29 -8.77
N ALA B 163 1.17 -15.87 -7.87
CA ALA B 163 2.35 -16.66 -7.58
C ALA B 163 2.03 -17.88 -6.74
N ASN B 164 0.98 -17.82 -5.91
CA ASN B 164 0.65 -18.97 -5.07
C ASN B 164 0.05 -20.11 -5.89
N LEU B 165 -0.43 -19.82 -7.09
CA LEU B 165 -0.76 -20.88 -8.03
C LEU B 165 0.50 -21.40 -8.71
N TYR B 166 1.46 -20.53 -8.97
CA TYR B 166 2.72 -20.92 -9.60
C TYR B 166 3.47 -21.93 -8.75
N PHE B 167 3.47 -21.74 -7.43
CA PHE B 167 4.18 -22.67 -6.55
C PHE B 167 3.42 -23.97 -6.41
N LEU B 168 2.09 -23.89 -6.32
CA LEU B 168 1.28 -25.10 -6.16
C LEU B 168 1.38 -26.00 -7.37
N ALA B 169 1.34 -25.41 -8.57
CA ALA B 169 1.41 -26.22 -9.79
C ALA B 169 2.70 -27.03 -9.84
N LEU B 170 3.80 -26.45 -9.36
CA LEU B 170 5.06 -27.17 -9.32
C LEU B 170 5.12 -28.16 -8.17
N LEU B 171 4.26 -27.99 -7.15
CA LEU B 171 4.15 -29.01 -6.12
C LEU B 171 3.56 -30.30 -6.69
N ILE B 172 2.58 -30.16 -7.59
CA ILE B 172 2.02 -31.31 -8.27
C ILE B 172 3.01 -31.89 -9.28
N LEU B 173 3.68 -31.01 -10.03
CA LEU B 173 4.59 -31.42 -11.09
C LEU B 173 5.86 -32.06 -10.55
N GLN B 174 6.20 -31.81 -9.30
CA GLN B 174 7.37 -32.42 -8.68
C GLN B 174 7.01 -33.64 -7.85
N ALA B 175 5.77 -34.12 -7.96
CA ALA B 175 5.34 -35.32 -7.27
C ALA B 175 5.07 -36.48 -8.20
N VAL B 176 4.92 -36.23 -9.50
CA VAL B 176 4.88 -37.32 -10.48
C VAL B 176 6.24 -38.00 -10.51
N PRO B 177 6.31 -39.33 -10.47
CA PRO B 177 7.60 -39.98 -10.27
C PRO B 177 8.43 -40.17 -11.53
N GLN B 178 7.80 -40.14 -12.71
CA GLN B 178 8.55 -40.35 -13.94
C GLN B 178 9.57 -39.24 -14.17
N ILE B 179 9.15 -37.98 -14.00
CA ILE B 179 10.08 -36.85 -13.96
C ILE B 179 9.86 -36.15 -12.62
N SER B 180 10.66 -36.52 -11.63
CA SER B 180 10.53 -35.99 -10.28
C SER B 180 11.77 -35.30 -9.77
N THR B 181 12.96 -35.74 -10.20
CA THR B 181 14.27 -35.13 -9.92
C THR B 181 14.46 -34.86 -8.42
N LEU B 182 13.67 -35.51 -7.57
CA LEU B 182 13.66 -35.21 -6.15
C LEU B 182 13.47 -36.47 -5.34
N ALA B 183 14.08 -36.49 -4.15
CA ALA B 183 13.85 -37.50 -3.13
C ALA B 183 12.56 -37.18 -2.38
N TRP B 184 12.41 -37.73 -1.17
CA TRP B 184 11.24 -37.52 -0.33
C TRP B 184 10.83 -36.05 -0.31
N TYR B 185 9.55 -35.78 -0.04
CA TYR B 185 8.95 -34.49 -0.35
C TYR B 185 9.50 -33.37 0.52
N THR B 186 10.51 -32.68 -0.01
CA THR B 186 11.07 -31.48 0.59
C THR B 186 10.67 -30.23 -0.17
N THR B 187 9.72 -30.35 -1.09
CA THR B 187 9.21 -29.21 -1.86
C THR B 187 7.80 -28.83 -1.45
N LEU B 188 7.36 -29.28 -0.28
CA LEU B 188 6.05 -28.94 0.27
C LEU B 188 6.14 -28.22 1.60
N VAL B 189 7.04 -28.63 2.48
CA VAL B 189 7.24 -27.89 3.74
C VAL B 189 7.61 -26.44 3.50
N PRO B 190 8.51 -26.09 2.57
CA PRO B 190 8.72 -24.66 2.29
C PRO B 190 7.47 -23.92 1.87
N LEU B 191 6.60 -24.54 1.08
CA LEU B 191 5.36 -23.88 0.67
C LEU B 191 4.43 -23.68 1.86
N LEU B 192 4.35 -24.67 2.75
CA LEU B 192 3.49 -24.53 3.92
C LEU B 192 3.96 -23.42 4.84
N VAL B 193 5.26 -23.28 5.03
CA VAL B 193 5.79 -22.24 5.90
C VAL B 193 5.54 -20.86 5.32
N VAL B 194 5.60 -20.72 4.00
CA VAL B 194 5.25 -19.45 3.37
C VAL B 194 3.79 -19.11 3.62
N LEU B 195 2.90 -20.09 3.45
CA LEU B 195 1.50 -19.88 3.80
C LEU B 195 1.28 -19.74 5.29
N GLY B 196 2.23 -20.19 6.11
CA GLY B 196 2.15 -20.08 7.55
C GLY B 196 2.75 -18.83 8.14
N VAL B 197 3.17 -17.88 7.29
CA VAL B 197 3.64 -16.58 7.74
C VAL B 197 2.67 -15.48 7.39
N THR B 198 2.11 -15.51 6.18
CA THR B 198 1.11 -14.53 5.80
C THR B 198 -0.21 -14.76 6.52
N ALA B 199 -0.49 -15.98 6.94
CA ALA B 199 -1.70 -16.25 7.71
C ALA B 199 -1.58 -15.81 9.17
N ILE B 200 -0.37 -15.87 9.74
CA ILE B 200 -0.18 -15.42 11.11
C ILE B 200 0.04 -13.92 11.19
N LYS B 201 0.54 -13.28 10.14
CA LYS B 201 0.58 -11.82 10.11
C LYS B 201 -0.81 -11.25 9.86
N ASP B 202 -1.68 -12.00 9.21
CA ASP B 202 -3.06 -11.58 8.97
C ASP B 202 -4.02 -12.00 10.07
N LEU B 203 -3.51 -12.61 11.14
CA LEU B 203 -4.30 -12.90 12.32
C LEU B 203 -3.87 -12.11 13.55
N VAL B 204 -2.58 -11.76 13.65
CA VAL B 204 -2.18 -10.76 14.64
C VAL B 204 -2.88 -9.44 14.36
N ASP B 205 -3.06 -9.12 13.08
CA ASP B 205 -3.75 -7.90 12.69
C ASP B 205 -5.24 -7.96 13.01
N ASP B 206 -5.85 -9.14 12.89
CA ASP B 206 -7.28 -9.31 13.08
C ASP B 206 -7.66 -9.66 14.51
N VAL B 207 -6.70 -9.68 15.42
CA VAL B 207 -7.00 -9.79 16.84
C VAL B 207 -7.12 -8.42 17.49
N ALA B 208 -6.26 -7.48 17.11
CA ALA B 208 -6.41 -6.11 17.55
C ALA B 208 -7.76 -5.53 17.16
N ARG B 209 -8.26 -5.90 15.98
CA ARG B 209 -9.61 -5.56 15.58
C ARG B 209 -10.66 -6.35 16.33
N HIS B 210 -10.32 -7.55 16.79
CA HIS B 210 -11.19 -8.33 17.67
C HIS B 210 -11.18 -7.81 19.10
N LYS B 211 -10.23 -6.94 19.43
CA LYS B 211 -10.14 -6.30 20.73
C LYS B 211 -10.80 -4.94 20.76
N MET B 212 -10.83 -4.23 19.64
CA MET B 212 -11.46 -2.93 19.57
C MET B 212 -12.97 -3.03 19.77
N ASP B 213 -13.60 -4.12 19.29
CA ASP B 213 -15.02 -4.32 19.51
C ASP B 213 -15.36 -4.59 20.97
N LYS B 214 -14.39 -5.05 21.76
CA LYS B 214 -14.62 -5.27 23.19
C LYS B 214 -14.83 -3.97 23.95
N GLU B 215 -14.41 -2.83 23.39
CA GLU B 215 -14.52 -1.56 24.08
C GLU B 215 -15.86 -0.86 23.82
N ILE B 216 -16.68 -1.40 22.93
CA ILE B 216 -18.06 -0.93 22.77
C ILE B 216 -19.06 -1.81 23.50
N ASN B 217 -18.94 -3.13 23.42
CA ASN B 217 -19.93 -4.04 23.96
C ASN B 217 -19.84 -4.16 25.47
N ASN B 218 -19.13 -3.26 26.14
CA ASN B 218 -18.98 -3.26 27.58
C ASN B 218 -19.20 -1.87 28.15
N ARG B 219 -20.30 -1.23 27.74
CA ARG B 219 -20.54 0.16 28.10
C ARG B 219 -21.58 0.35 29.20
N THR B 220 -22.23 -0.73 29.65
CA THR B 220 -22.97 -0.77 30.92
C THR B 220 -24.04 0.33 31.02
N CYS B 221 -25.06 0.20 30.18
CA CYS B 221 -26.26 1.02 30.31
C CYS B 221 -27.37 0.20 30.97
N GLU B 222 -28.05 0.83 31.94
CA GLU B 222 -28.95 0.10 32.83
C GLU B 222 -30.12 -0.52 32.06
N VAL B 223 -30.51 -1.72 32.48
CA VAL B 223 -31.65 -2.44 31.92
C VAL B 223 -32.47 -2.97 33.10
N ILE B 224 -33.76 -3.15 32.87
CA ILE B 224 -34.66 -3.71 33.87
C ILE B 224 -34.73 -5.21 33.62
N LYS B 225 -34.34 -6.00 34.62
CA LYS B 225 -34.33 -7.45 34.44
C LYS B 225 -35.70 -8.06 34.72
N ASP B 226 -36.10 -8.05 35.97
CA ASP B 226 -37.44 -8.44 36.40
C ASP B 226 -38.07 -7.45 37.36
N GLY B 227 -37.29 -6.86 38.25
CA GLY B 227 -37.78 -5.92 39.24
C GLY B 227 -37.30 -4.51 39.00
N ARG B 228 -36.25 -4.13 39.71
CA ARG B 228 -35.69 -2.78 39.63
C ARG B 228 -34.76 -2.67 38.43
N PHE B 229 -34.01 -1.57 38.36
CA PHE B 229 -33.01 -1.38 37.32
C PHE B 229 -31.68 -1.96 37.77
N LYS B 230 -31.01 -2.67 36.87
CA LYS B 230 -29.70 -3.24 37.15
C LYS B 230 -28.76 -2.99 35.98
N VAL B 231 -27.46 -2.92 36.28
CA VAL B 231 -26.46 -2.68 35.25
C VAL B 231 -26.38 -3.87 34.31
N ALA B 232 -26.08 -3.59 33.04
CA ALA B 232 -25.94 -4.63 32.03
C ALA B 232 -25.24 -4.05 30.81
N LYS B 233 -24.37 -4.86 30.21
CA LYS B 233 -23.58 -4.41 29.08
C LYS B 233 -24.44 -4.25 27.83
N TRP B 234 -23.88 -3.58 26.82
CA TRP B 234 -24.62 -3.37 25.58
C TRP B 234 -24.92 -4.68 24.87
N LYS B 235 -24.04 -5.67 24.99
CA LYS B 235 -24.18 -6.88 24.19
C LYS B 235 -25.35 -7.74 24.64
N GLU B 236 -25.75 -7.65 25.91
CA GLU B 236 -26.83 -8.46 26.44
C GLU B 236 -28.16 -7.70 26.47
N ILE B 237 -28.38 -6.81 25.53
CA ILE B 237 -29.65 -6.11 25.36
C ILE B 237 -30.36 -6.69 24.16
N GLN B 238 -31.65 -6.96 24.31
CA GLN B 238 -32.44 -7.59 23.27
C GLN B 238 -33.70 -6.78 23.00
N VAL B 239 -34.34 -7.06 21.87
CA VAL B 239 -35.54 -6.32 21.49
C VAL B 239 -36.60 -6.46 22.57
N GLY B 240 -37.18 -5.33 22.96
CA GLY B 240 -38.20 -5.35 23.99
C GLY B 240 -37.66 -5.26 25.40
N ASP B 241 -36.93 -4.18 25.71
CA ASP B 241 -36.41 -3.94 27.04
C ASP B 241 -36.67 -2.49 27.42
N VAL B 242 -36.85 -2.24 28.70
CA VAL B 242 -37.08 -0.90 29.23
C VAL B 242 -35.79 -0.45 29.89
N ILE B 243 -35.05 0.43 29.23
CA ILE B 243 -33.72 0.82 29.68
C ILE B 243 -33.75 2.26 30.15
N ARG B 244 -32.81 2.60 31.04
CA ARG B 244 -32.68 3.94 31.59
C ARG B 244 -31.32 4.53 31.19
N LEU B 245 -31.34 5.80 30.80
CA LEU B 245 -30.13 6.50 30.38
C LEU B 245 -29.93 7.73 31.23
N LYS B 246 -28.69 8.22 31.27
CA LYS B 246 -28.33 9.42 32.02
C LYS B 246 -27.82 10.49 31.06
N LYS B 247 -27.53 11.66 31.60
CA LYS B 247 -27.06 12.76 30.77
C LYS B 247 -25.65 12.50 30.26
N ASN B 248 -25.35 13.07 29.09
CA ASN B 248 -24.05 12.92 28.43
C ASN B 248 -23.72 11.47 28.10
N ASP B 249 -24.73 10.60 28.08
CA ASP B 249 -24.55 9.19 27.78
C ASP B 249 -24.93 8.91 26.33
N PHE B 250 -24.41 7.80 25.82
CA PHE B 250 -24.68 7.38 24.45
C PHE B 250 -25.90 6.47 24.42
N VAL B 251 -26.71 6.62 23.37
CA VAL B 251 -27.87 5.76 23.21
C VAL B 251 -27.41 4.40 22.68
N PRO B 252 -27.79 3.29 23.31
CA PRO B 252 -27.24 1.99 22.92
C PRO B 252 -27.98 1.34 21.76
N ALA B 253 -29.25 1.67 21.56
CA ALA B 253 -30.04 1.08 20.48
C ALA B 253 -31.18 2.04 20.18
N ASP B 254 -31.96 1.71 19.15
CA ASP B 254 -33.09 2.55 18.77
C ASP B 254 -34.19 2.45 19.81
N ILE B 255 -34.30 3.44 20.70
CA ILE B 255 -35.27 3.38 21.78
C ILE B 255 -36.45 4.28 21.45
N LEU B 256 -37.62 3.89 21.93
CA LEU B 256 -38.82 4.72 21.88
C LEU B 256 -38.96 5.41 23.22
N LEU B 257 -38.77 6.72 23.24
CA LEU B 257 -38.84 7.47 24.48
C LEU B 257 -40.25 7.43 25.04
N LEU B 258 -40.38 7.13 26.32
CA LEU B 258 -41.68 7.03 26.95
C LEU B 258 -41.77 7.67 28.33
N SER B 259 -40.70 8.30 28.81
CA SER B 259 -40.70 9.02 30.07
C SER B 259 -39.35 9.71 30.22
N SER B 260 -39.30 10.70 31.09
CA SER B 260 -38.05 11.41 31.36
C SER B 260 -38.23 12.22 32.63
N SER B 261 -37.18 12.94 33.00
CA SER B 261 -37.17 13.78 34.20
C SER B 261 -37.48 15.24 33.91
N GLU B 262 -37.61 15.61 32.65
CA GLU B 262 -37.89 16.98 32.27
C GLU B 262 -39.40 17.23 32.21
N PRO B 263 -39.83 18.48 32.35
CA PRO B 263 -41.27 18.77 32.31
C PRO B 263 -41.87 18.29 30.99
N ASN B 264 -43.05 17.68 31.08
CA ASN B 264 -43.76 17.07 29.96
C ASN B 264 -42.98 15.95 29.30
N SER B 265 -41.86 15.53 29.90
CA SER B 265 -41.06 14.38 29.43
C SER B 265 -40.60 14.57 27.99
N LEU B 266 -39.77 15.58 27.76
CA LEU B 266 -39.09 15.71 26.49
C LEU B 266 -37.59 15.72 26.73
N CYS B 267 -36.87 15.07 25.82
CA CYS B 267 -35.43 14.90 25.91
C CYS B 267 -34.74 15.64 24.76
N TYR B 268 -33.61 16.26 25.07
CA TYR B 268 -32.79 16.93 24.07
C TYR B 268 -31.64 16.01 23.67
N VAL B 269 -31.31 16.00 22.39
CA VAL B 269 -30.30 15.11 21.86
C VAL B 269 -29.58 15.79 20.71
N GLU B 270 -28.28 15.52 20.58
CA GLU B 270 -27.49 16.02 19.47
C GLU B 270 -27.05 14.87 18.59
N THR B 271 -26.96 15.14 17.28
CA THR B 271 -26.71 14.12 16.29
C THR B 271 -25.47 14.44 15.48
N ALA B 272 -24.40 14.89 16.15
CA ALA B 272 -23.18 15.25 15.45
C ALA B 272 -22.53 14.05 14.77
N GLU B 273 -22.84 12.83 15.21
CA GLU B 273 -22.26 11.64 14.61
C GLU B 273 -23.14 11.05 13.52
N LEU B 274 -24.43 11.40 13.47
CA LEU B 274 -25.32 10.87 12.45
C LEU B 274 -25.35 11.71 11.18
N ASP B 275 -25.54 13.02 11.30
CA ASP B 275 -25.65 13.84 10.11
C ASP B 275 -24.92 15.17 10.25
N GLY B 276 -23.86 15.21 11.05
CA GLY B 276 -22.95 16.33 11.03
C GLY B 276 -23.47 17.62 11.61
N GLU B 277 -24.68 17.65 12.14
CA GLU B 277 -25.24 18.89 12.68
C GLU B 277 -24.78 19.11 14.12
N THR B 278 -24.63 20.38 14.47
CA THR B 278 -24.15 20.75 15.80
C THR B 278 -25.23 21.31 16.72
N ASN B 279 -26.46 21.43 16.25
CA ASN B 279 -27.55 21.95 17.05
C ASN B 279 -28.30 20.83 17.74
N LEU B 280 -28.95 21.16 18.86
CA LEU B 280 -29.71 20.18 19.60
C LEU B 280 -31.11 20.03 19.02
N LYS B 281 -31.68 18.85 19.19
CA LYS B 281 -33.00 18.54 18.65
C LYS B 281 -33.82 17.85 19.72
N PHE B 282 -34.89 18.48 20.16
CA PHE B 282 -35.71 17.96 21.26
C PHE B 282 -36.59 16.82 20.76
N LYS B 283 -36.76 15.82 21.60
CA LYS B 283 -37.63 14.68 21.32
C LYS B 283 -38.72 14.67 22.38
N MET B 284 -39.98 14.68 21.93
CA MET B 284 -41.13 14.75 22.83
C MET B 284 -41.81 13.39 22.90
N SER B 285 -41.97 12.87 24.11
CA SER B 285 -42.56 11.56 24.32
C SER B 285 -44.05 11.59 23.99
N LEU B 286 -44.68 10.42 24.09
CA LEU B 286 -46.10 10.28 23.84
C LEU B 286 -46.90 10.92 24.97
N GLU B 287 -48.14 11.27 24.67
CA GLU B 287 -49.01 11.94 25.63
C GLU B 287 -49.58 11.02 26.69
N ILE B 288 -49.67 9.72 26.42
CA ILE B 288 -50.27 8.80 27.38
C ILE B 288 -49.23 8.12 28.28
N THR B 289 -48.03 7.87 27.76
CA THR B 289 -47.01 7.18 28.54
C THR B 289 -46.38 8.08 29.59
N ASP B 290 -46.28 9.38 29.30
CA ASP B 290 -45.63 10.30 30.25
C ASP B 290 -46.39 10.37 31.56
N GLN B 291 -47.71 10.47 31.50
CA GLN B 291 -48.51 10.71 32.69
C GLN B 291 -48.82 9.46 33.48
N TYR B 292 -48.51 8.27 32.97
CA TYR B 292 -48.80 7.04 33.68
C TYR B 292 -47.58 6.28 34.15
N LEU B 293 -46.54 6.14 33.33
CA LEU B 293 -45.43 5.32 33.80
C LEU B 293 -44.52 6.12 34.73
N GLN B 294 -43.70 7.01 34.16
CA GLN B 294 -43.06 8.10 34.90
C GLN B 294 -42.27 7.61 36.13
N ARG B 295 -42.17 6.30 36.32
CA ARG B 295 -41.73 5.74 37.59
C ARG B 295 -41.16 4.35 37.36
N GLU B 296 -40.12 4.01 38.12
CA GLU B 296 -39.52 2.68 37.99
C GLU B 296 -40.47 1.58 38.43
N ASP B 297 -41.23 1.80 39.51
CA ASP B 297 -42.04 0.73 40.09
C ASP B 297 -43.11 0.25 39.12
N THR B 298 -43.71 1.15 38.36
CA THR B 298 -44.73 0.79 37.39
C THR B 298 -44.17 0.68 35.97
N LEU B 299 -42.85 0.81 35.80
CA LEU B 299 -42.23 0.49 34.52
C LEU B 299 -41.96 -1.00 34.37
N ALA B 300 -41.82 -1.73 35.49
CA ALA B 300 -41.65 -3.17 35.44
C ALA B 300 -42.90 -3.87 34.94
N THR B 301 -44.04 -3.18 34.93
CA THR B 301 -45.29 -3.73 34.41
C THR B 301 -45.68 -2.87 33.21
N PHE B 302 -45.47 -3.41 32.01
CA PHE B 302 -45.76 -2.68 30.77
C PHE B 302 -46.06 -3.71 29.70
N ASP B 303 -47.35 -3.90 29.42
CA ASP B 303 -47.79 -4.84 28.39
C ASP B 303 -47.96 -4.15 27.04
N GLY B 304 -46.91 -3.48 26.58
CA GLY B 304 -46.98 -2.72 25.35
C GLY B 304 -46.95 -3.59 24.11
N PHE B 305 -47.15 -2.94 22.97
CA PHE B 305 -47.14 -3.60 21.67
C PHE B 305 -46.85 -2.57 20.59
N ILE B 306 -45.98 -2.95 19.67
CA ILE B 306 -45.58 -2.09 18.56
C ILE B 306 -45.81 -2.86 17.26
N GLU B 307 -46.21 -2.15 16.22
CA GLU B 307 -46.35 -2.73 14.89
C GLU B 307 -45.63 -1.89 13.85
N CYS B 308 -44.41 -1.48 14.19
CA CYS B 308 -43.65 -0.55 13.37
C CYS B 308 -43.23 -1.21 12.06
N GLU B 309 -42.52 -0.43 11.24
CA GLU B 309 -42.03 -0.91 9.95
C GLU B 309 -40.75 -1.72 10.12
N GLU B 310 -40.09 -1.99 9.02
CA GLU B 310 -38.89 -2.82 8.99
C GLU B 310 -37.64 -1.97 8.92
N PRO B 311 -36.49 -2.52 9.37
CA PRO B 311 -35.24 -1.76 9.27
C PRO B 311 -34.95 -1.28 7.86
N ASN B 312 -34.95 0.03 7.64
CA ASN B 312 -34.90 0.54 6.27
C ASN B 312 -34.00 1.76 6.08
N ASN B 313 -32.97 1.93 6.92
CA ASN B 313 -31.96 2.99 6.82
C ASN B 313 -32.54 4.33 6.32
N ARG B 314 -33.67 4.71 6.91
CA ARG B 314 -34.39 5.91 6.49
C ARG B 314 -34.08 7.12 7.38
N LEU B 315 -33.98 6.91 8.69
CA LEU B 315 -33.51 7.90 9.66
C LEU B 315 -34.50 9.03 9.92
N ASP B 316 -35.61 9.10 9.17
CA ASP B 316 -36.54 10.20 9.44
C ASP B 316 -38.02 9.85 9.25
N LYS B 317 -38.40 8.58 9.15
CA LYS B 317 -39.80 8.27 8.84
C LYS B 317 -40.52 7.55 9.98
N PHE B 318 -40.11 6.33 10.34
CA PHE B 318 -40.74 5.55 11.40
C PHE B 318 -42.26 5.58 11.42
N THR B 319 -42.93 4.99 10.44
CA THR B 319 -44.37 4.84 10.51
C THR B 319 -44.72 3.61 11.33
N GLY B 320 -45.47 3.80 12.41
CA GLY B 320 -45.84 2.70 13.28
C GLY B 320 -46.74 3.17 14.40
N THR B 321 -47.36 2.19 15.07
CA THR B 321 -48.34 2.46 16.12
C THR B 321 -47.99 1.68 17.38
N LEU B 322 -48.46 2.19 18.52
CA LEU B 322 -48.26 1.56 19.83
C LEU B 322 -49.60 1.01 20.32
N PHE B 323 -49.70 -0.32 20.42
CA PHE B 323 -50.90 -0.98 20.93
C PHE B 323 -50.74 -1.22 22.42
N TRP B 324 -50.86 -0.16 23.21
CA TRP B 324 -50.96 -0.36 24.65
C TRP B 324 -52.24 -1.13 24.99
N ARG B 325 -53.37 -0.48 24.75
CA ARG B 325 -54.67 -1.03 25.11
C ARG B 325 -55.77 -0.15 24.53
N ASN B 326 -56.87 -0.74 24.05
CA ASN B 326 -58.12 -0.01 24.00
C ASN B 326 -58.06 1.28 23.18
N THR B 327 -58.05 1.17 21.85
CA THR B 327 -57.91 2.31 20.93
C THR B 327 -56.53 2.94 20.99
N SER B 328 -55.56 2.22 20.44
CA SER B 328 -54.13 2.56 20.38
C SER B 328 -53.80 3.94 19.82
N PHE B 329 -52.55 4.35 20.04
CA PHE B 329 -51.94 5.62 19.68
C PHE B 329 -50.93 5.43 18.55
N PRO B 330 -50.71 6.44 17.71
CA PRO B 330 -49.70 6.33 16.66
C PRO B 330 -48.37 6.91 17.11
N LEU B 331 -47.33 6.55 16.35
CA LEU B 331 -45.97 7.00 16.62
C LEU B 331 -45.43 7.76 15.42
N ASP B 332 -44.24 8.33 15.59
CA ASP B 332 -43.56 9.06 14.53
C ASP B 332 -42.10 9.21 14.92
N ALA B 333 -41.32 9.75 13.97
CA ALA B 333 -39.89 9.95 14.18
C ALA B 333 -39.59 10.95 15.29
N ASP B 334 -40.58 11.73 15.72
CA ASP B 334 -40.39 12.66 16.83
C ASP B 334 -40.23 11.95 18.17
N LYS B 335 -40.50 10.65 18.24
CA LYS B 335 -40.45 9.90 19.48
C LYS B 335 -39.44 8.76 19.42
N ILE B 336 -38.43 8.86 18.57
CA ILE B 336 -37.45 7.81 18.36
C ILE B 336 -36.05 8.38 18.53
N LEU B 337 -35.24 7.70 19.34
CA LEU B 337 -33.85 8.06 19.57
C LEU B 337 -32.97 6.97 18.98
N LEU B 338 -32.05 7.36 18.08
CA LEU B 338 -31.25 6.40 17.36
C LEU B 338 -29.96 6.09 18.12
N ARG B 339 -29.07 5.31 17.51
CA ARG B 339 -27.96 4.74 18.26
C ARG B 339 -26.83 5.74 18.48
N GLY B 340 -26.29 6.31 17.40
CA GLY B 340 -25.11 7.14 17.55
C GLY B 340 -25.36 8.54 18.07
N CYS B 341 -26.42 8.72 18.86
CA CYS B 341 -26.76 10.01 19.43
C CYS B 341 -26.07 10.17 20.79
N VAL B 342 -26.26 11.34 21.40
CA VAL B 342 -25.79 11.60 22.76
C VAL B 342 -26.87 12.38 23.50
N ILE B 343 -27.31 11.85 24.65
CA ILE B 343 -28.28 12.56 25.46
C ILE B 343 -27.64 13.80 26.07
N ARG B 344 -28.33 14.93 25.97
CA ARG B 344 -27.80 16.19 26.48
C ARG B 344 -28.87 16.96 27.22
N ASN B 345 -28.44 17.73 28.21
CA ASN B 345 -29.27 18.72 28.91
C ASN B 345 -30.48 18.13 29.60
N THR B 346 -30.48 16.83 29.86
CA THR B 346 -31.49 16.17 30.70
C THR B 346 -30.81 15.54 31.90
N ASP B 347 -31.58 14.77 32.66
CA ASP B 347 -31.03 14.03 33.79
C ASP B 347 -31.16 12.53 33.60
N PHE B 348 -32.36 12.03 33.31
CA PHE B 348 -32.52 10.61 33.01
C PHE B 348 -33.81 10.42 32.23
N CYS B 349 -33.77 9.51 31.26
CA CYS B 349 -34.92 9.18 30.44
C CYS B 349 -35.07 7.67 30.34
N HIS B 350 -36.26 7.23 29.95
CA HIS B 350 -36.58 5.82 29.84
C HIS B 350 -37.10 5.52 28.44
N GLY B 351 -36.94 4.28 28.00
CA GLY B 351 -37.43 3.92 26.68
C GLY B 351 -37.49 2.43 26.46
N LEU B 352 -38.35 2.04 25.53
CA LEU B 352 -38.42 0.68 25.02
C LEU B 352 -37.27 0.48 24.03
N VAL B 353 -37.11 -0.72 23.49
CA VAL B 353 -36.10 -0.99 22.49
C VAL B 353 -36.79 -1.55 21.25
N ILE B 354 -36.79 -0.79 20.17
CA ILE B 354 -37.49 -1.18 18.95
C ILE B 354 -36.60 -1.99 18.02
N PHE B 355 -35.40 -1.49 17.75
CA PHE B 355 -34.41 -2.18 16.93
C PHE B 355 -33.16 -2.44 17.77
N ALA B 356 -32.27 -3.29 17.25
CA ALA B 356 -31.09 -3.65 18.00
C ALA B 356 -29.99 -4.09 17.05
N GLY B 357 -28.75 -3.83 17.45
CA GLY B 357 -27.60 -4.34 16.72
C GLY B 357 -27.59 -3.89 15.27
N ALA B 358 -27.51 -4.86 14.36
CA ALA B 358 -27.48 -4.58 12.93
C ALA B 358 -28.85 -4.33 12.35
N ASP B 359 -29.86 -4.10 13.19
CA ASP B 359 -31.18 -3.68 12.73
C ASP B 359 -31.41 -2.19 12.88
N THR B 360 -30.47 -1.47 13.47
CA THR B 360 -30.66 -0.05 13.71
C THR B 360 -30.55 0.74 12.41
N LYS B 361 -31.07 1.96 12.44
CA LYS B 361 -31.17 2.78 11.25
C LYS B 361 -29.87 3.44 10.85
N ILE B 362 -28.81 3.31 11.65
CA ILE B 362 -27.51 3.87 11.30
C ILE B 362 -26.60 2.77 10.80
N MET B 363 -26.80 1.54 11.27
CA MET B 363 -25.98 0.42 10.86
C MET B 363 -26.43 -0.18 9.54
N LYS B 364 -27.60 0.19 9.04
CA LYS B 364 -28.00 -0.19 7.69
C LYS B 364 -27.46 0.76 6.63
N ASN B 365 -26.86 1.87 7.04
CA ASN B 365 -26.25 2.81 6.10
C ASN B 365 -24.77 2.51 5.87
N SER B 366 -24.13 1.81 6.78
CA SER B 366 -22.75 1.37 6.59
C SER B 366 -22.74 -0.11 6.23
N GLY B 367 -22.26 -0.44 5.04
CA GLY B 367 -22.30 -1.83 4.63
C GLY B 367 -21.35 -2.15 3.50
N LYS B 368 -21.35 -3.43 3.14
CA LYS B 368 -20.58 -3.97 2.02
C LYS B 368 -19.09 -3.71 2.18
N THR B 369 -18.53 -4.29 3.23
CA THR B 369 -17.08 -4.32 3.38
C THR B 369 -16.46 -5.24 2.33
N ARG B 370 -15.23 -4.95 1.97
CA ARG B 370 -14.58 -5.68 0.89
C ARG B 370 -13.10 -5.87 1.21
N PHE B 371 -12.45 -6.71 0.40
CA PHE B 371 -11.04 -7.02 0.55
C PHE B 371 -10.24 -6.08 -0.33
N LYS B 372 -9.39 -5.26 0.29
CA LYS B 372 -8.69 -4.19 -0.41
C LYS B 372 -7.29 -4.65 -0.79
N ARG B 373 -6.91 -4.41 -2.04
CA ARG B 373 -5.60 -4.75 -2.56
C ARG B 373 -5.00 -3.54 -3.25
N THR B 374 -3.70 -3.32 -3.04
CA THR B 374 -3.07 -2.10 -3.54
C THR B 374 -2.94 -2.16 -5.05
N LYS B 375 -2.34 -1.12 -5.61
CA LYS B 375 -2.17 -1.00 -7.05
C LYS B 375 -0.91 -1.68 -7.55
N ILE B 376 0.02 -2.02 -6.64
CA ILE B 376 1.17 -2.82 -7.00
C ILE B 376 0.82 -4.30 -6.99
N ASP B 377 -0.17 -4.70 -6.20
CA ASP B 377 -0.57 -6.11 -6.17
C ASP B 377 -1.16 -6.53 -7.51
N TYR B 378 -1.90 -5.64 -8.18
CA TYR B 378 -2.35 -5.93 -9.53
C TYR B 378 -1.20 -5.89 -10.51
N LEU B 379 -0.06 -5.33 -10.13
CA LEU B 379 1.13 -5.35 -10.98
C LEU B 379 1.93 -6.62 -10.77
N MET B 380 2.10 -7.05 -9.51
CA MET B 380 2.82 -8.28 -9.25
C MET B 380 2.07 -9.51 -9.77
N ASN B 381 0.85 -9.31 -10.27
CA ASN B 381 0.14 -10.41 -10.91
C ASN B 381 0.47 -10.48 -12.40
N TYR B 382 0.54 -9.33 -13.07
CA TYR B 382 0.85 -9.34 -14.49
C TYR B 382 2.29 -9.72 -14.74
N MET B 383 3.17 -9.54 -13.74
CA MET B 383 4.54 -9.99 -13.89
C MET B 383 4.62 -11.50 -13.90
N VAL B 384 3.99 -12.14 -12.93
CA VAL B 384 4.02 -13.61 -12.85
C VAL B 384 3.31 -14.22 -14.05
N TYR B 385 2.31 -13.54 -14.60
CA TYR B 385 1.67 -14.04 -15.81
C TYR B 385 2.58 -13.91 -17.02
N THR B 386 3.54 -12.99 -16.97
CA THR B 386 4.50 -12.88 -18.08
C THR B 386 5.68 -13.79 -17.89
N ILE B 387 6.15 -13.95 -16.65
CA ILE B 387 7.23 -14.88 -16.36
C ILE B 387 6.80 -16.31 -16.69
N PHE B 388 5.57 -16.68 -16.34
CA PHE B 388 5.12 -18.04 -16.58
C PHE B 388 4.99 -18.33 -18.09
N VAL B 389 4.65 -17.32 -18.89
CA VAL B 389 4.59 -17.53 -20.33
C VAL B 389 5.98 -17.67 -20.92
N VAL B 390 6.93 -16.86 -20.44
CA VAL B 390 8.31 -16.97 -20.92
C VAL B 390 8.88 -18.34 -20.57
N LEU B 391 8.57 -18.83 -19.37
CA LEU B 391 9.12 -20.12 -18.94
C LEU B 391 8.60 -21.26 -19.78
N ILE B 392 7.36 -21.18 -20.24
CA ILE B 392 6.82 -22.25 -21.08
C ILE B 392 7.50 -22.27 -22.44
N LEU B 393 7.82 -21.09 -22.99
CA LEU B 393 8.48 -21.03 -24.28
C LEU B 393 9.90 -21.56 -24.19
N LEU B 394 10.67 -21.12 -23.20
CA LEU B 394 12.06 -21.55 -23.07
C LEU B 394 12.15 -23.05 -22.83
N SER B 395 11.29 -23.59 -21.97
CA SER B 395 11.30 -25.02 -21.72
C SER B 395 10.81 -25.81 -22.92
N ALA B 396 10.11 -25.17 -23.86
CA ALA B 396 9.66 -25.82 -25.08
C ALA B 396 10.60 -25.64 -26.24
N GLY B 397 11.48 -24.64 -26.18
CA GLY B 397 12.47 -24.44 -27.22
C GLY B 397 13.76 -25.17 -26.91
N LEU B 398 13.93 -25.55 -25.65
CA LEU B 398 15.06 -26.37 -25.24
C LEU B 398 14.72 -27.85 -25.21
N ALA B 399 13.44 -28.21 -25.32
CA ALA B 399 13.05 -29.60 -25.45
C ALA B 399 13.01 -30.05 -26.90
N ILE B 400 12.87 -29.11 -27.84
CA ILE B 400 13.05 -29.44 -29.25
C ILE B 400 14.52 -29.73 -29.54
N GLY B 401 15.42 -28.92 -28.98
CA GLY B 401 16.84 -29.15 -29.14
C GLY B 401 17.31 -30.47 -28.58
N HIS B 402 16.73 -30.92 -27.46
CA HIS B 402 17.07 -32.23 -26.94
C HIS B 402 16.47 -33.36 -27.76
N ALA B 403 15.47 -33.07 -28.58
CA ALA B 403 14.94 -34.09 -29.47
C ALA B 403 15.81 -34.26 -30.70
N TYR B 404 16.11 -33.16 -31.39
CA TYR B 404 16.94 -33.21 -32.57
C TYR B 404 18.37 -33.64 -32.26
N TRP B 405 18.83 -33.41 -31.03
CA TRP B 405 20.18 -33.81 -30.63
C TRP B 405 20.25 -35.26 -30.20
N GLU B 406 19.20 -35.78 -29.56
CA GLU B 406 19.17 -37.18 -29.16
C GLU B 406 19.04 -38.12 -30.36
N ALA B 407 18.74 -37.59 -31.54
CA ALA B 407 18.65 -38.39 -32.76
C ALA B 407 19.69 -37.96 -33.79
N GLN B 408 20.67 -37.19 -33.39
CA GLN B 408 21.75 -36.79 -34.28
C GLN B 408 23.14 -37.07 -33.71
N VAL B 409 23.29 -36.99 -32.39
CA VAL B 409 24.58 -37.21 -31.73
C VAL B 409 24.32 -38.11 -30.54
N GLY B 410 23.06 -38.31 -30.20
CA GLY B 410 22.71 -38.88 -28.92
C GLY B 410 22.71 -40.39 -28.86
N ASN B 411 22.16 -41.06 -29.86
CA ASN B 411 22.14 -42.51 -29.82
C ASN B 411 23.34 -43.16 -30.50
N SER B 412 24.08 -42.42 -31.31
CA SER B 412 25.36 -42.93 -31.79
C SER B 412 26.37 -43.03 -30.66
N SER B 413 26.28 -42.14 -29.68
CA SER B 413 27.22 -42.11 -28.57
C SER B 413 27.04 -43.33 -27.69
N TRP B 414 28.04 -44.22 -27.69
CA TRP B 414 27.91 -45.46 -26.93
C TRP B 414 27.99 -45.24 -25.43
N TYR B 415 28.79 -44.26 -24.98
CA TYR B 415 28.99 -44.08 -23.56
C TYR B 415 27.70 -43.69 -22.86
N LEU B 416 26.84 -42.92 -23.54
CA LEU B 416 25.52 -42.57 -22.99
C LEU B 416 24.52 -43.66 -23.36
N TYR B 417 24.68 -44.81 -22.72
CA TYR B 417 23.79 -45.95 -22.94
C TYR B 417 22.91 -46.12 -21.72
N ASP B 418 21.60 -46.16 -21.94
CA ASP B 418 20.62 -46.39 -20.90
C ASP B 418 19.75 -47.58 -21.29
N GLY B 419 19.39 -48.39 -20.31
CA GLY B 419 18.65 -49.62 -20.58
C GLY B 419 17.27 -49.40 -21.18
N GLU B 420 16.74 -48.18 -21.10
CA GLU B 420 15.41 -47.92 -21.64
C GLU B 420 15.45 -47.85 -23.16
N ASP B 421 14.26 -47.88 -23.76
CA ASP B 421 14.10 -47.92 -25.21
C ASP B 421 13.25 -46.76 -25.72
N ASP B 422 13.28 -45.63 -25.02
CA ASP B 422 12.43 -44.50 -25.37
C ASP B 422 12.83 -43.91 -26.71
N THR B 423 11.82 -43.54 -27.51
CA THR B 423 12.09 -42.92 -28.80
C THR B 423 12.58 -41.49 -28.61
N PRO B 424 13.35 -40.96 -29.56
CA PRO B 424 13.87 -39.60 -29.42
C PRO B 424 12.78 -38.53 -29.33
N SER B 425 11.61 -38.77 -29.91
CA SER B 425 10.51 -37.83 -29.80
C SER B 425 9.82 -37.88 -28.44
N TYR B 426 10.02 -38.96 -27.68
CA TYR B 426 9.50 -39.05 -26.33
C TYR B 426 10.53 -38.61 -25.30
N ARG B 427 11.81 -38.61 -25.67
CA ARG B 427 12.83 -37.99 -24.82
C ARG B 427 12.61 -36.49 -24.72
N GLY B 428 12.22 -35.87 -25.83
CA GLY B 428 11.97 -34.43 -25.81
C GLY B 428 10.80 -34.05 -24.94
N PHE B 429 9.72 -34.82 -25.00
CA PHE B 429 8.56 -34.54 -24.16
C PHE B 429 8.92 -34.67 -22.69
N LEU B 430 9.71 -35.68 -22.35
CA LEU B 430 10.00 -35.97 -20.94
C LEU B 430 11.00 -34.97 -20.36
N ILE B 431 11.74 -34.26 -21.22
CA ILE B 431 12.67 -33.24 -20.72
C ILE B 431 12.05 -31.85 -20.70
N PHE B 432 10.93 -31.64 -21.39
CA PHE B 432 10.21 -30.37 -21.26
C PHE B 432 9.77 -30.15 -19.83
N TRP B 433 9.33 -31.20 -19.14
CA TRP B 433 8.99 -31.07 -17.74
C TRP B 433 10.22 -30.97 -16.87
N GLY B 434 11.36 -31.47 -17.35
CA GLY B 434 12.60 -31.31 -16.60
C GLY B 434 13.12 -29.89 -16.63
N TYR B 435 12.82 -29.16 -17.70
CA TYR B 435 13.25 -27.77 -17.81
C TYR B 435 12.31 -26.80 -17.12
N ILE B 436 11.14 -27.26 -16.68
CA ILE B 436 10.29 -26.40 -15.85
C ILE B 436 10.67 -26.53 -14.39
N ILE B 437 11.19 -27.68 -13.97
CA ILE B 437 11.71 -27.80 -12.61
C ILE B 437 13.01 -27.03 -12.46
N VAL B 438 13.88 -27.08 -13.46
CA VAL B 438 15.19 -26.44 -13.35
C VAL B 438 15.05 -24.92 -13.44
N LEU B 439 14.29 -24.44 -14.43
CA LEU B 439 14.17 -23.01 -14.69
C LEU B 439 13.11 -22.34 -13.83
N ASN B 440 12.64 -22.98 -12.76
CA ASN B 440 11.54 -22.45 -11.98
C ASN B 440 11.97 -21.46 -10.90
N THR B 441 13.25 -21.40 -10.56
CA THR B 441 13.70 -20.60 -9.44
C THR B 441 13.83 -19.12 -9.78
N MET B 442 13.30 -18.71 -10.93
CA MET B 442 12.86 -17.33 -11.10
C MET B 442 11.41 -17.23 -10.62
N VAL B 443 11.05 -16.05 -10.11
CA VAL B 443 9.94 -15.85 -9.18
C VAL B 443 9.95 -16.98 -8.15
N PRO B 444 10.90 -16.96 -7.22
CA PRO B 444 11.06 -18.05 -6.25
C PRO B 444 10.12 -17.90 -5.05
N ILE B 445 10.16 -18.92 -4.20
CA ILE B 445 9.23 -18.99 -3.08
C ILE B 445 9.44 -17.87 -2.07
N SER B 446 10.63 -17.29 -2.01
CA SER B 446 10.91 -16.24 -1.03
C SER B 446 10.56 -14.86 -1.58
N LEU B 447 9.37 -14.74 -2.15
CA LEU B 447 8.84 -13.48 -2.61
C LEU B 447 7.82 -12.90 -1.64
N TYR B 448 6.76 -13.63 -1.34
CA TYR B 448 5.72 -13.15 -0.46
C TYR B 448 6.07 -13.34 1.01
N VAL B 449 7.25 -13.88 1.31
CA VAL B 449 7.79 -13.79 2.66
C VAL B 449 8.51 -12.47 2.86
N SER B 450 9.35 -12.06 1.92
CA SER B 450 10.12 -10.84 2.04
C SER B 450 9.36 -9.61 1.56
N VAL B 451 8.12 -9.77 1.12
CA VAL B 451 7.22 -8.63 0.90
C VAL B 451 6.39 -8.34 2.14
N GLU B 452 5.87 -9.38 2.80
CA GLU B 452 5.13 -9.20 4.05
C GLU B 452 6.04 -9.12 5.26
N VAL B 453 7.33 -8.85 5.06
CA VAL B 453 8.23 -8.47 6.16
C VAL B 453 8.62 -7.02 5.94
N ILE B 454 8.67 -6.61 4.67
CA ILE B 454 8.86 -5.20 4.36
C ILE B 454 7.60 -4.40 4.69
N ARG B 455 6.43 -4.99 4.43
CA ARG B 455 5.17 -4.31 4.68
C ARG B 455 4.72 -4.41 6.13
N LEU B 456 5.38 -5.24 6.94
CA LEU B 456 5.11 -5.29 8.37
C LEU B 456 6.00 -4.34 9.15
N GLY B 457 7.23 -4.12 8.69
CA GLY B 457 8.10 -3.15 9.32
C GLY B 457 7.90 -1.73 8.88
N GLN B 458 7.17 -1.50 7.79
CA GLN B 458 6.79 -0.16 7.40
C GLN B 458 5.51 0.31 8.07
N SER B 459 4.61 -0.61 8.42
CA SER B 459 3.42 -0.24 9.17
C SER B 459 3.69 -0.12 10.65
N HIS B 460 4.88 -0.45 11.10
CA HIS B 460 5.28 -0.18 12.47
C HIS B 460 6.05 1.12 12.60
N PHE B 461 6.50 1.71 11.51
CA PHE B 461 7.05 3.05 11.57
C PHE B 461 5.97 4.11 11.61
N ILE B 462 4.71 3.74 11.34
CA ILE B 462 3.62 4.70 11.39
C ILE B 462 3.14 4.89 12.82
N ASN B 463 3.02 3.82 13.59
CA ASN B 463 2.52 3.92 14.95
C ASN B 463 3.62 4.02 16.00
N TRP B 464 4.88 3.94 15.60
CA TRP B 464 5.98 4.35 16.48
C TRP B 464 6.34 5.81 16.30
N ASP B 465 5.74 6.47 15.31
CA ASP B 465 6.06 7.86 15.02
C ASP B 465 5.79 8.72 16.24
N LEU B 466 6.83 9.37 16.74
CA LEU B 466 6.68 10.29 17.87
C LEU B 466 6.15 11.64 17.44
N GLN B 467 6.04 11.89 16.14
CA GLN B 467 5.65 13.19 15.62
C GLN B 467 4.29 13.12 14.93
N MET B 468 3.58 12.00 15.08
CA MET B 468 2.17 11.87 14.74
C MET B 468 1.37 11.49 15.98
N TYR B 469 1.87 11.87 17.14
CA TYR B 469 1.27 11.52 18.43
C TYR B 469 0.66 12.77 19.04
N TYR B 470 -0.62 12.67 19.43
CA TYR B 470 -1.38 13.81 19.94
C TYR B 470 -1.31 13.80 21.47
N ALA B 471 -0.56 14.76 22.02
CA ALA B 471 -0.22 14.72 23.44
C ALA B 471 -1.44 14.89 24.33
N GLU B 472 -2.37 15.76 23.95
CA GLU B 472 -3.49 16.10 24.84
C GLU B 472 -4.32 14.87 25.19
N LYS B 473 -4.77 14.13 24.19
CA LYS B 473 -5.66 13.00 24.39
C LYS B 473 -4.93 11.66 24.45
N ASP B 474 -3.62 11.65 24.25
CA ASP B 474 -2.79 10.44 24.39
C ASP B 474 -3.23 9.35 23.40
N THR B 475 -3.10 9.65 22.11
CA THR B 475 -3.42 8.72 21.04
C THR B 475 -2.21 8.54 20.14
N PRO B 476 -1.83 7.31 19.82
CA PRO B 476 -0.54 7.05 19.14
C PRO B 476 -0.58 6.90 17.63
N ALA B 477 -1.71 7.13 16.96
CA ALA B 477 -1.79 7.07 15.49
C ALA B 477 -1.47 5.68 14.97
N LYS B 478 -2.31 4.73 15.35
CA LYS B 478 -2.12 3.34 14.97
C LYS B 478 -2.29 3.13 13.46
N ALA B 479 -1.63 2.10 12.95
CA ALA B 479 -1.83 1.60 11.60
C ALA B 479 -2.51 0.23 11.69
N ARG B 480 -3.64 0.10 11.03
CA ARG B 480 -4.62 -0.94 11.34
C ARG B 480 -4.74 -2.03 10.28
N THR B 481 -4.02 -1.92 9.16
CA THR B 481 -4.25 -2.88 8.08
C THR B 481 -2.96 -3.59 7.65
N THR B 482 -1.82 -2.91 7.74
CA THR B 482 -0.50 -3.51 7.48
C THR B 482 -0.42 -4.21 6.12
N THR B 483 -1.27 -3.84 5.16
CA THR B 483 -1.14 -4.37 3.81
C THR B 483 -1.33 -3.33 2.71
N LEU B 484 -1.58 -2.06 3.03
CA LEU B 484 -1.88 -1.05 2.03
C LEU B 484 -0.84 0.06 2.02
N ASN B 485 0.34 -0.23 2.54
CA ASN B 485 1.35 0.80 2.76
C ASN B 485 1.80 1.50 1.49
N GLU B 486 2.06 0.76 0.42
CA GLU B 486 2.59 1.37 -0.79
C GLU B 486 1.54 2.18 -1.54
N GLN B 487 0.27 2.09 -1.16
CA GLN B 487 -0.76 2.88 -1.81
C GLN B 487 -0.95 4.25 -1.18
N LEU B 488 -0.30 4.53 -0.06
CA LEU B 488 -0.37 5.87 0.49
C LEU B 488 0.39 6.87 -0.38
N GLY B 489 1.36 6.38 -1.15
CA GLY B 489 2.16 7.25 -1.99
C GLY B 489 1.69 7.26 -3.43
N GLN B 490 0.41 6.98 -3.65
CA GLN B 490 -0.17 7.01 -4.99
C GLN B 490 -1.50 7.75 -5.03
N ILE B 491 -1.82 8.53 -3.98
CA ILE B 491 -3.15 9.09 -3.83
C ILE B 491 -3.40 10.17 -4.87
N HIS B 492 -4.59 10.18 -5.45
CA HIS B 492 -5.02 11.22 -6.37
C HIS B 492 -6.02 12.18 -5.76
N TYR B 493 -7.08 11.66 -5.14
CA TYR B 493 -8.17 12.47 -4.60
C TYR B 493 -8.28 12.23 -3.10
N ILE B 494 -8.80 13.23 -2.39
CA ILE B 494 -9.05 13.14 -0.96
C ILE B 494 -10.44 13.69 -0.67
N PHE B 495 -11.27 12.88 -0.02
CA PHE B 495 -12.62 13.26 0.36
C PHE B 495 -12.70 13.35 1.87
N SER B 496 -13.08 14.50 2.39
CA SER B 496 -13.08 14.69 3.84
C SER B 496 -14.42 15.18 4.37
N PHD B 497 -14.71 14.81 5.61
CA PHD B 497 -15.91 15.25 6.29
C PHD B 497 -15.57 16.58 7.02
O PHD B 497 -14.37 16.79 7.35
CB PHD B 497 -16.44 14.22 7.28
CG PHD B 497 -17.59 14.59 8.20
OD1 PHD B 497 -18.29 15.63 7.88
OD2 PHD B 497 -17.91 13.97 9.23
P PHD B 497 -20.00 15.64 8.38
OP1 PHD B 497 -20.50 14.28 7.99
OP2 PHD B 497 -19.75 15.80 9.85
OP3 PHD B 497 -20.61 16.86 7.75
N LYS B 498 -16.55 17.43 7.28
CA LYS B 498 -16.28 18.72 7.88
C LYS B 498 -16.42 18.73 9.39
N THR B 499 -17.62 18.45 9.89
CA THR B 499 -17.89 18.60 11.32
C THR B 499 -17.18 17.49 12.10
N GLY B 500 -16.30 17.89 13.00
CA GLY B 500 -15.54 16.96 13.81
C GLY B 500 -14.18 16.58 13.25
N THR B 501 -13.96 16.78 11.95
CA THR B 501 -12.68 16.49 11.32
C THR B 501 -11.91 17.76 10.97
N LEU B 502 -12.52 18.67 10.20
CA LEU B 502 -11.87 19.95 9.92
C LEU B 502 -12.09 20.95 11.04
N THR B 503 -13.20 20.83 11.78
CA THR B 503 -13.53 21.76 12.84
C THR B 503 -13.56 21.05 14.18
N GLN B 504 -13.42 21.82 15.26
CA GLN B 504 -13.39 21.29 16.61
C GLN B 504 -14.57 21.76 17.47
N ASN B 505 -15.60 22.32 16.85
CA ASN B 505 -16.89 22.61 17.49
C ASN B 505 -16.76 23.62 18.62
N ILE B 506 -16.21 24.79 18.29
CA ILE B 506 -16.12 25.91 19.22
C ILE B 506 -16.45 27.19 18.46
N MET B 507 -17.24 28.07 19.08
CA MET B 507 -17.73 29.28 18.41
C MET B 507 -16.94 30.54 18.77
N THR B 508 -16.85 30.91 20.05
CA THR B 508 -15.99 32.01 20.48
C THR B 508 -16.26 33.34 19.79
N PHE B 509 -17.35 34.02 20.17
CA PHE B 509 -17.65 35.39 19.74
C PHE B 509 -16.40 36.23 19.57
N LYS B 510 -16.26 36.89 18.42
CA LYS B 510 -14.98 37.48 18.00
C LYS B 510 -14.97 39.00 18.04
N LYS B 511 -15.85 39.67 17.30
CA LYS B 511 -15.87 41.12 17.27
C LYS B 511 -17.24 41.60 16.83
N CYS B 512 -17.50 42.88 17.07
CA CYS B 512 -18.80 43.48 16.83
C CYS B 512 -18.64 44.88 16.28
N CYS B 513 -19.70 45.36 15.64
CA CYS B 513 -19.76 46.72 15.12
C CYS B 513 -20.95 47.42 15.76
N ILE B 514 -20.72 48.56 16.38
CA ILE B 514 -21.76 49.36 16.99
C ILE B 514 -21.68 50.77 16.42
N ASN B 515 -22.72 51.17 15.69
CA ASN B 515 -22.78 52.49 15.06
C ASN B 515 -21.56 52.75 14.20
N GLY B 516 -21.29 51.82 13.29
CA GLY B 516 -20.23 52.01 12.32
C GLY B 516 -18.86 51.50 12.72
N GLN B 517 -18.32 52.00 13.83
CA GLN B 517 -16.97 51.62 14.22
C GLN B 517 -16.97 50.22 14.82
N ILE B 518 -16.03 49.39 14.37
CA ILE B 518 -15.90 48.03 14.86
C ILE B 518 -15.18 48.07 16.20
N TYR B 519 -15.22 46.96 16.93
CA TYR B 519 -14.55 46.88 18.22
C TYR B 519 -13.80 45.57 18.33
N GLY B 520 -12.61 45.63 18.91
CA GLY B 520 -11.82 44.43 19.14
C GLY B 520 -10.79 44.14 18.08
N ASP B 521 -10.02 45.15 17.65
CA ASP B 521 -8.96 44.87 16.69
C ASP B 521 -7.71 44.37 17.39
N HIS B 522 -7.01 45.24 18.13
CA HIS B 522 -6.09 44.76 19.15
C HIS B 522 -6.21 45.57 20.43
N ARG B 523 -6.24 46.91 20.30
CA ARG B 523 -6.53 47.78 21.42
C ARG B 523 -7.66 48.75 21.09
N ASP B 524 -7.53 49.43 19.95
CA ASP B 524 -8.53 50.38 19.46
C ASP B 524 -9.00 51.33 20.57
N ALA B 525 -8.05 51.79 21.39
CA ALA B 525 -8.37 52.60 22.55
C ALA B 525 -7.41 53.78 22.64
N SER B 526 -7.57 54.56 23.70
CA SER B 526 -6.67 55.66 24.02
C SER B 526 -5.74 55.31 25.19
N GLN B 527 -6.31 54.94 26.32
CA GLN B 527 -5.53 54.39 27.42
C GLN B 527 -5.30 52.90 27.16
N HIS B 528 -4.09 52.44 27.46
CA HIS B 528 -3.66 51.08 27.13
C HIS B 528 -3.82 50.80 25.64
N ASN B 529 -3.25 51.68 24.81
CA ASN B 529 -3.20 51.49 23.37
C ASN B 529 -1.82 51.08 22.87
N HIS B 530 -0.80 51.87 23.16
CA HIS B 530 0.58 51.55 22.80
C HIS B 530 1.27 50.66 23.83
N ASN B 531 0.61 50.38 24.95
CA ASN B 531 1.11 49.46 25.94
C ASN B 531 0.82 48.03 25.46
N LYS B 532 0.99 47.06 26.35
CA LYS B 532 0.81 45.66 25.98
C LYS B 532 -0.62 45.39 25.55
N ILE B 533 -0.84 44.21 24.97
CA ILE B 533 -2.12 43.85 24.37
C ILE B 533 -2.73 42.77 25.25
N GLU B 534 -2.50 42.87 26.55
CA GLU B 534 -3.05 41.89 27.49
C GLU B 534 -4.57 41.83 27.36
N GLN B 535 -5.14 40.67 27.71
CA GLN B 535 -6.58 40.48 27.63
C GLN B 535 -7.25 41.23 28.77
N VAL B 536 -8.36 41.91 28.45
CA VAL B 536 -8.99 42.81 29.42
C VAL B 536 -9.50 42.00 30.61
N ASP B 537 -9.55 42.65 31.76
CA ASP B 537 -9.94 41.99 32.99
C ASP B 537 -11.41 42.22 33.27
N PHE B 538 -12.18 41.13 33.33
CA PHE B 538 -13.59 41.20 33.69
C PHE B 538 -13.74 41.03 35.20
N SER B 539 -13.06 41.92 35.93
CA SER B 539 -13.09 41.92 37.39
C SER B 539 -14.15 42.85 37.94
N TRP B 540 -15.02 43.38 37.09
CA TRP B 540 -16.13 44.22 37.50
C TRP B 540 -17.48 43.54 37.40
N ASN B 541 -17.60 42.48 36.61
CA ASN B 541 -18.83 41.70 36.56
C ASN B 541 -18.82 40.63 37.64
N THR B 542 -19.97 40.42 38.28
CA THR B 542 -20.05 39.36 39.27
C THR B 542 -20.15 37.99 38.63
N TYR B 543 -20.77 37.89 37.45
CA TYR B 543 -20.93 36.62 36.75
C TYR B 543 -19.92 36.45 35.62
N ALA B 544 -18.74 37.06 35.75
CA ALA B 544 -17.81 37.13 34.62
C ALA B 544 -17.29 35.75 34.25
N ASP B 545 -16.95 34.93 35.25
CA ASP B 545 -16.42 33.57 35.09
C ASP B 545 -15.24 33.48 34.12
N GLY B 546 -14.61 34.62 33.82
CA GLY B 546 -13.39 34.70 33.03
C GLY B 546 -13.24 33.75 31.86
N LYS B 547 -14.32 33.56 31.10
CA LYS B 547 -14.33 32.58 30.01
C LYS B 547 -14.02 33.18 28.65
N LEU B 548 -14.48 34.40 28.38
CA LEU B 548 -14.33 35.00 27.07
C LEU B 548 -12.96 35.66 26.93
N ALA B 549 -12.39 35.58 25.74
CA ALA B 549 -11.07 36.12 25.45
C ALA B 549 -11.24 37.39 24.62
N PHE B 550 -10.93 38.54 25.22
CA PHE B 550 -11.16 39.82 24.57
C PHE B 550 -9.95 40.70 24.80
N TYR B 551 -9.73 41.64 23.87
CA TYR B 551 -8.51 42.43 23.87
C TYR B 551 -8.74 43.94 23.77
N ASP B 552 -9.97 44.40 23.61
CA ASP B 552 -10.26 45.80 23.31
C ASP B 552 -10.53 46.54 24.62
N HIS B 553 -9.71 47.54 24.93
CA HIS B 553 -9.94 48.35 26.12
C HIS B 553 -11.09 49.32 25.90
N TYR B 554 -11.18 49.91 24.71
CA TYR B 554 -12.12 51.01 24.49
C TYR B 554 -13.57 50.56 24.64
N LEU B 555 -13.90 49.37 24.15
CA LEU B 555 -15.27 48.89 24.24
C LEU B 555 -15.71 48.72 25.69
N ILE B 556 -14.83 48.17 26.52
CA ILE B 556 -15.24 47.83 27.89
C ILE B 556 -15.29 49.04 28.81
N GLU B 557 -14.60 50.13 28.46
CA GLU B 557 -14.69 51.34 29.26
C GLU B 557 -15.90 52.18 28.86
N GLN B 558 -16.27 52.15 27.59
CA GLN B 558 -17.39 52.94 27.09
C GLN B 558 -18.72 52.42 27.61
N ILE B 559 -18.79 51.16 28.04
CA ILE B 559 -20.00 50.64 28.67
C ILE B 559 -20.01 50.88 30.17
N GLN B 560 -18.87 51.19 30.78
CA GLN B 560 -18.84 51.63 32.17
C GLN B 560 -19.28 53.08 32.30
N SER B 561 -18.94 53.92 31.32
CA SER B 561 -19.30 55.32 31.38
C SER B 561 -20.79 55.53 31.10
N GLY B 562 -21.33 54.82 30.12
CA GLY B 562 -22.68 55.09 29.68
C GLY B 562 -22.81 56.39 28.91
N LYS B 563 -21.70 56.93 28.42
CA LYS B 563 -21.72 58.20 27.70
C LYS B 563 -22.25 58.06 26.29
N GLU B 564 -22.27 56.84 25.74
CA GLU B 564 -22.82 56.59 24.41
C GLU B 564 -24.04 55.70 24.57
N PRO B 565 -25.25 56.24 24.45
CA PRO B 565 -26.44 55.43 24.74
C PRO B 565 -26.62 54.23 23.85
N GLU B 566 -26.18 54.29 22.59
CA GLU B 566 -26.49 53.27 21.60
C GLU B 566 -25.56 52.07 21.66
N VAL B 567 -24.86 51.85 22.76
CA VAL B 567 -24.03 50.67 22.95
C VAL B 567 -24.69 49.68 23.90
N ARG B 568 -25.11 50.15 25.07
CA ARG B 568 -25.82 49.28 26.00
C ARG B 568 -27.08 48.69 25.37
N GLN B 569 -27.68 49.41 24.42
CA GLN B 569 -28.85 48.88 23.72
C GLN B 569 -28.46 47.70 22.84
N PHE B 570 -27.26 47.73 22.28
CA PHE B 570 -26.78 46.61 21.47
C PHE B 570 -26.61 45.35 22.32
N PHE B 571 -25.86 45.47 23.43
CA PHE B 571 -25.57 44.28 24.23
C PHE B 571 -26.77 43.78 25.02
N PHE B 572 -27.75 44.65 25.28
CA PHE B 572 -28.99 44.19 25.89
C PHE B 572 -29.78 43.33 24.93
N LEU B 573 -29.65 43.57 23.62
CA LEU B 573 -30.38 42.78 22.64
C LEU B 573 -29.83 41.37 22.50
N LEU B 574 -28.53 41.19 22.72
CA LEU B 574 -27.95 39.85 22.67
C LEU B 574 -28.48 38.95 23.76
N ALA B 575 -29.02 39.51 24.84
CA ALA B 575 -29.53 38.74 25.96
C ALA B 575 -31.05 38.64 25.99
N VAL B 576 -31.72 39.10 24.94
CA VAL B 576 -33.18 39.09 24.92
C VAL B 576 -33.72 38.28 23.75
N CYS B 577 -32.98 38.26 22.64
CA CYS B 577 -33.45 37.63 21.40
C CYS B 577 -32.76 36.28 21.24
N HIS B 578 -33.29 35.28 21.91
CA HIS B 578 -32.69 33.95 21.93
C HIS B 578 -33.72 32.97 22.50
N THR B 579 -33.27 31.74 22.75
CA THR B 579 -34.12 30.70 23.32
C THR B 579 -33.41 29.91 24.41
N VAL B 580 -32.34 30.44 24.98
CA VAL B 580 -31.54 29.68 25.93
C VAL B 580 -32.34 29.37 27.19
N MET B 581 -31.99 28.26 27.83
CA MET B 581 -32.55 27.88 29.13
C MET B 581 -31.47 28.01 30.20
N VAL B 582 -31.83 28.58 31.32
CA VAL B 582 -30.94 28.71 32.46
C VAL B 582 -31.21 27.56 33.41
N ASP B 583 -30.15 27.03 34.03
CA ASP B 583 -30.25 25.90 34.94
C ASP B 583 -29.25 26.14 36.08
N ARG B 584 -29.77 26.56 37.23
CA ARG B 584 -28.95 26.92 38.37
C ARG B 584 -29.01 25.83 39.43
N THR B 585 -27.85 25.28 39.80
CA THR B 585 -27.79 24.38 40.95
C THR B 585 -27.80 25.18 42.25
N ASP B 586 -26.79 26.03 42.44
CA ASP B 586 -26.69 26.88 43.61
C ASP B 586 -26.00 28.18 43.19
N GLY B 587 -26.79 29.19 42.86
CA GLY B 587 -26.25 30.50 42.54
C GLY B 587 -25.59 30.57 41.19
N GLN B 588 -24.55 29.77 40.99
CA GLN B 588 -23.84 29.76 39.71
C GLN B 588 -24.81 29.40 38.58
N LEU B 589 -24.74 30.18 37.51
CA LEU B 589 -25.70 30.08 36.41
C LEU B 589 -25.05 29.48 35.17
N ASN B 590 -25.75 28.56 34.54
CA ASN B 590 -25.31 27.93 33.31
C ASN B 590 -26.35 28.23 32.23
N TYR B 591 -25.98 27.96 30.98
CA TYR B 591 -26.85 28.25 29.85
C TYR B 591 -27.04 26.98 29.03
N GLN B 592 -28.27 26.48 29.01
CA GLN B 592 -28.62 25.30 28.24
C GLN B 592 -29.15 25.71 26.88
N ALA B 593 -28.26 26.29 26.08
CA ALA B 593 -28.61 26.72 24.75
C ALA B 593 -28.68 25.53 23.81
N ALA B 594 -29.68 25.52 22.94
CA ALA B 594 -29.84 24.47 21.94
C ALA B 594 -29.32 24.89 20.58
N SER B 595 -28.30 25.74 20.56
CA SER B 595 -27.64 26.21 19.36
C SER B 595 -26.20 26.53 19.76
N PRO B 596 -25.24 26.24 18.91
CA PRO B 596 -23.86 26.60 19.25
C PRO B 596 -23.60 28.08 19.00
N ASP B 597 -24.31 28.63 18.01
CA ASP B 597 -24.12 30.02 17.63
C ASP B 597 -24.90 30.97 18.54
N GLU B 598 -25.85 30.45 19.31
CA GLU B 598 -26.62 31.28 20.24
C GLU B 598 -26.00 31.31 21.63
N GLY B 599 -25.46 30.20 22.10
CA GLY B 599 -24.76 30.20 23.37
C GLY B 599 -23.47 31.00 23.34
N ALA B 600 -22.93 31.24 22.14
CA ALA B 600 -21.75 32.09 22.02
C ALA B 600 -22.10 33.55 22.29
N LEU B 601 -23.24 34.01 21.74
CA LEU B 601 -23.64 35.40 21.92
C LEU B 601 -24.10 35.66 23.34
N VAL B 602 -24.92 34.77 23.90
CA VAL B 602 -25.44 34.99 25.24
C VAL B 602 -24.30 35.04 26.26
N ASN B 603 -23.35 34.11 26.16
CA ASN B 603 -22.19 34.15 27.05
C ASN B 603 -21.33 35.37 26.76
N ALA B 604 -21.36 35.86 25.53
CA ALA B 604 -20.64 37.09 25.22
C ALA B 604 -21.25 38.28 25.96
N ALA B 605 -22.59 38.33 26.02
CA ALA B 605 -23.26 39.42 26.73
C ALA B 605 -22.92 39.40 28.20
N ARG B 606 -23.07 38.23 28.85
CA ARG B 606 -22.88 38.12 30.29
C ARG B 606 -21.50 38.61 30.73
N ASN B 607 -20.51 38.50 29.86
CA ASN B 607 -19.18 39.00 30.18
C ASN B 607 -19.07 40.52 30.08
N PHE B 608 -20.11 41.19 29.60
CA PHE B 608 -20.20 42.64 29.59
C PHE B 608 -21.43 43.11 30.35
N GLY B 609 -21.74 42.47 31.48
CA GLY B 609 -22.99 42.73 32.16
C GLY B 609 -24.16 42.07 31.42
N PHE B 610 -25.35 42.60 31.68
CA PHE B 610 -26.56 42.20 30.94
C PHE B 610 -26.79 40.70 31.01
N ALA B 611 -26.51 40.11 32.17
CA ALA B 611 -26.67 38.66 32.31
C ALA B 611 -28.14 38.28 32.33
N PHE B 612 -28.45 37.14 31.70
CA PHE B 612 -29.81 36.63 31.60
C PHE B 612 -30.04 35.68 32.76
N LEU B 613 -30.94 36.05 33.68
CA LEU B 613 -31.10 35.28 34.91
C LEU B 613 -32.10 34.14 34.75
N ALA B 614 -33.34 34.45 34.39
CA ALA B 614 -34.37 33.41 34.32
C ALA B 614 -35.50 33.89 33.42
N ARG B 615 -36.43 32.97 33.15
CA ARG B 615 -37.63 33.27 32.39
C ARG B 615 -38.70 32.29 32.81
N THR B 616 -39.89 32.80 33.18
CA THR B 616 -40.89 31.88 33.71
C THR B 616 -41.72 31.24 32.61
N GLN B 617 -42.66 32.00 32.03
CA GLN B 617 -43.36 31.60 30.81
C GLN B 617 -43.65 32.83 29.98
N ASN B 618 -43.58 33.99 30.64
CA ASN B 618 -43.99 35.26 30.06
C ASN B 618 -42.99 36.38 30.29
N THR B 619 -42.00 36.20 31.17
CA THR B 619 -41.10 37.26 31.57
C THR B 619 -39.66 36.80 31.36
N ILE B 620 -38.76 37.77 31.24
CA ILE B 620 -37.33 37.53 31.22
C ILE B 620 -36.67 38.48 32.20
N THR B 621 -35.95 37.94 33.18
CA THR B 621 -35.29 38.74 34.19
C THR B 621 -33.82 38.90 33.82
N ILE B 622 -33.37 40.15 33.72
CA ILE B 622 -32.02 40.46 33.27
C ILE B 622 -31.41 41.46 34.26
N SER B 623 -30.18 41.20 34.68
CA SER B 623 -29.48 42.04 35.64
C SER B 623 -28.33 42.72 34.90
N GLU B 624 -28.60 43.87 34.31
CA GLU B 624 -27.59 44.61 33.56
C GLU B 624 -26.87 45.57 34.49
N LEU B 625 -25.54 45.40 34.59
CA LEU B 625 -24.69 46.27 35.40
C LEU B 625 -25.16 46.32 36.85
N GLY B 626 -25.55 45.16 37.38
CA GLY B 626 -25.98 45.06 38.75
C GLY B 626 -27.48 45.21 38.93
N THR B 627 -28.05 46.27 38.37
CA THR B 627 -29.48 46.49 38.49
C THR B 627 -30.25 45.40 37.74
N GLU B 628 -31.23 44.82 38.41
CA GLU B 628 -31.99 43.70 37.88
C GLU B 628 -33.39 44.17 37.50
N ARG B 629 -33.82 43.81 36.29
CA ARG B 629 -35.09 44.25 35.75
C ARG B 629 -35.84 43.05 35.18
N THR B 630 -37.17 43.17 35.11
CA THR B 630 -38.02 42.06 34.69
C THR B 630 -38.97 42.55 33.61
N TYR B 631 -38.63 42.27 32.35
CA TYR B 631 -39.50 42.54 31.22
C TYR B 631 -40.52 41.42 31.09
N ASN B 632 -41.58 41.69 30.34
CA ASN B 632 -42.55 40.65 30.00
C ASN B 632 -42.59 40.47 28.49
N VAL B 633 -42.89 39.24 28.06
CA VAL B 633 -42.76 38.86 26.66
C VAL B 633 -44.16 38.73 26.06
N LEU B 634 -44.43 39.53 25.03
CA LEU B 634 -45.74 39.55 24.41
C LEU B 634 -45.83 38.59 23.22
N ALA B 635 -44.72 38.33 22.55
CA ALA B 635 -44.70 37.42 21.41
C ALA B 635 -43.27 36.97 21.17
N ILE B 636 -43.15 35.87 20.44
CA ILE B 636 -41.86 35.35 19.99
C ILE B 636 -42.05 34.89 18.55
N LEU B 637 -41.51 35.66 17.60
CA LEU B 637 -41.58 35.30 16.19
C LEU B 637 -40.32 34.52 15.86
N ASP B 638 -40.38 33.21 16.08
CA ASP B 638 -39.19 32.38 16.18
C ASP B 638 -38.47 32.24 14.85
N PHE B 639 -37.26 31.70 14.93
CA PHE B 639 -36.41 31.48 13.77
C PHE B 639 -37.00 30.40 12.86
N ASN B 640 -36.59 30.45 11.60
CA ASN B 640 -37.07 29.49 10.60
C ASN B 640 -35.99 29.30 9.56
N SER B 641 -36.12 28.24 8.77
CA SER B 641 -35.13 27.95 7.73
C SER B 641 -35.14 29.00 6.63
N ASP B 642 -36.31 29.49 6.25
CA ASP B 642 -36.42 30.47 5.17
C ASP B 642 -36.85 31.85 5.67
N ARG B 643 -36.91 32.06 6.98
CA ARG B 643 -37.10 33.41 7.51
C ARG B 643 -35.79 34.10 7.81
N LYS B 644 -34.78 33.34 8.26
CA LYS B 644 -33.42 33.83 8.49
C LYS B 644 -33.36 34.89 9.58
N ARG B 645 -34.38 35.00 10.42
CA ARG B 645 -34.36 35.99 11.48
C ARG B 645 -35.23 35.53 12.64
N MET B 646 -34.93 36.06 13.82
CA MET B 646 -35.72 35.80 15.01
C MET B 646 -35.96 37.11 15.72
N SER B 647 -37.10 37.23 16.39
CA SER B 647 -37.50 38.49 16.97
C SER B 647 -38.31 38.24 18.24
N ILE B 648 -38.45 39.29 19.04
CA ILE B 648 -39.23 39.24 20.27
C ILE B 648 -39.85 40.61 20.50
N ILE B 649 -41.05 40.62 21.07
CA ILE B 649 -41.75 41.85 21.45
C ILE B 649 -41.90 41.87 22.96
N VAL B 650 -41.31 42.88 23.60
CA VAL B 650 -41.29 42.95 25.06
C VAL B 650 -41.88 44.29 25.50
N ARG B 651 -42.32 44.33 26.75
CA ARG B 651 -42.70 45.57 27.42
C ARG B 651 -41.75 45.81 28.58
N THR B 652 -41.11 46.97 28.59
CA THR B 652 -40.27 47.34 29.70
C THR B 652 -41.13 47.55 30.94
N PRO B 653 -40.54 47.46 32.14
CA PRO B 653 -41.32 47.74 33.36
C PRO B 653 -41.99 49.10 33.35
N GLU B 654 -41.40 50.08 32.67
CA GLU B 654 -42.02 51.39 32.57
C GLU B 654 -43.35 51.32 31.83
N GLY B 655 -43.42 50.55 30.75
CA GLY B 655 -44.64 50.43 29.98
C GLY B 655 -44.48 50.72 28.51
N ASN B 656 -43.24 50.64 28.03
CA ASN B 656 -42.93 50.86 26.61
C ASN B 656 -42.72 49.51 25.93
N ILE B 657 -43.49 49.26 24.88
CA ILE B 657 -43.42 48.03 24.09
C ILE B 657 -42.58 48.28 22.85
N LYS B 658 -41.72 47.33 22.51
CA LYS B 658 -40.86 47.46 21.34
C LYS B 658 -40.54 46.08 20.77
N LEU B 659 -40.03 46.07 19.55
CA LEU B 659 -39.66 44.85 18.84
C LEU B 659 -38.15 44.79 18.69
N TYR B 660 -37.55 43.75 19.24
CA TYR B 660 -36.14 43.45 19.01
C TYR B 660 -36.00 42.37 17.95
N CYS B 661 -34.95 42.45 17.15
CA CYS B 661 -34.80 41.51 16.04
C CYS B 661 -33.34 41.34 15.68
N LYS B 662 -33.00 40.14 15.19
CA LYS B 662 -31.68 39.83 14.68
C LYS B 662 -31.85 38.85 13.53
N GLY B 663 -30.84 38.77 12.67
CA GLY B 663 -30.92 37.84 11.56
C GLY B 663 -29.87 38.11 10.51
N ALA B 664 -30.17 37.68 9.29
CA ALA B 664 -29.24 37.81 8.18
C ALA B 664 -29.11 39.27 7.76
N ASP B 665 -28.08 39.54 6.97
CA ASP B 665 -27.86 40.89 6.47
C ASP B 665 -28.63 41.20 5.20
N THR B 666 -29.01 40.17 4.44
CA THR B 666 -29.69 40.38 3.16
C THR B 666 -31.20 40.45 3.29
N VAL B 667 -31.76 40.15 4.46
CA VAL B 667 -33.20 40.21 4.65
C VAL B 667 -33.61 41.30 5.62
N ILE B 668 -32.73 41.72 6.54
CA ILE B 668 -33.01 42.90 7.35
C ILE B 668 -32.93 44.15 6.49
N TYR B 669 -32.08 44.15 5.47
CA TYR B 669 -31.94 45.30 4.59
C TYR B 669 -33.13 45.51 3.66
N GLU B 670 -34.08 44.59 3.62
CA GLU B 670 -35.38 44.84 3.00
C GLU B 670 -36.48 45.02 4.02
N ARG B 671 -36.13 45.35 5.27
CA ARG B 671 -37.13 45.59 6.31
C ARG B 671 -36.77 46.78 7.19
N LEU B 672 -35.81 47.60 6.81
CA LEU B 672 -35.35 48.68 7.67
C LEU B 672 -35.89 50.00 7.16
N HIS B 673 -35.99 50.97 8.07
CA HIS B 673 -36.50 52.29 7.72
C HIS B 673 -35.51 53.02 6.82
N ARG B 674 -36.06 53.91 5.99
CA ARG B 674 -35.25 54.69 5.07
C ARG B 674 -34.85 56.04 5.66
N MET B 675 -34.30 56.00 6.88
CA MET B 675 -33.76 57.19 7.53
C MET B 675 -32.49 56.91 8.31
N ASN B 676 -31.97 55.70 8.26
CA ASN B 676 -30.76 55.38 9.03
C ASN B 676 -29.56 56.07 8.40
N PRO B 677 -28.71 56.73 9.19
CA PRO B 677 -27.49 57.30 8.64
C PRO B 677 -26.39 56.27 8.52
N THR B 678 -26.46 55.23 9.36
CA THR B 678 -25.44 54.20 9.44
C THR B 678 -25.74 53.01 8.54
N LYS B 679 -26.67 53.15 7.59
CA LYS B 679 -27.03 52.04 6.72
C LYS B 679 -25.87 51.57 5.85
N GLN B 680 -24.88 52.42 5.60
CA GLN B 680 -23.73 52.05 4.79
C GLN B 680 -22.52 51.66 5.64
N GLU B 681 -22.27 52.38 6.73
CA GLU B 681 -21.07 52.15 7.52
C GLU B 681 -21.08 50.75 8.13
N THR B 682 -22.24 50.28 8.60
CA THR B 682 -22.32 48.92 9.11
C THR B 682 -22.04 47.91 8.00
N GLN B 683 -22.58 48.14 6.80
CA GLN B 683 -22.29 47.24 5.69
C GLN B 683 -20.79 47.20 5.38
N ASP B 684 -20.09 48.32 5.58
CA ASP B 684 -18.64 48.31 5.40
C ASP B 684 -17.99 47.34 6.38
N ALA B 685 -18.46 47.33 7.63
CA ALA B 685 -17.97 46.34 8.58
C ALA B 685 -18.34 44.93 8.16
N LEU B 686 -19.51 44.77 7.55
CA LEU B 686 -19.89 43.46 7.04
C LEU B 686 -18.94 42.97 5.96
N ASP B 687 -18.46 43.89 5.11
CA ASP B 687 -17.47 43.52 4.11
C ASP B 687 -16.17 43.07 4.77
N ILE B 688 -15.74 43.79 5.81
CA ILE B 688 -14.51 43.42 6.50
C ILE B 688 -14.70 42.13 7.29
N PHE B 689 -15.85 41.98 7.94
CA PHE B 689 -16.12 40.74 8.68
C PHE B 689 -16.18 39.55 7.73
N ALA B 690 -16.84 39.71 6.58
CA ALA B 690 -16.89 38.65 5.59
C ALA B 690 -15.57 38.49 4.85
N ASN B 691 -14.73 39.52 4.83
CA ASN B 691 -13.42 39.39 4.19
C ASN B 691 -12.55 38.41 4.97
N GLU B 692 -12.49 38.56 6.28
CA GLU B 692 -12.02 37.48 7.12
C GLU B 692 -13.05 36.36 7.13
N THR B 693 -12.69 35.23 7.70
CA THR B 693 -13.51 34.03 7.64
C THR B 693 -14.40 33.96 8.88
N LEU B 694 -15.42 34.83 8.89
CA LEU B 694 -16.32 34.93 10.04
C LEU B 694 -17.75 34.87 9.55
N ARG B 695 -18.66 34.61 10.49
CA ARG B 695 -20.07 34.36 10.20
C ARG B 695 -20.93 35.35 10.98
N THR B 696 -21.67 36.19 10.24
CA THR B 696 -22.12 37.48 10.72
C THR B 696 -23.64 37.61 10.73
N LEU B 697 -24.14 38.44 11.64
CA LEU B 697 -25.56 38.71 11.81
C LEU B 697 -25.77 40.22 11.91
N CYS B 698 -26.98 40.67 11.58
CA CYS B 698 -27.37 42.07 11.70
C CYS B 698 -28.43 42.22 12.78
N LEU B 699 -28.37 43.33 13.51
CA LEU B 699 -29.22 43.59 14.66
C LEU B 699 -29.98 44.90 14.48
N CYS B 700 -31.22 44.93 14.93
CA CYS B 700 -32.09 46.08 14.74
C CYS B 700 -33.26 46.00 15.72
N TYR B 701 -33.99 47.11 15.84
CA TYR B 701 -35.24 47.10 16.60
C TYR B 701 -36.23 48.08 15.97
N LYS B 702 -37.38 48.21 16.61
CA LYS B 702 -38.41 49.16 16.21
C LYS B 702 -39.38 49.44 17.35
N GLU B 703 -39.69 50.72 17.58
CA GLU B 703 -40.70 51.07 18.61
C GLU B 703 -42.05 50.62 18.04
N ILE B 704 -42.85 49.89 18.83
CA ILE B 704 -44.14 49.34 18.31
C ILE B 704 -45.32 50.28 18.65
N GLU B 705 -45.08 51.60 18.64
CA GLU B 705 -46.12 52.61 18.94
C GLU B 705 -46.87 52.22 20.21
N GLU B 706 -48.19 52.09 20.12
CA GLU B 706 -49.03 51.70 21.28
C GLU B 706 -50.44 51.36 20.79
N LYS B 707 -50.66 51.41 19.47
CA LYS B 707 -51.99 51.12 18.95
C LYS B 707 -52.01 50.12 17.81
N GLU B 708 -51.04 50.20 16.89
CA GLU B 708 -50.93 49.18 15.86
C GLU B 708 -50.63 47.81 16.45
N PHE B 709 -50.10 47.76 17.67
CA PHE B 709 -49.88 46.48 18.34
C PHE B 709 -51.19 45.77 18.62
N THR B 710 -52.17 46.48 19.18
CA THR B 710 -53.43 45.85 19.57
C THR B 710 -54.17 45.31 18.36
N GLU B 711 -54.17 46.05 17.25
CA GLU B 711 -54.76 45.55 16.02
C GLU B 711 -53.97 44.37 15.46
N TRP B 712 -52.68 44.28 15.76
CA TRP B 712 -51.87 43.14 15.39
C TRP B 712 -51.91 42.01 16.42
N ASN B 713 -51.87 42.36 17.71
CA ASN B 713 -52.01 41.33 18.74
C ASN B 713 -53.29 40.54 18.56
N LYS B 714 -54.37 41.20 18.16
CA LYS B 714 -55.60 40.49 17.83
C LYS B 714 -55.38 39.56 16.65
N LYS B 715 -54.65 40.02 15.63
CA LYS B 715 -54.40 39.19 14.46
C LYS B 715 -53.46 38.05 14.80
N PHE B 716 -52.52 38.27 15.72
CA PHE B 716 -51.59 37.22 16.11
C PHE B 716 -52.31 36.07 16.81
N MET B 717 -53.13 36.41 17.82
CA MET B 717 -53.88 35.38 18.54
C MET B 717 -54.90 34.69 17.64
N ALA B 718 -55.40 35.41 16.64
CA ALA B 718 -56.42 34.84 15.76
C ALA B 718 -55.87 33.66 14.97
N ALA B 719 -54.72 33.85 14.32
CA ALA B 719 -54.10 32.80 13.52
C ALA B 719 -53.13 31.93 14.30
N SER B 720 -52.90 32.22 15.58
CA SER B 720 -51.99 31.41 16.38
C SER B 720 -52.48 29.97 16.46
N VAL B 721 -53.79 29.78 16.66
CA VAL B 721 -54.40 28.46 16.65
C VAL B 721 -55.18 28.30 15.34
N ALA B 722 -54.84 27.25 14.59
CA ALA B 722 -55.44 27.01 13.29
C ALA B 722 -55.20 25.56 12.90
N SER B 723 -55.94 25.11 11.88
CA SER B 723 -55.88 23.70 11.50
C SER B 723 -54.67 23.41 10.62
N THR B 724 -54.61 24.02 9.43
CA THR B 724 -53.54 23.77 8.48
C THR B 724 -52.75 25.02 8.11
N ASN B 725 -53.40 26.17 8.04
CA ASN B 725 -52.71 27.44 7.80
C ASN B 725 -52.27 28.04 9.14
N ARG B 726 -51.53 27.23 9.89
CA ARG B 726 -51.00 27.63 11.18
C ARG B 726 -49.49 27.76 11.17
N ASP B 727 -48.81 27.15 10.20
CA ASP B 727 -47.38 27.33 9.99
C ASP B 727 -47.06 28.36 8.92
N GLU B 728 -47.92 28.49 7.91
CA GLU B 728 -47.66 29.37 6.79
C GLU B 728 -48.50 30.64 6.78
N ALA B 729 -49.69 30.62 7.38
CA ALA B 729 -50.46 31.85 7.49
C ALA B 729 -50.03 32.68 8.68
N LEU B 730 -49.54 32.03 9.74
CA LEU B 730 -48.87 32.77 10.80
C LEU B 730 -47.63 33.50 10.29
N ASP B 731 -47.04 33.02 9.20
CA ASP B 731 -45.98 33.76 8.55
C ASP B 731 -46.48 35.10 8.02
N LYS B 732 -47.67 35.11 7.42
CA LYS B 732 -48.26 36.35 6.93
C LYS B 732 -48.49 37.35 8.05
N VAL B 733 -48.64 36.87 9.29
CA VAL B 733 -48.74 37.75 10.45
C VAL B 733 -47.37 38.12 11.00
N TYR B 734 -46.36 37.26 10.82
CA TYR B 734 -45.05 37.50 11.39
C TYR B 734 -44.42 38.78 10.84
N GLU B 735 -44.53 38.99 9.53
CA GLU B 735 -43.96 40.18 8.91
C GLU B 735 -44.99 41.29 8.74
N GLU B 736 -46.20 41.12 9.28
CA GLU B 736 -47.10 42.25 9.37
C GLU B 736 -46.46 43.40 10.14
N ILE B 737 -45.61 43.09 11.10
CA ILE B 737 -44.80 44.09 11.79
C ILE B 737 -43.34 43.70 11.58
N GLU B 738 -42.75 44.17 10.48
CA GLU B 738 -41.31 44.17 10.29
C GLU B 738 -40.77 45.44 9.66
N LYS B 739 -41.63 46.28 9.06
CA LYS B 739 -41.16 47.47 8.39
C LYS B 739 -40.64 48.49 9.39
N ASP B 740 -39.87 49.46 8.88
CA ASP B 740 -39.40 50.60 9.66
C ASP B 740 -38.52 50.14 10.84
N LEU B 741 -37.41 49.48 10.49
CA LEU B 741 -36.42 49.04 11.47
C LEU B 741 -35.20 49.94 11.39
N ILE B 742 -34.55 50.13 12.53
CA ILE B 742 -33.33 50.94 12.61
C ILE B 742 -32.18 50.05 13.09
N LEU B 743 -31.01 50.24 12.47
CA LEU B 743 -29.86 49.38 12.73
C LEU B 743 -29.11 49.80 13.98
N LEU B 744 -28.46 48.82 14.61
CA LEU B 744 -27.50 49.04 15.67
C LEU B 744 -26.08 48.66 15.27
N GLY B 745 -25.94 47.54 14.56
CA GLY B 745 -24.64 47.11 14.11
C GLY B 745 -24.67 45.66 13.65
N ALA B 746 -23.56 44.97 13.88
CA ALA B 746 -23.42 43.58 13.48
C ALA B 746 -22.49 42.88 14.46
N THR B 747 -22.64 41.55 14.52
CA THR B 747 -21.76 40.70 15.31
C THR B 747 -20.96 39.80 14.37
N ALA B 748 -20.10 38.98 14.96
CA ALA B 748 -19.25 38.10 14.17
C ALA B 748 -18.74 36.98 15.05
N ILE B 749 -19.15 35.75 14.74
CA ILE B 749 -18.70 34.56 15.45
C ILE B 749 -17.69 33.84 14.57
N GLU B 750 -16.72 33.18 15.19
CA GLU B 750 -15.76 32.36 14.46
C GLU B 750 -16.13 30.89 14.61
N ASP B 751 -15.43 30.04 13.87
CA ASP B 751 -15.57 28.59 13.99
C ASP B 751 -14.15 28.01 13.96
N LYS B 752 -13.59 27.78 15.15
CA LYS B 752 -12.21 27.31 15.26
C LYS B 752 -12.02 26.04 14.45
N LEU B 753 -11.05 26.04 13.56
CA LEU B 753 -10.91 24.91 12.64
C LEU B 753 -10.19 23.75 13.32
N GLN B 754 -8.88 23.90 13.51
CA GLN B 754 -8.01 22.95 14.19
C GLN B 754 -6.61 23.54 14.09
N ASP B 755 -5.70 23.03 14.92
CA ASP B 755 -4.36 23.58 14.93
C ASP B 755 -3.60 23.14 13.69
N GLY B 756 -3.75 23.89 12.60
CA GLY B 756 -2.95 23.64 11.42
C GLY B 756 -3.66 22.95 10.27
N VAL B 757 -4.94 23.23 10.08
CA VAL B 757 -5.68 22.68 8.95
C VAL B 757 -5.42 23.47 7.66
N PRO B 758 -5.50 24.82 7.66
CA PRO B 758 -5.36 25.51 6.38
C PRO B 758 -3.99 25.36 5.73
N GLU B 759 -2.94 25.14 6.52
CA GLU B 759 -1.61 25.00 5.93
C GLU B 759 -1.28 23.55 5.60
N THR B 760 -2.11 22.61 6.06
CA THR B 760 -2.03 21.24 5.56
C THR B 760 -2.63 21.14 4.16
N ILE B 761 -3.75 21.84 3.93
CA ILE B 761 -4.39 21.80 2.63
C ILE B 761 -3.52 22.46 1.57
N SER B 762 -2.78 23.50 1.93
CA SER B 762 -1.93 24.18 0.96
C SER B 762 -0.83 23.26 0.46
N LYS B 763 -0.19 22.52 1.36
CA LYS B 763 0.85 21.58 0.93
C LYS B 763 0.26 20.45 0.11
N LEU B 764 -0.87 19.89 0.56
CA LEU B 764 -1.49 18.79 -0.18
C LEU B 764 -1.90 19.22 -1.58
N ALA B 765 -2.46 20.43 -1.71
CA ALA B 765 -2.81 20.94 -3.03
C ALA B 765 -1.58 21.24 -3.87
N LYS B 766 -0.43 21.45 -3.24
CA LYS B 766 0.81 21.71 -3.98
C LYS B 766 1.41 20.43 -4.53
N ALA B 767 1.19 19.29 -3.87
CA ALA B 767 1.62 17.98 -4.34
C ALA B 767 0.69 17.41 -5.39
N ASP B 768 -0.20 18.25 -5.94
CA ASP B 768 -1.17 17.84 -6.96
C ASP B 768 -2.09 16.75 -6.43
N ILE B 769 -2.83 17.10 -5.38
CA ILE B 769 -3.92 16.28 -4.85
C ILE B 769 -5.17 17.15 -4.83
N LYS B 770 -6.26 16.64 -5.42
CA LYS B 770 -7.52 17.34 -5.38
C LYS B 770 -8.30 16.96 -4.13
N ILE B 771 -8.90 17.95 -3.48
CA ILE B 771 -9.63 17.76 -2.24
C ILE B 771 -11.09 18.12 -2.45
N TRP B 772 -11.98 17.21 -2.05
CA TRP B 772 -13.42 17.45 -2.04
C TRP B 772 -13.91 17.35 -0.61
N VAL B 773 -14.86 18.21 -0.25
CA VAL B 773 -15.44 18.21 1.09
C VAL B 773 -16.87 17.75 0.97
N LEU B 774 -17.17 16.56 1.50
CA LEU B 774 -18.52 16.02 1.53
C LEU B 774 -19.02 16.04 2.96
N THR B 775 -20.00 16.89 3.24
CA THR B 775 -20.45 17.13 4.60
C THR B 775 -21.95 16.94 4.70
N GLY B 776 -22.46 16.93 5.92
CA GLY B 776 -23.88 16.78 6.14
C GLY B 776 -24.53 18.02 6.71
N ASP B 777 -23.73 19.05 6.97
CA ASP B 777 -24.21 20.27 7.59
C ASP B 777 -24.85 21.19 6.56
N LYS B 778 -25.40 22.31 7.03
CA LYS B 778 -26.17 23.21 6.19
C LYS B 778 -25.32 23.74 5.04
N LYS B 779 -26.00 24.39 4.08
CA LYS B 779 -25.32 24.91 2.91
C LYS B 779 -24.54 26.17 3.20
N GLU B 780 -24.87 26.89 4.27
CA GLU B 780 -24.16 28.12 4.60
C GLU B 780 -22.93 27.88 5.47
N THR B 781 -22.94 26.85 6.29
CA THR B 781 -21.78 26.54 7.11
C THR B 781 -20.69 25.86 6.28
N ALA B 782 -21.07 25.07 5.27
CA ALA B 782 -20.08 24.48 4.39
C ALA B 782 -19.37 25.52 3.54
N GLU B 783 -19.99 26.68 3.32
CA GLU B 783 -19.33 27.75 2.59
C GLU B 783 -18.44 28.60 3.49
N ASN B 784 -18.79 28.72 4.77
CA ASN B 784 -17.93 29.43 5.71
C ASN B 784 -16.62 28.69 5.91
N ILE B 785 -16.68 27.37 6.10
CA ILE B 785 -15.46 26.59 6.29
C ILE B 785 -14.65 26.54 5.01
N GLY B 786 -15.32 26.47 3.86
CA GLY B 786 -14.60 26.55 2.60
C GLY B 786 -13.83 27.84 2.43
N PHE B 787 -14.22 28.88 3.15
CA PHE B 787 -13.47 30.14 3.14
C PHE B 787 -12.41 30.18 4.21
N ALA B 788 -12.64 29.51 5.35
CA ALA B 788 -11.66 29.54 6.43
C ALA B 788 -10.41 28.75 6.09
N CYS B 789 -10.58 27.55 5.55
CA CYS B 789 -9.46 26.66 5.25
C CYS B 789 -8.89 26.89 3.86
N GLU B 790 -9.19 28.02 3.24
CA GLU B 790 -8.57 28.47 1.99
C GLU B 790 -8.80 27.54 0.82
N LEU B 791 -9.83 26.67 0.86
CA LEU B 791 -10.19 25.95 -0.35
C LEU B 791 -10.65 26.90 -1.44
N LEU B 792 -11.42 27.91 -1.07
CA LEU B 792 -12.00 28.84 -2.04
C LEU B 792 -11.87 30.24 -1.46
N THR B 793 -10.90 30.98 -1.96
CA THR B 793 -10.58 32.31 -1.50
C THR B 793 -11.22 33.34 -2.40
N GLU B 794 -10.83 34.61 -2.25
CA GLU B 794 -11.31 35.66 -3.14
C GLU B 794 -10.80 35.42 -4.55
N ASP B 795 -11.54 35.95 -5.53
CA ASP B 795 -11.37 35.62 -6.93
C ASP B 795 -11.56 34.11 -7.14
N THR B 796 -12.79 33.69 -6.85
CA THR B 796 -13.21 32.31 -7.05
C THR B 796 -14.72 32.33 -7.28
N THR B 797 -15.13 32.10 -8.53
CA THR B 797 -16.55 32.01 -8.82
C THR B 797 -17.12 30.76 -8.18
N ILE B 798 -18.29 30.91 -7.53
CA ILE B 798 -18.79 29.84 -6.67
C ILE B 798 -19.55 28.80 -7.47
N CYS B 799 -20.43 29.22 -8.37
CA CYS B 799 -21.17 28.31 -9.25
C CYS B 799 -21.99 27.31 -8.43
N TYR B 800 -23.04 27.83 -7.79
CA TYR B 800 -23.92 27.01 -6.96
C TYR B 800 -24.63 25.93 -7.76
N GLY B 801 -25.43 25.11 -7.07
CA GLY B 801 -25.99 23.92 -7.69
C GLY B 801 -26.97 24.20 -8.80
N GLU B 802 -27.82 25.21 -8.65
CA GLU B 802 -28.81 25.53 -9.68
C GLU B 802 -28.17 26.06 -10.96
N ASP B 803 -26.90 26.44 -10.92
CA ASP B 803 -26.18 26.88 -12.11
C ASP B 803 -25.67 25.69 -12.91
N ILE B 804 -25.23 24.63 -12.25
CA ILE B 804 -24.63 23.50 -12.94
C ILE B 804 -25.66 22.81 -13.83
N ASN B 805 -26.87 22.58 -13.33
CA ASN B 805 -27.86 21.84 -14.09
C ASN B 805 -28.25 22.54 -15.38
N SER B 806 -27.99 23.84 -15.49
CA SER B 806 -28.22 24.56 -16.75
C SER B 806 -27.02 24.46 -17.69
N LEU B 807 -25.81 24.54 -17.14
CA LEU B 807 -24.61 24.42 -17.97
C LEU B 807 -24.47 23.02 -18.56
N LEU B 808 -25.08 22.03 -17.93
CA LEU B 808 -25.04 20.66 -18.44
C LEU B 808 -26.23 20.32 -19.34
N HIS B 809 -27.27 21.15 -19.35
CA HIS B 809 -28.33 21.01 -20.33
C HIS B 809 -28.02 21.73 -21.64
N ALA B 810 -27.07 22.65 -21.63
CA ALA B 810 -26.53 23.24 -22.85
C ALA B 810 -25.32 22.47 -23.36
N ARG B 811 -25.21 21.19 -22.99
CA ARG B 811 -24.15 20.32 -23.47
C ARG B 811 -24.75 19.00 -23.97
N MET B 812 -25.92 18.64 -23.44
CA MET B 812 -26.59 17.40 -23.79
C MET B 812 -27.84 17.62 -24.64
N GLU B 813 -28.76 18.47 -24.16
CA GLU B 813 -29.95 18.79 -24.94
C GLU B 813 -29.62 19.51 -26.24
N ASN B 814 -28.41 20.04 -26.38
CA ASN B 814 -27.92 20.59 -27.64
C ASN B 814 -26.58 19.97 -27.96
N GLN B 815 -26.14 20.20 -29.19
CA GLN B 815 -24.79 19.86 -29.63
C GLN B 815 -24.49 18.37 -29.56
N ARG B 816 -25.52 17.54 -29.77
CA ARG B 816 -25.30 16.13 -30.09
C ARG B 816 -25.83 15.78 -31.47
N ASN B 817 -27.13 15.94 -31.72
CA ASN B 817 -27.69 15.79 -33.05
C ASN B 817 -28.85 16.75 -33.30
N ARG B 818 -29.16 17.64 -32.35
CA ARG B 818 -30.31 18.52 -32.44
C ARG B 818 -29.95 19.84 -31.79
N GLY B 819 -30.96 20.69 -31.60
CA GLY B 819 -30.74 22.00 -31.03
C GLY B 819 -30.74 23.12 -32.05
N GLY B 820 -31.70 23.07 -32.98
CA GLY B 820 -31.84 24.11 -33.98
C GLY B 820 -31.16 23.80 -35.30
N VAL B 821 -29.98 24.38 -35.51
CA VAL B 821 -29.21 24.20 -36.73
C VAL B 821 -28.12 23.18 -36.47
N TYR B 822 -28.21 22.04 -37.14
CA TYR B 822 -27.25 20.96 -36.93
C TYR B 822 -25.87 21.35 -37.45
N ALA B 823 -24.83 20.86 -36.76
CA ALA B 823 -23.45 21.16 -37.12
C ALA B 823 -22.68 19.97 -37.68
N LYS B 824 -23.24 18.76 -37.60
CA LYS B 824 -22.68 17.56 -38.19
C LYS B 824 -21.38 17.12 -37.51
N PHE B 825 -20.92 17.90 -36.53
CA PHE B 825 -19.71 17.57 -35.79
C PHE B 825 -20.00 17.22 -34.34
N ALA B 826 -20.65 18.13 -33.61
CA ALA B 826 -21.00 17.93 -32.21
C ALA B 826 -19.84 17.42 -31.35
N PRO B 827 -18.73 18.17 -31.26
CA PRO B 827 -17.60 17.70 -30.48
C PRO B 827 -17.73 18.10 -29.02
N PRO B 828 -17.82 17.12 -28.10
CA PRO B 828 -17.86 17.47 -26.68
C PRO B 828 -16.46 17.67 -26.11
N VAL B 829 -15.61 18.36 -26.84
CA VAL B 829 -14.23 18.55 -26.44
C VAL B 829 -13.83 20.01 -26.66
N GLN B 830 -14.82 20.89 -26.80
CA GLN B 830 -14.60 22.21 -27.36
C GLN B 830 -13.44 22.92 -26.68
N GLU B 831 -13.59 23.32 -25.41
CA GLU B 831 -12.39 23.37 -24.59
C GLU B 831 -12.51 22.63 -23.27
N SER B 832 -13.37 23.12 -22.38
CA SER B 832 -13.29 22.66 -21.00
C SER B 832 -14.59 22.67 -20.22
N PHE B 833 -15.73 23.02 -20.82
CA PHE B 833 -16.97 23.47 -20.17
C PHE B 833 -16.82 24.88 -19.62
N PHE B 834 -15.59 25.41 -19.61
CA PHE B 834 -15.26 26.66 -18.94
C PHE B 834 -14.26 27.46 -19.76
N PRO B 835 -14.37 28.79 -19.75
CA PRO B 835 -13.27 29.61 -20.26
C PRO B 835 -12.07 29.52 -19.34
N PRO B 836 -10.86 29.73 -19.86
CA PRO B 836 -9.69 29.73 -18.98
C PRO B 836 -9.76 30.82 -17.93
N GLY B 837 -9.11 30.56 -16.80
CA GLY B 837 -9.13 31.48 -15.68
C GLY B 837 -9.13 30.77 -14.35
N GLY B 838 -9.45 29.48 -14.36
CA GLY B 838 -9.31 28.61 -13.20
C GLY B 838 -10.05 29.06 -11.96
N ASN B 839 -9.73 28.41 -10.83
CA ASN B 839 -10.27 28.73 -9.51
C ASN B 839 -11.77 29.02 -9.55
N ARG B 840 -12.52 28.01 -9.97
CA ARG B 840 -13.98 28.07 -10.02
C ARG B 840 -14.53 26.98 -9.11
N ALA B 841 -14.81 27.33 -7.86
CA ALA B 841 -15.31 26.36 -6.89
C ALA B 841 -16.68 25.84 -7.29
N LEU B 842 -17.24 24.92 -6.49
CA LEU B 842 -18.48 24.27 -6.86
C LEU B 842 -19.19 23.86 -5.57
N ILE B 843 -20.22 24.63 -5.19
CA ILE B 843 -21.02 24.33 -4.02
C ILE B 843 -22.27 23.63 -4.49
N ILE B 844 -22.45 22.38 -4.09
CA ILE B 844 -23.58 21.57 -4.54
C ILE B 844 -24.27 20.97 -3.32
N THR B 845 -25.59 21.05 -3.31
CA THR B 845 -26.39 20.47 -2.24
C THR B 845 -26.82 19.05 -2.61
N GLY B 846 -27.09 18.24 -1.59
CA GLY B 846 -27.46 16.86 -1.84
C GLY B 846 -28.72 16.70 -2.66
N SER B 847 -29.66 17.64 -2.51
CA SER B 847 -30.88 17.60 -3.31
C SER B 847 -30.59 17.86 -4.78
N TRP B 848 -29.65 18.76 -5.07
CA TRP B 848 -29.26 19.02 -6.45
C TRP B 848 -28.38 17.91 -7.00
N LEU B 849 -27.62 17.22 -6.14
CA LEU B 849 -26.80 16.12 -6.60
C LEU B 849 -27.63 14.93 -7.05
N ASN B 850 -28.86 14.83 -6.55
CA ASN B 850 -29.77 13.80 -7.03
C ASN B 850 -30.49 14.22 -8.30
N GLU B 851 -30.43 15.51 -8.64
CA GLU B 851 -31.02 16.00 -9.88
C GLU B 851 -30.02 16.00 -11.02
N ILE B 852 -28.77 16.36 -10.73
CA ILE B 852 -27.74 16.45 -11.76
C ILE B 852 -27.37 15.07 -12.28
N LEU B 853 -27.43 14.04 -11.43
CA LEU B 853 -27.06 12.69 -11.80
C LEU B 853 -28.24 11.82 -12.18
N LEU B 854 -29.43 12.40 -12.33
CA LEU B 854 -30.63 11.69 -12.77
C LEU B 854 -30.90 10.46 -11.94
N GLU B 855 -30.65 10.57 -10.63
CA GLU B 855 -30.94 9.50 -9.70
C GLU B 855 -31.96 9.99 -8.68
N LYS B 856 -33.17 9.47 -8.78
CA LYS B 856 -34.27 9.83 -7.91
C LYS B 856 -35.08 8.57 -7.62
N LYS B 857 -36.25 8.75 -7.01
CA LYS B 857 -37.27 7.72 -7.00
C LYS B 857 -38.56 8.33 -7.54
N THR B 858 -39.20 7.63 -8.47
CA THR B 858 -40.39 8.13 -9.12
C THR B 858 -41.62 7.52 -8.45
N LYS B 859 -42.74 8.24 -8.55
CA LYS B 859 -43.99 7.77 -7.97
C LYS B 859 -44.44 6.47 -8.64
N ARG B 860 -45.44 5.84 -8.03
CA ARG B 860 -45.93 4.56 -8.54
C ARG B 860 -46.58 4.72 -9.91
N ASN B 861 -47.30 5.82 -10.13
CA ASN B 861 -48.07 6.01 -11.36
C ASN B 861 -47.16 6.47 -12.50
N LYS B 862 -46.32 5.54 -12.95
CA LYS B 862 -45.53 5.79 -14.16
C LYS B 862 -45.64 4.62 -15.14
N ILE B 863 -45.85 3.41 -14.63
CA ILE B 863 -45.99 2.23 -15.46
C ILE B 863 -47.32 1.56 -15.14
N LEU B 864 -47.80 0.75 -16.09
CA LEU B 864 -49.13 0.15 -15.95
C LEU B 864 -49.12 -0.99 -14.95
N LYS B 865 -48.35 -2.04 -15.24
CA LYS B 865 -48.37 -3.27 -14.43
C LYS B 865 -46.98 -3.86 -14.45
N LEU B 866 -46.87 -5.12 -14.02
CA LEU B 866 -45.60 -5.83 -14.00
C LEU B 866 -45.17 -6.19 -15.42
N LYS B 867 -44.01 -6.83 -15.54
CA LYS B 867 -43.50 -7.28 -16.82
C LYS B 867 -44.10 -8.66 -17.12
N PHE B 868 -45.02 -8.71 -18.07
CA PHE B 868 -45.64 -9.96 -18.51
C PHE B 868 -46.20 -9.74 -19.91
N PRO B 869 -46.43 -10.81 -20.68
CA PRO B 869 -46.73 -10.65 -22.11
C PRO B 869 -48.08 -10.01 -22.43
N ARG B 870 -48.82 -9.54 -21.43
CA ARG B 870 -50.08 -8.85 -21.73
C ARG B 870 -49.91 -7.34 -21.82
N THR B 871 -49.40 -6.71 -20.76
CA THR B 871 -49.17 -5.27 -20.80
C THR B 871 -48.05 -4.89 -21.76
N GLU B 872 -47.27 -5.87 -22.22
CA GLU B 872 -46.26 -5.65 -23.25
C GLU B 872 -46.26 -6.83 -24.20
N GLU B 873 -46.18 -6.54 -25.50
CA GLU B 873 -46.27 -7.57 -26.52
C GLU B 873 -44.99 -8.40 -26.57
N GLU B 874 -45.08 -9.51 -27.30
CA GLU B 874 -43.97 -10.43 -27.49
C GLU B 874 -42.93 -9.93 -28.49
N ARG B 875 -43.09 -8.71 -29.01
CA ARG B 875 -42.20 -8.17 -30.03
C ARG B 875 -40.93 -7.62 -29.36
N ARG B 876 -40.16 -8.55 -28.79
CA ARG B 876 -38.85 -8.31 -28.11
C ARG B 876 -38.96 -7.35 -26.92
N MET B 877 -40.08 -7.37 -26.18
CA MET B 877 -40.28 -6.51 -24.96
C MET B 877 -39.85 -5.07 -25.24
N ARG B 878 -40.62 -4.37 -26.07
CA ARG B 878 -40.31 -3.00 -26.56
C ARG B 878 -40.22 -1.91 -25.46
N THR B 879 -40.73 -2.11 -24.24
CA THR B 879 -40.62 -0.96 -23.34
C THR B 879 -40.14 -1.34 -21.95
N GLN B 880 -40.75 -2.34 -21.30
CA GLN B 880 -40.35 -2.69 -19.94
C GLN B 880 -38.94 -3.27 -19.89
N SER B 881 -38.41 -3.71 -21.03
CA SER B 881 -37.02 -4.19 -21.10
C SER B 881 -36.10 -3.22 -21.81
N LYS B 882 -36.63 -2.42 -22.74
CA LYS B 882 -35.84 -1.36 -23.39
C LYS B 882 -36.08 -0.08 -22.60
N ARG B 883 -35.13 0.25 -21.73
CA ARG B 883 -35.28 1.33 -20.76
C ARG B 883 -34.68 2.65 -21.24
N ARG B 884 -33.49 2.61 -21.84
CA ARG B 884 -32.79 3.77 -22.36
C ARG B 884 -32.31 4.72 -21.25
N LEU B 885 -32.47 4.32 -20.00
CA LEU B 885 -31.91 5.09 -18.89
C LEU B 885 -30.39 5.01 -18.85
N GLU B 886 -29.83 3.84 -19.16
CA GLU B 886 -28.38 3.67 -19.15
C GLU B 886 -27.68 4.46 -20.24
N ALA B 887 -28.43 5.01 -21.20
CA ALA B 887 -27.81 5.93 -22.15
C ALA B 887 -27.54 7.27 -21.50
N LYS B 888 -28.58 7.93 -20.98
CA LYS B 888 -28.40 9.23 -20.34
C LYS B 888 -27.60 9.11 -19.05
N LYS B 889 -27.92 8.13 -18.22
CA LYS B 889 -27.35 8.08 -16.88
C LYS B 889 -25.83 7.96 -16.92
N GLU B 890 -25.32 6.97 -17.67
CA GLU B 890 -23.87 6.80 -17.73
C GLU B 890 -23.19 7.99 -18.40
N GLN B 891 -23.85 8.59 -19.37
CA GLN B 891 -23.28 9.76 -20.03
C GLN B 891 -23.39 11.00 -19.15
N ARG B 892 -24.42 11.05 -18.30
CA ARG B 892 -24.57 12.20 -17.41
C ARG B 892 -23.56 12.14 -16.26
N GLN B 893 -23.31 10.96 -15.72
CA GLN B 893 -22.28 10.82 -14.69
C GLN B 893 -20.90 11.09 -15.26
N LYS B 894 -20.65 10.67 -16.49
CA LYS B 894 -19.36 10.94 -17.12
C LYS B 894 -19.15 12.43 -17.32
N ASN B 895 -20.21 13.15 -17.68
CA ASN B 895 -20.08 14.59 -17.89
C ASN B 895 -19.83 15.32 -16.58
N PHE B 896 -20.46 14.86 -15.49
CA PHE B 896 -20.29 15.55 -14.21
C PHE B 896 -18.86 15.43 -13.71
N VAL B 897 -18.30 14.21 -13.71
CA VAL B 897 -16.95 14.02 -13.23
C VAL B 897 -15.95 14.73 -14.12
N ASP B 898 -16.20 14.80 -15.43
CA ASP B 898 -15.34 15.57 -16.31
C ASP B 898 -15.41 17.05 -16.01
N LEU B 899 -16.55 17.53 -15.50
CA LEU B 899 -16.66 18.95 -15.15
C LEU B 899 -15.94 19.28 -13.85
N ALA B 900 -15.98 18.38 -12.86
CA ALA B 900 -15.36 18.63 -11.57
C ALA B 900 -13.85 18.44 -11.58
N CYS B 901 -13.26 18.09 -12.72
CA CYS B 901 -11.82 17.92 -12.82
C CYS B 901 -11.07 19.24 -12.79
N GLU B 902 -11.74 20.36 -13.03
CA GLU B 902 -11.08 21.66 -13.15
C GLU B 902 -11.66 22.69 -12.19
N CYS B 903 -12.39 22.27 -11.17
CA CYS B 903 -13.07 23.21 -10.28
C CYS B 903 -12.17 23.69 -9.16
N SER B 904 -11.05 23.02 -8.90
CA SER B 904 -10.06 23.46 -7.92
C SER B 904 -10.60 23.43 -6.49
N ALA B 905 -11.91 23.23 -6.34
CA ALA B 905 -12.53 23.04 -5.03
C ALA B 905 -13.96 22.57 -5.24
N VAL B 906 -14.34 21.47 -4.58
CA VAL B 906 -15.72 20.99 -4.64
C VAL B 906 -16.20 20.77 -3.22
N ILE B 907 -17.38 21.31 -2.89
CA ILE B 907 -18.01 21.14 -1.59
C ILE B 907 -19.42 20.63 -1.82
N CYS B 908 -19.77 19.53 -1.18
CA CYS B 908 -21.11 18.97 -1.24
C CYS B 908 -21.69 18.97 0.16
N CYS B 909 -22.93 19.43 0.30
CA CYS B 909 -23.55 19.63 1.60
C CYS B 909 -24.95 19.03 1.60
N ARG B 910 -25.41 18.64 2.78
CA ARG B 910 -26.68 17.97 2.98
C ARG B 910 -26.80 16.72 2.10
N VAL B 911 -25.81 15.83 2.23
CA VAL B 911 -25.77 14.61 1.46
C VAL B 911 -26.02 13.43 2.39
N THR B 912 -26.78 12.46 1.90
CA THR B 912 -27.07 11.25 2.64
C THR B 912 -25.76 10.46 2.89
N PRO B 913 -25.68 9.73 4.00
CA PRO B 913 -24.46 8.94 4.25
C PRO B 913 -24.07 8.00 3.14
N LYS B 914 -25.00 7.61 2.26
CA LYS B 914 -24.66 6.80 1.11
C LYS B 914 -24.69 7.57 -0.20
N GLN B 915 -24.87 8.89 -0.15
CA GLN B 915 -24.51 9.73 -1.29
C GLN B 915 -23.03 10.07 -1.27
N LYS B 916 -22.42 10.06 -0.08
CA LYS B 916 -20.99 10.25 0.01
C LYS B 916 -20.24 9.10 -0.65
N ALA B 917 -20.69 7.87 -0.42
CA ALA B 917 -20.05 6.73 -1.06
C ALA B 917 -20.23 6.77 -2.57
N MET B 918 -21.41 7.20 -3.04
CA MET B 918 -21.67 7.26 -4.47
C MET B 918 -20.75 8.26 -5.15
N VAL B 919 -20.44 9.37 -4.49
CA VAL B 919 -19.53 10.35 -5.07
C VAL B 919 -18.11 9.79 -5.13
N VAL B 920 -17.70 9.06 -4.10
CA VAL B 920 -16.38 8.43 -4.11
C VAL B 920 -16.28 7.43 -5.24
N ASP B 921 -17.39 6.81 -5.62
CA ASP B 921 -17.37 5.74 -6.60
C ASP B 921 -17.48 6.24 -8.04
N LEU B 922 -17.97 7.46 -8.24
CA LEU B 922 -17.94 8.03 -9.58
C LEU B 922 -16.57 8.54 -9.98
N VAL B 923 -15.70 8.80 -9.01
CA VAL B 923 -14.35 9.27 -9.31
C VAL B 923 -13.38 8.12 -9.52
N LYS B 924 -13.63 6.96 -8.91
CA LYS B 924 -12.79 5.79 -9.11
C LYS B 924 -13.38 4.82 -10.14
N ARG B 925 -14.35 5.27 -10.93
CA ARG B 925 -14.82 4.54 -12.10
C ARG B 925 -14.46 5.27 -13.39
N TYR B 926 -14.88 6.51 -13.53
CA TYR B 926 -14.41 7.36 -14.61
C TYR B 926 -13.15 8.09 -14.14
N LYS B 927 -12.23 8.31 -15.09
CA LYS B 927 -10.89 8.82 -14.79
C LYS B 927 -10.31 8.14 -13.55
N LYS B 928 -10.03 6.84 -13.70
CA LYS B 928 -9.56 6.00 -12.60
C LYS B 928 -8.53 6.71 -11.76
N ALA B 929 -8.69 6.61 -10.44
CA ALA B 929 -7.84 7.34 -9.51
C ALA B 929 -7.82 6.63 -8.18
N ILE B 930 -6.68 6.68 -7.51
CA ILE B 930 -6.57 6.18 -6.14
C ILE B 930 -7.14 7.25 -5.22
N THR B 931 -8.11 6.87 -4.39
CA THR B 931 -8.85 7.82 -3.56
C THR B 931 -8.64 7.51 -2.09
N LEU B 932 -8.67 8.56 -1.27
CA LEU B 932 -8.58 8.46 0.17
C LEU B 932 -9.83 9.09 0.77
N ALA B 933 -10.18 8.70 1.99
CA ALA B 933 -11.40 9.20 2.62
C ALA B 933 -11.16 9.28 4.12
N ILE B 934 -11.14 10.49 4.66
CA ILE B 934 -10.88 10.74 6.07
C ILE B 934 -12.12 11.33 6.71
N GLY B 935 -12.48 10.86 7.89
CA GLY B 935 -13.64 11.37 8.58
C GLY B 935 -13.88 10.64 9.87
N ASP B 936 -14.81 11.18 10.65
CA ASP B 936 -15.23 10.60 11.91
C ASP B 936 -16.75 10.63 12.01
N GLY B 937 -17.29 9.71 12.78
CA GLY B 937 -18.73 9.60 12.92
C GLY B 937 -19.32 8.51 12.04
N ALA B 938 -20.52 8.08 12.42
CA ALA B 938 -21.13 6.90 11.82
C ALA B 938 -21.60 7.12 10.40
N ASN B 939 -21.69 8.36 9.93
CA ASN B 939 -22.11 8.59 8.56
C ASN B 939 -20.94 8.60 7.58
N ASP B 940 -19.72 8.44 8.06
CA ASP B 940 -18.54 8.32 7.21
C ASP B 940 -18.06 6.89 7.08
N VAL B 941 -18.76 5.94 7.71
CA VAL B 941 -18.33 4.56 7.65
C VAL B 941 -18.52 3.99 6.25
N ASN B 942 -19.60 4.41 5.57
CA ASN B 942 -19.84 3.91 4.22
C ASN B 942 -18.80 4.43 3.24
N MET B 943 -18.40 5.69 3.40
CA MET B 943 -17.43 6.27 2.48
C MET B 943 -16.02 5.74 2.76
N ILE B 944 -15.72 5.39 4.00
CA ILE B 944 -14.40 4.86 4.34
C ILE B 944 -14.22 3.46 3.75
N LYS B 945 -15.28 2.65 3.76
CA LYS B 945 -15.18 1.30 3.22
C LYS B 945 -15.07 1.30 1.70
N THR B 946 -15.49 2.37 1.03
CA THR B 946 -15.51 2.38 -0.42
C THR B 946 -14.24 2.95 -1.02
N ALA B 947 -13.59 3.88 -0.34
CA ALA B 947 -12.37 4.45 -0.86
C ALA B 947 -11.24 3.43 -0.81
N HIS B 948 -10.20 3.68 -1.60
CA HIS B 948 -9.06 2.77 -1.65
C HIS B 948 -8.36 2.71 -0.30
N ILE B 949 -8.22 3.84 0.37
CA ILE B 949 -7.65 3.91 1.71
C ILE B 949 -8.59 4.73 2.57
N GLY B 950 -8.93 4.22 3.74
CA GLY B 950 -9.80 4.95 4.63
C GLY B 950 -9.14 5.30 5.93
N VAL B 951 -9.22 6.57 6.33
CA VAL B 951 -8.64 7.04 7.58
C VAL B 951 -9.77 7.46 8.50
N GLY B 952 -9.54 7.34 9.79
CA GLY B 952 -10.54 7.74 10.77
C GLY B 952 -9.91 8.54 11.88
N ILE B 953 -10.56 9.66 12.23
CA ILE B 953 -10.07 10.55 13.26
C ILE B 953 -10.44 9.96 14.61
N SER B 954 -9.44 9.71 15.45
CA SER B 954 -9.66 9.14 16.77
C SER B 954 -9.26 10.13 17.84
N GLY B 955 -9.66 9.84 19.08
CA GLY B 955 -9.41 10.70 20.22
C GLY B 955 -10.67 11.15 20.91
N GLN B 956 -11.75 11.37 20.16
CA GLN B 956 -13.02 11.76 20.75
C GLN B 956 -13.69 10.54 21.36
N GLU B 957 -14.94 10.70 21.80
CA GLU B 957 -15.68 9.58 22.38
C GLU B 957 -16.35 8.73 21.31
N GLY B 958 -16.85 9.37 20.25
CA GLY B 958 -17.43 8.64 19.15
C GLY B 958 -16.34 8.01 18.30
N MET B 959 -16.24 6.69 18.34
CA MET B 959 -15.18 5.96 17.64
C MET B 959 -15.76 5.02 16.59
N GLN B 960 -16.95 5.33 16.07
CA GLN B 960 -17.58 4.47 15.08
C GLN B 960 -16.77 4.41 13.79
N ALA B 961 -16.27 5.55 13.33
CA ALA B 961 -15.55 5.61 12.06
C ALA B 961 -14.12 5.10 12.16
N VAL B 962 -13.61 4.85 13.35
CA VAL B 962 -12.27 4.30 13.51
C VAL B 962 -12.25 2.81 13.22
N MET B 963 -13.26 2.08 13.68
CA MET B 963 -13.25 0.62 13.59
C MET B 963 -13.38 0.09 12.17
N SER B 964 -13.76 0.93 11.21
CA SER B 964 -13.85 0.50 9.82
C SER B 964 -12.75 1.08 8.95
N SER B 965 -11.74 1.70 9.55
CA SER B 965 -10.72 2.42 8.83
C SER B 965 -9.51 1.52 8.59
N ASP B 966 -8.50 2.09 7.93
CA ASP B 966 -7.23 1.42 7.71
C ASP B 966 -6.09 2.02 8.52
N TYR B 967 -6.12 3.33 8.74
CA TYR B 967 -5.19 4.03 9.61
C TYR B 967 -6.01 4.98 10.46
N SER B 968 -5.56 5.28 11.67
CA SER B 968 -6.35 6.15 12.53
C SER B 968 -5.44 6.96 13.44
N PHE B 969 -5.07 8.14 12.99
CA PHE B 969 -4.45 9.17 13.82
C PHE B 969 -5.53 10.08 14.40
N ALA B 970 -5.13 11.22 14.98
CA ALA B 970 -6.04 12.02 15.79
C ALA B 970 -6.26 13.45 15.33
N GLN B 971 -5.48 13.96 14.38
CA GLN B 971 -5.67 15.33 13.91
C GLN B 971 -5.54 15.35 12.40
N PHE B 972 -6.27 16.27 11.77
CA PHE B 972 -6.22 16.37 10.32
C PHE B 972 -4.83 16.78 9.85
N ARG B 973 -4.09 17.53 10.67
CA ARG B 973 -2.80 18.04 10.24
C ARG B 973 -1.74 16.95 10.14
N TYR B 974 -2.01 15.75 10.62
CA TYR B 974 -1.07 14.64 10.47
C TYR B 974 -1.19 13.98 9.11
N LEU B 975 -2.05 14.48 8.23
CA LEU B 975 -2.14 13.94 6.89
C LEU B 975 -0.92 14.29 6.06
N GLN B 976 -0.13 15.27 6.50
CA GLN B 976 1.12 15.59 5.82
C GLN B 976 2.11 14.45 5.91
N ARG B 977 2.35 13.95 7.11
CA ARG B 977 3.35 12.91 7.32
C ARG B 977 2.89 11.54 6.85
N LEU B 978 1.60 11.25 6.91
CA LEU B 978 1.12 9.97 6.41
C LEU B 978 1.26 9.88 4.90
N LEU B 979 1.27 11.01 4.20
CA LEU B 979 1.32 11.00 2.74
C LEU B 979 2.69 11.38 2.19
N LEU B 980 3.32 12.43 2.73
CA LEU B 980 4.56 12.93 2.16
C LEU B 980 5.81 12.34 2.79
N VAL B 981 5.68 11.54 3.84
CA VAL B 981 6.86 10.91 4.43
C VAL B 981 6.67 9.40 4.44
N HIS B 982 5.65 8.91 5.15
CA HIS B 982 5.41 7.49 5.20
C HIS B 982 4.79 6.98 3.91
N GLY B 983 4.29 7.88 3.07
CA GLY B 983 3.64 7.45 1.86
C GLY B 983 4.61 7.35 0.69
N ARG B 984 5.35 8.42 0.43
CA ARG B 984 6.22 8.41 -0.75
C ARG B 984 7.54 7.71 -0.49
N TRP B 985 7.91 7.50 0.78
CA TRP B 985 9.02 6.61 1.07
C TRP B 985 8.63 5.16 0.85
N SER B 986 7.39 4.81 1.22
CA SER B 986 6.97 3.42 1.16
C SER B 986 6.73 2.98 -0.27
N TYR B 987 6.56 3.92 -1.19
CA TYR B 987 6.46 3.56 -2.59
C TYR B 987 7.83 3.45 -3.25
N ILE B 988 8.78 4.26 -2.78
CA ILE B 988 10.14 4.17 -3.29
C ILE B 988 10.79 2.87 -2.85
N ARG B 989 10.52 2.46 -1.61
CA ARG B 989 11.17 1.27 -1.08
C ARG B 989 10.56 0.00 -1.64
N MET B 990 9.29 0.04 -2.06
CA MET B 990 8.69 -1.15 -2.66
C MET B 990 9.00 -1.24 -4.15
N CYS B 991 9.27 -0.11 -4.80
CA CYS B 991 9.60 -0.15 -6.21
C CYS B 991 11.07 -0.44 -6.43
N LYS B 992 11.88 -0.37 -5.37
CA LYS B 992 13.28 -0.76 -5.49
C LYS B 992 13.47 -2.22 -5.13
N PHE B 993 12.67 -2.75 -4.21
CA PHE B 993 12.73 -4.17 -3.89
C PHE B 993 12.29 -5.01 -5.08
N LEU B 994 11.24 -4.58 -5.79
CA LEU B 994 10.74 -5.36 -6.92
C LEU B 994 11.70 -5.31 -8.08
N ARG B 995 12.32 -4.15 -8.33
CA ARG B 995 13.25 -4.03 -9.44
C ARG B 995 14.48 -4.91 -9.23
N TYR B 996 14.98 -4.99 -7.99
CA TYR B 996 16.16 -5.79 -7.72
C TYR B 996 15.83 -7.26 -7.52
N PHE B 997 14.60 -7.59 -7.17
CA PHE B 997 14.25 -8.99 -6.96
C PHE B 997 14.14 -9.75 -8.27
N PHE B 998 13.78 -9.07 -9.35
CA PHE B 998 13.67 -9.72 -10.65
C PHE B 998 14.93 -9.60 -11.47
N TYR B 999 16.01 -9.05 -10.91
CA TYR B 999 17.32 -9.07 -11.53
C TYR B 999 18.24 -10.10 -10.90
N LYS B 1000 18.23 -10.24 -9.57
CA LYS B 1000 19.02 -11.25 -8.90
C LYS B 1000 18.56 -12.66 -9.22
N ASN B 1001 17.32 -12.83 -9.66
CA ASN B 1001 16.77 -14.15 -9.95
C ASN B 1001 16.75 -14.48 -11.43
N PHE B 1002 16.81 -13.49 -12.30
CA PHE B 1002 17.05 -13.74 -13.72
C PHE B 1002 18.53 -13.87 -14.04
N ALA B 1003 19.40 -13.31 -13.22
CA ALA B 1003 20.83 -13.49 -13.38
C ALA B 1003 21.33 -14.76 -12.73
N PHE B 1004 20.45 -15.52 -12.09
CA PHE B 1004 20.81 -16.77 -11.44
C PHE B 1004 20.21 -17.98 -12.15
N THR B 1005 18.91 -17.95 -12.40
CA THR B 1005 18.23 -19.09 -13.00
C THR B 1005 18.48 -19.21 -14.49
N LEU B 1006 18.99 -18.17 -15.14
CA LEU B 1006 19.08 -18.16 -16.60
C LEU B 1006 20.49 -18.48 -17.06
N VAL B 1007 21.37 -18.88 -16.13
CA VAL B 1007 22.64 -19.47 -16.52
C VAL B 1007 22.43 -20.89 -17.02
N HIS B 1008 21.47 -21.63 -16.45
CA HIS B 1008 21.17 -22.96 -16.95
C HIS B 1008 20.67 -22.93 -18.38
N PHE B 1009 20.19 -21.78 -18.85
CA PHE B 1009 19.75 -21.67 -20.24
C PHE B 1009 20.92 -21.64 -21.20
N TRP B 1010 21.98 -20.88 -20.86
CA TRP B 1010 23.14 -20.83 -21.75
C TRP B 1010 23.98 -22.09 -21.66
N TYR B 1011 24.01 -22.72 -20.50
CA TYR B 1011 24.77 -23.96 -20.36
C TYR B 1011 24.15 -25.12 -21.09
N SER B 1012 22.89 -25.01 -21.49
CA SER B 1012 22.23 -26.14 -22.14
C SER B 1012 22.77 -26.37 -23.54
N PHE B 1013 23.22 -25.32 -24.21
CA PHE B 1013 23.78 -25.46 -25.54
C PHE B 1013 25.11 -26.21 -25.54
N PHE B 1014 25.72 -26.44 -24.38
CA PHE B 1014 27.01 -27.12 -24.28
C PHE B 1014 26.93 -28.46 -23.55
N ASN B 1015 25.73 -28.99 -23.33
CA ASN B 1015 25.60 -30.35 -22.80
C ASN B 1015 24.48 -31.11 -23.49
N GLY B 1016 24.22 -30.81 -24.76
CA GLY B 1016 23.19 -31.51 -25.49
C GLY B 1016 21.78 -31.26 -24.99
N TYR B 1017 21.51 -30.05 -24.50
CA TYR B 1017 20.16 -29.65 -24.06
C TYR B 1017 19.62 -30.63 -23.03
N SER B 1018 20.48 -31.01 -22.09
CA SER B 1018 20.18 -32.11 -21.18
C SER B 1018 19.54 -31.66 -19.86
N ALA B 1019 19.35 -30.36 -19.67
CA ALA B 1019 18.72 -29.83 -18.46
C ALA B 1019 19.51 -30.19 -17.21
N GLN B 1020 20.80 -29.85 -17.22
CA GLN B 1020 21.69 -30.17 -16.13
C GLN B 1020 22.26 -28.86 -15.58
N THR B 1021 22.32 -28.78 -14.25
CA THR B 1021 22.52 -27.51 -13.57
C THR B 1021 23.98 -27.05 -13.62
N ALA B 1022 24.18 -25.76 -13.87
CA ALA B 1022 25.51 -25.19 -13.95
C ALA B 1022 26.08 -24.77 -12.60
N TYR B 1023 25.32 -24.93 -11.52
CA TYR B 1023 25.82 -24.73 -10.17
C TYR B 1023 25.83 -26.07 -9.43
N GLU B 1024 26.32 -26.05 -8.20
CA GLU B 1024 26.25 -27.21 -7.33
C GLU B 1024 24.81 -27.36 -6.85
N ASP B 1025 24.58 -28.28 -5.92
CA ASP B 1025 23.23 -28.46 -5.42
C ASP B 1025 22.98 -27.75 -4.09
N TRP B 1026 24.01 -27.58 -3.27
CA TRP B 1026 23.85 -26.79 -2.06
C TRP B 1026 23.73 -25.31 -2.33
N PHE B 1027 24.27 -24.83 -3.45
CA PHE B 1027 24.17 -23.41 -3.77
C PHE B 1027 22.80 -23.03 -4.31
N ILE B 1028 22.12 -23.95 -4.98
CA ILE B 1028 20.80 -23.64 -5.54
C ILE B 1028 19.78 -23.45 -4.43
N THR B 1029 19.87 -24.25 -3.37
CA THR B 1029 18.93 -24.19 -2.27
C THR B 1029 19.38 -23.26 -1.15
N LEU B 1030 20.49 -22.55 -1.32
CA LEU B 1030 20.95 -21.59 -0.33
C LEU B 1030 21.20 -20.21 -0.94
N TYR B 1031 20.84 -19.99 -2.20
CA TYR B 1031 21.12 -18.71 -2.83
C TYR B 1031 20.17 -17.63 -2.32
N ASN B 1032 18.87 -17.83 -2.51
CA ASN B 1032 17.88 -16.83 -2.12
C ASN B 1032 17.38 -17.02 -0.70
N VAL B 1033 18.19 -17.65 0.15
CA VAL B 1033 17.88 -17.81 1.57
C VAL B 1033 18.96 -17.21 2.46
N LEU B 1034 20.22 -17.55 2.20
CA LEU B 1034 21.34 -17.03 2.97
C LEU B 1034 22.13 -15.96 2.22
N TYR B 1035 22.63 -16.28 1.02
CA TYR B 1035 23.62 -15.41 0.39
C TYR B 1035 23.01 -14.10 -0.06
N THR B 1036 21.88 -14.13 -0.78
CA THR B 1036 21.23 -12.89 -1.20
C THR B 1036 19.77 -12.93 -0.80
N SER B 1037 19.50 -12.65 0.49
CA SER B 1037 18.15 -12.38 0.95
C SER B 1037 18.06 -11.25 1.96
N LEU B 1038 19.12 -10.96 2.71
CA LEU B 1038 19.12 -9.95 3.74
C LEU B 1038 19.35 -8.53 3.22
N PRO B 1039 20.35 -8.29 2.36
CA PRO B 1039 20.65 -6.89 2.00
C PRO B 1039 19.49 -6.14 1.36
N VAL B 1040 18.56 -6.83 0.72
CA VAL B 1040 17.43 -6.12 0.14
C VAL B 1040 16.33 -5.92 1.18
N LEU B 1041 16.25 -6.79 2.18
CA LEU B 1041 15.30 -6.57 3.27
C LEU B 1041 15.69 -5.37 4.11
N LEU B 1042 16.99 -5.23 4.41
CA LEU B 1042 17.45 -4.08 5.16
C LEU B 1042 17.40 -2.81 4.32
N MET B 1043 17.24 -2.95 3.00
CA MET B 1043 17.06 -1.79 2.15
C MET B 1043 15.59 -1.39 2.05
N GLY B 1044 14.71 -2.39 1.92
CA GLY B 1044 13.30 -2.09 1.85
C GLY B 1044 12.71 -1.55 3.12
N LEU B 1045 13.49 -1.54 4.21
CA LEU B 1045 13.04 -1.05 5.50
C LEU B 1045 13.75 0.22 5.94
N LEU B 1046 14.91 0.55 5.36
CA LEU B 1046 15.71 1.67 5.83
C LEU B 1046 16.04 2.71 4.77
N ASP B 1047 15.93 2.39 3.49
CA ASP B 1047 16.24 3.33 2.43
C ASP B 1047 15.36 4.57 2.52
N GLN B 1048 15.94 5.73 2.24
CA GLN B 1048 15.14 6.96 2.19
C GLN B 1048 15.82 7.96 1.27
N ASP B 1049 15.02 8.52 0.36
CA ASP B 1049 15.48 9.41 -0.69
C ASP B 1049 16.07 10.69 -0.13
N VAL B 1050 15.25 11.50 0.55
CA VAL B 1050 15.69 12.71 1.23
C VAL B 1050 15.07 12.69 2.63
N SER B 1051 15.64 13.50 3.52
CA SER B 1051 15.24 13.46 4.92
C SER B 1051 13.77 13.80 5.08
N ASP B 1052 13.22 13.50 6.26
CA ASP B 1052 11.84 13.83 6.54
C ASP B 1052 11.63 15.29 6.92
N LYS B 1053 12.69 16.08 6.92
CA LYS B 1053 12.55 17.50 7.23
C LYS B 1053 12.35 18.33 5.96
N LEU B 1054 13.04 17.96 4.88
CA LEU B 1054 12.89 18.65 3.60
C LEU B 1054 12.15 17.78 2.58
N SER B 1055 11.51 16.71 3.03
CA SER B 1055 10.50 16.02 2.24
C SER B 1055 9.15 16.69 2.37
N LEU B 1056 8.89 17.34 3.50
CA LEU B 1056 7.70 18.18 3.68
C LEU B 1056 7.85 19.52 2.97
N ARG B 1057 9.05 20.08 3.03
CA ARG B 1057 9.30 21.42 2.46
C ARG B 1057 9.14 21.43 0.95
N PHE B 1058 9.46 20.32 0.28
CA PHE B 1058 9.27 20.17 -1.16
C PHE B 1058 8.20 19.10 -1.39
N PRO B 1059 6.93 19.46 -1.31
CA PRO B 1059 5.88 18.46 -1.57
C PRO B 1059 5.80 18.03 -3.02
N GLY B 1060 6.52 18.69 -3.93
CA GLY B 1060 6.44 18.32 -5.33
C GLY B 1060 7.12 17.00 -5.64
N LEU B 1061 7.93 16.51 -4.72
CA LEU B 1061 8.54 15.18 -4.88
C LEU B 1061 7.51 14.07 -4.80
N TYR B 1062 6.30 14.36 -4.31
CA TYR B 1062 5.27 13.34 -4.21
C TYR B 1062 4.80 12.90 -5.58
N ILE B 1063 5.00 13.74 -6.60
CA ILE B 1063 4.42 13.49 -7.92
C ILE B 1063 5.04 12.27 -8.58
N VAL B 1064 6.25 11.87 -8.19
CA VAL B 1064 6.89 10.73 -8.85
C VAL B 1064 6.09 9.46 -8.66
N GLY B 1065 5.49 9.29 -7.49
CA GLY B 1065 4.81 8.04 -7.19
C GLY B 1065 3.34 8.06 -7.55
N GLN B 1066 2.92 9.09 -8.24
CA GLN B 1066 1.52 9.27 -8.55
C GLN B 1066 1.21 9.21 -10.04
N ARG B 1067 2.19 9.41 -10.90
CA ARG B 1067 2.05 9.17 -12.33
C ARG B 1067 2.52 7.80 -12.75
N ASP B 1068 2.92 6.94 -11.81
CA ASP B 1068 3.53 5.64 -12.09
C ASP B 1068 4.79 5.81 -12.94
N LEU B 1069 5.78 6.50 -12.38
CA LEU B 1069 7.03 6.75 -13.07
C LEU B 1069 8.18 5.90 -12.59
N LEU B 1070 8.26 5.61 -11.29
CA LEU B 1070 9.41 4.91 -10.73
C LEU B 1070 9.40 3.42 -11.05
N PHE B 1071 8.22 2.81 -11.22
CA PHE B 1071 8.13 1.39 -11.55
C PHE B 1071 6.80 1.11 -12.19
N ASN B 1072 6.83 0.64 -13.43
CA ASN B 1072 5.65 0.27 -14.19
C ASN B 1072 5.94 -0.94 -15.07
N TYR B 1073 5.06 -1.26 -16.02
CA TYR B 1073 5.27 -2.43 -16.86
C TYR B 1073 6.34 -2.22 -17.93
N LYS B 1074 6.75 -1.00 -18.16
CA LYS B 1074 7.83 -0.71 -19.09
C LYS B 1074 9.18 -0.65 -18.41
N ARG B 1075 9.22 -0.54 -17.08
CA ARG B 1075 10.44 -0.63 -16.31
C ARG B 1075 10.63 -2.00 -15.66
N PHE B 1076 9.67 -2.91 -15.83
CA PHE B 1076 9.87 -4.29 -15.44
C PHE B 1076 10.57 -5.07 -16.55
N PHE B 1077 10.39 -4.67 -17.80
CA PHE B 1077 11.06 -5.30 -18.91
C PHE B 1077 12.48 -4.81 -19.10
N VAL B 1078 12.89 -3.78 -18.37
CA VAL B 1078 14.29 -3.36 -18.37
C VAL B 1078 15.07 -4.08 -17.28
N SER B 1079 14.39 -4.57 -16.24
CA SER B 1079 15.06 -5.37 -15.21
C SER B 1079 15.12 -6.84 -15.57
N LEU B 1080 14.55 -7.25 -16.71
CA LEU B 1080 14.82 -8.56 -17.27
C LEU B 1080 15.94 -8.49 -18.31
N LEU B 1081 15.89 -7.49 -19.19
CA LEU B 1081 16.98 -7.29 -20.14
C LEU B 1081 18.28 -6.96 -19.43
N HIS B 1082 18.22 -6.51 -18.19
CA HIS B 1082 19.41 -6.36 -17.37
C HIS B 1082 19.77 -7.63 -16.63
N GLY B 1083 18.91 -8.64 -16.69
CA GLY B 1083 19.18 -9.93 -16.07
C GLY B 1083 19.53 -11.00 -17.08
N VAL B 1084 19.22 -10.77 -18.36
CA VAL B 1084 19.65 -11.70 -19.40
C VAL B 1084 21.02 -11.30 -19.93
N LEU B 1085 21.44 -10.07 -19.65
CA LEU B 1085 22.78 -9.64 -20.03
C LEU B 1085 23.80 -9.97 -18.95
N THR B 1086 23.37 -9.99 -17.70
CA THR B 1086 24.26 -10.40 -16.62
C THR B 1086 24.48 -11.91 -16.63
N SER B 1087 23.42 -12.68 -16.86
CA SER B 1087 23.56 -14.14 -16.91
C SER B 1087 24.32 -14.58 -18.15
N MET B 1088 24.53 -13.65 -19.09
CA MET B 1088 25.30 -13.97 -20.29
C MET B 1088 26.78 -13.68 -20.07
N ILE B 1089 27.09 -12.56 -19.41
CA ILE B 1089 28.48 -12.25 -19.11
C ILE B 1089 29.02 -13.22 -18.06
N LEU B 1090 28.21 -13.61 -17.10
CA LEU B 1090 28.67 -14.47 -16.02
C LEU B 1090 28.96 -15.89 -16.50
N PHE B 1091 28.44 -16.28 -17.65
CA PHE B 1091 28.74 -17.61 -18.19
C PHE B 1091 29.80 -17.57 -19.26
N PHE B 1092 29.65 -16.69 -20.25
CA PHE B 1092 30.52 -16.73 -21.41
C PHE B 1092 31.92 -16.19 -21.16
N ILE B 1093 32.14 -15.51 -20.04
CA ILE B 1093 33.51 -15.14 -19.65
C ILE B 1093 34.19 -16.34 -19.00
N PRO B 1094 33.57 -17.04 -18.05
CA PRO B 1094 34.17 -18.30 -17.56
C PRO B 1094 34.23 -19.40 -18.61
N LEU B 1095 33.40 -19.36 -19.64
CA LEU B 1095 33.52 -20.34 -20.70
C LEU B 1095 34.71 -20.04 -21.61
N GLY B 1096 34.98 -18.76 -21.86
CA GLY B 1096 36.15 -18.42 -22.64
C GLY B 1096 37.45 -18.82 -21.96
N ALA B 1097 37.50 -18.73 -20.65
CA ALA B 1097 38.70 -19.09 -19.91
C ALA B 1097 38.83 -20.59 -19.67
N TYR B 1098 37.78 -21.38 -19.92
CA TYR B 1098 37.83 -22.81 -19.70
C TYR B 1098 38.01 -23.62 -20.98
N LEU B 1099 37.67 -23.07 -22.14
CA LEU B 1099 38.00 -23.73 -23.40
C LEU B 1099 39.50 -23.83 -23.62
N GLN B 1100 40.29 -23.12 -22.82
CA GLN B 1100 41.73 -23.24 -22.79
C GLN B 1100 42.13 -23.67 -21.38
N THR B 1101 43.43 -23.84 -21.17
CA THR B 1101 43.90 -24.28 -19.86
C THR B 1101 43.86 -23.14 -18.85
N VAL B 1102 43.69 -23.51 -17.58
CA VAL B 1102 43.83 -22.56 -16.48
C VAL B 1102 44.91 -22.97 -15.48
N GLY B 1103 45.32 -24.23 -15.47
CA GLY B 1103 46.42 -24.68 -14.63
C GLY B 1103 47.12 -25.84 -15.30
N GLN B 1104 48.25 -26.21 -14.73
CA GLN B 1104 49.02 -27.30 -15.33
C GLN B 1104 49.48 -28.35 -14.33
N ASP B 1105 49.68 -27.97 -13.08
CA ASP B 1105 50.47 -28.77 -12.14
C ASP B 1105 49.86 -30.14 -11.84
N GLY B 1106 48.63 -30.40 -12.28
CA GLY B 1106 47.91 -31.59 -11.89
C GLY B 1106 46.93 -31.35 -10.77
N GLU B 1107 47.11 -30.27 -10.02
CA GLU B 1107 46.08 -29.70 -9.17
C GLU B 1107 45.14 -28.80 -9.97
N ALA B 1108 45.28 -28.77 -11.28
CA ALA B 1108 44.62 -27.78 -12.10
C ALA B 1108 43.11 -28.01 -12.09
N PRO B 1109 42.33 -27.03 -11.67
CA PRO B 1109 40.88 -27.17 -11.76
C PRO B 1109 40.35 -26.81 -13.14
N SER B 1110 39.95 -27.81 -13.91
CA SER B 1110 39.24 -27.60 -15.17
C SER B 1110 38.02 -28.50 -15.27
N ASP B 1111 37.66 -29.15 -14.17
CA ASP B 1111 36.56 -30.10 -14.10
C ASP B 1111 35.22 -29.36 -14.06
N TYR B 1112 34.14 -30.11 -13.84
CA TYR B 1112 32.84 -29.50 -13.66
C TYR B 1112 32.67 -28.92 -12.27
N GLN B 1113 33.34 -29.50 -11.27
CA GLN B 1113 33.23 -29.00 -9.91
C GLN B 1113 33.73 -27.57 -9.81
N SER B 1114 34.83 -27.26 -10.50
CA SER B 1114 35.43 -25.93 -10.40
C SER B 1114 34.85 -24.96 -11.41
N PHE B 1115 34.13 -25.46 -12.42
CA PHE B 1115 33.42 -24.57 -13.32
C PHE B 1115 32.11 -24.11 -12.72
N ALA B 1116 31.61 -24.80 -11.70
CA ALA B 1116 30.39 -24.38 -11.03
C ALA B 1116 30.71 -23.56 -9.79
N VAL B 1117 32.00 -23.43 -9.46
CA VAL B 1117 32.40 -22.57 -8.35
C VAL B 1117 32.87 -21.23 -8.88
N THR B 1118 33.38 -21.20 -10.10
CA THR B 1118 33.77 -19.93 -10.71
C THR B 1118 32.56 -19.09 -11.07
N ILE B 1119 31.50 -19.72 -11.60
CA ILE B 1119 30.28 -18.97 -11.89
C ILE B 1119 29.56 -18.58 -10.60
N ALA B 1120 29.49 -19.50 -9.64
CA ALA B 1120 28.77 -19.20 -8.40
C ALA B 1120 29.43 -18.07 -7.64
N SER B 1121 30.76 -18.06 -7.57
CA SER B 1121 31.46 -17.03 -6.80
C SER B 1121 31.59 -15.72 -7.55
N ALA B 1122 31.34 -15.70 -8.86
CA ALA B 1122 31.26 -14.45 -9.59
C ALA B 1122 29.83 -13.93 -9.67
N LEU B 1123 28.87 -14.67 -9.13
CA LEU B 1123 27.47 -14.27 -9.06
C LEU B 1123 27.11 -13.66 -7.72
N VAL B 1124 27.62 -14.21 -6.62
CA VAL B 1124 27.36 -13.62 -5.31
C VAL B 1124 28.02 -12.26 -5.21
N ILE B 1125 29.23 -12.12 -5.75
CA ILE B 1125 29.94 -10.85 -5.69
C ILE B 1125 29.22 -9.79 -6.53
N THR B 1126 28.66 -10.20 -7.67
CA THR B 1126 28.03 -9.22 -8.56
C THR B 1126 26.69 -8.74 -8.02
N VAL B 1127 25.79 -9.66 -7.67
CA VAL B 1127 24.45 -9.26 -7.24
C VAL B 1127 24.45 -8.65 -5.86
N ASN B 1128 25.56 -8.74 -5.12
CA ASN B 1128 25.71 -8.04 -3.86
C ASN B 1128 26.45 -6.72 -4.00
N PHE B 1129 26.87 -6.38 -5.21
CA PHE B 1129 27.37 -5.05 -5.51
C PHE B 1129 26.32 -4.18 -6.18
N GLN B 1130 25.43 -4.79 -6.97
CA GLN B 1130 24.30 -4.06 -7.53
C GLN B 1130 23.30 -3.64 -6.47
N ILE B 1131 23.36 -4.23 -5.28
CA ILE B 1131 22.55 -3.78 -4.15
C ILE B 1131 23.33 -2.79 -3.28
N GLY B 1132 24.55 -2.47 -3.66
CA GLY B 1132 25.29 -1.41 -3.01
C GLY B 1132 25.21 -0.13 -3.81
N LEU B 1133 25.04 -0.27 -5.13
CA LEU B 1133 24.83 0.88 -5.98
C LEU B 1133 23.40 1.39 -5.92
N ASP B 1134 22.48 0.61 -5.38
CA ASP B 1134 21.08 0.99 -5.30
C ASP B 1134 20.76 1.78 -4.03
N THR B 1135 21.17 1.25 -2.87
CA THR B 1135 20.92 1.96 -1.63
C THR B 1135 21.58 3.33 -1.65
N SER B 1136 20.80 4.36 -1.35
CA SER B 1136 21.28 5.74 -1.25
C SER B 1136 21.26 6.24 0.19
N TYR B 1137 21.21 5.34 1.15
CA TYR B 1137 21.19 5.70 2.57
C TYR B 1137 21.86 4.55 3.31
N TRP B 1138 23.16 4.69 3.57
CA TRP B 1138 23.98 3.62 4.11
C TRP B 1138 23.99 3.72 5.63
N THR B 1139 23.21 2.86 6.29
CA THR B 1139 23.25 2.74 7.74
C THR B 1139 24.49 1.91 8.07
N PHE B 1140 24.71 1.55 9.33
CA PHE B 1140 25.75 0.57 9.61
C PHE B 1140 25.27 -0.85 9.34
N VAL B 1141 24.05 -1.18 9.77
CA VAL B 1141 23.52 -2.52 9.54
C VAL B 1141 23.26 -2.76 8.06
N ASN B 1142 23.20 -1.70 7.26
CA ASN B 1142 23.02 -1.84 5.83
C ASN B 1142 24.32 -2.08 5.09
N ALA B 1143 25.46 -1.94 5.76
CA ALA B 1143 26.75 -2.28 5.19
C ALA B 1143 27.40 -3.49 5.83
N PHE B 1144 26.95 -3.89 7.01
CA PHE B 1144 27.32 -5.15 7.61
C PHE B 1144 26.52 -6.31 7.03
N SER B 1145 25.48 -6.02 6.25
CA SER B 1145 24.67 -7.04 5.61
C SER B 1145 25.09 -7.31 4.16
N ILE B 1146 25.83 -6.41 3.54
CA ILE B 1146 26.38 -6.65 2.21
C ILE B 1146 27.72 -7.37 2.30
N PHE B 1147 28.65 -6.84 3.09
CA PHE B 1147 29.92 -7.51 3.34
C PHE B 1147 29.80 -8.64 4.35
N GLY B 1148 28.57 -9.05 4.69
CA GLY B 1148 28.36 -10.15 5.60
C GLY B 1148 27.62 -11.27 4.90
N SER B 1149 27.26 -11.04 3.65
CA SER B 1149 26.72 -12.06 2.76
C SER B 1149 27.79 -12.65 1.85
N ILE B 1150 28.70 -11.82 1.37
CA ILE B 1150 29.85 -12.33 0.63
C ILE B 1150 30.78 -13.10 1.55
N ALA B 1151 30.95 -12.63 2.78
CA ALA B 1151 31.82 -13.33 3.73
C ALA B 1151 31.18 -14.59 4.26
N LEU B 1152 29.85 -14.68 4.23
CA LEU B 1152 29.18 -15.91 4.63
C LEU B 1152 29.22 -16.95 3.52
N TYR B 1153 29.47 -16.56 2.28
CA TYR B 1153 29.60 -17.52 1.19
C TYR B 1153 31.00 -18.13 1.16
N PHE B 1154 32.03 -17.27 1.06
CA PHE B 1154 33.39 -17.76 1.06
C PHE B 1154 33.79 -18.38 2.39
N GLY B 1155 33.03 -18.11 3.44
CA GLY B 1155 33.33 -18.68 4.75
C GLY B 1155 32.75 -20.05 4.96
N ILE B 1156 31.50 -20.26 4.52
CA ILE B 1156 30.87 -21.57 4.71
C ILE B 1156 31.39 -22.58 3.70
N MET B 1157 31.95 -22.12 2.59
CA MET B 1157 32.39 -23.00 1.52
C MET B 1157 33.81 -23.51 1.70
N PHE B 1158 34.67 -22.77 2.38
CA PHE B 1158 35.98 -23.28 2.76
C PHE B 1158 35.84 -24.30 3.90
N GLY B 1177 38.23 -30.46 -0.80
CA GLY B 1177 37.54 -30.70 -2.05
C GLY B 1177 37.76 -29.61 -3.08
N THR B 1178 36.78 -29.44 -3.97
CA THR B 1178 36.88 -28.42 -5.02
C THR B 1178 36.89 -27.00 -4.46
N ALA B 1179 36.40 -26.80 -3.24
CA ALA B 1179 36.35 -25.47 -2.68
C ALA B 1179 37.75 -24.90 -2.46
N SER B 1180 38.60 -25.65 -1.77
CA SER B 1180 39.95 -25.21 -1.42
C SER B 1180 40.95 -25.48 -2.52
N ASN B 1181 40.50 -25.72 -3.74
CA ASN B 1181 41.42 -26.08 -4.82
C ASN B 1181 41.29 -25.21 -6.05
N ALA B 1182 40.10 -24.68 -6.37
CA ALA B 1182 39.93 -23.80 -7.50
C ALA B 1182 40.07 -22.33 -7.15
N LEU B 1183 39.82 -21.95 -5.89
CA LEU B 1183 39.95 -20.56 -5.47
C LEU B 1183 41.36 -20.21 -5.05
N ARG B 1184 42.29 -21.15 -5.18
CA ARG B 1184 43.68 -20.96 -4.80
C ARG B 1184 44.58 -20.63 -5.99
N GLN B 1185 44.01 -20.25 -7.13
CA GLN B 1185 44.82 -20.12 -8.33
C GLN B 1185 44.65 -18.75 -8.99
N PRO B 1186 45.73 -18.20 -9.55
CA PRO B 1186 45.65 -16.85 -10.13
C PRO B 1186 44.67 -16.72 -11.29
N TYR B 1187 44.49 -17.75 -12.11
CA TYR B 1187 43.65 -17.61 -13.28
C TYR B 1187 42.16 -17.69 -12.96
N ILE B 1188 41.79 -18.38 -11.89
CA ILE B 1188 40.39 -18.35 -11.45
C ILE B 1188 40.05 -16.98 -10.87
N TRP B 1189 40.97 -16.40 -10.10
CA TRP B 1189 40.76 -15.09 -9.51
C TRP B 1189 40.95 -13.96 -10.51
N LEU B 1190 41.10 -14.28 -11.79
CA LEU B 1190 41.08 -13.28 -12.85
C LEU B 1190 39.89 -13.42 -13.77
N THR B 1191 39.29 -14.60 -13.87
CA THR B 1191 38.00 -14.74 -14.51
C THR B 1191 36.90 -14.10 -13.68
N ILE B 1192 36.99 -14.20 -12.36
CA ILE B 1192 35.98 -13.62 -11.48
C ILE B 1192 36.04 -12.09 -11.54
N ILE B 1193 37.23 -11.53 -11.42
CA ILE B 1193 37.37 -10.07 -11.42
C ILE B 1193 36.95 -9.48 -12.77
N LEU B 1194 37.30 -10.15 -13.86
CA LEU B 1194 36.89 -9.67 -15.18
C LEU B 1194 35.38 -9.79 -15.35
N ALA B 1195 34.78 -10.88 -14.87
CA ALA B 1195 33.34 -11.07 -15.04
C ALA B 1195 32.57 -10.02 -14.24
N VAL B 1196 33.05 -9.67 -13.05
CA VAL B 1196 32.37 -8.68 -12.22
C VAL B 1196 32.46 -7.31 -12.88
N ALA B 1197 33.64 -6.94 -13.36
CA ALA B 1197 33.84 -5.59 -13.90
C ALA B 1197 33.00 -5.37 -15.16
N VAL B 1198 32.94 -6.37 -16.03
CA VAL B 1198 32.24 -6.17 -17.31
C VAL B 1198 30.75 -5.99 -17.08
N CYS B 1199 30.19 -6.67 -16.09
CA CYS B 1199 28.75 -6.60 -15.85
C CYS B 1199 28.39 -5.65 -14.73
N LEU B 1200 29.33 -4.85 -14.24
CA LEU B 1200 29.05 -3.85 -13.23
C LEU B 1200 29.53 -2.46 -13.61
N LEU B 1201 30.46 -2.33 -14.54
CA LEU B 1201 31.00 -1.04 -14.95
C LEU B 1201 30.05 -0.28 -15.88
N PRO B 1202 29.35 -0.93 -16.82
CA PRO B 1202 28.41 -0.18 -17.64
C PRO B 1202 27.10 0.17 -16.95
N VAL B 1203 26.81 -0.38 -15.77
CA VAL B 1203 25.60 0.04 -15.05
C VAL B 1203 25.90 1.20 -14.11
N VAL B 1204 27.16 1.59 -13.98
CA VAL B 1204 27.52 2.87 -13.39
C VAL B 1204 27.52 3.98 -14.43
N ALA B 1205 28.03 3.68 -15.63
CA ALA B 1205 28.07 4.67 -16.70
C ALA B 1205 26.70 5.00 -17.26
N ILE B 1206 25.66 4.24 -16.92
CA ILE B 1206 24.30 4.63 -17.28
C ILE B 1206 23.62 5.40 -16.15
N ARG B 1207 24.00 5.15 -14.89
CA ARG B 1207 23.45 5.96 -13.81
C ARG B 1207 24.07 7.35 -13.77
N PHE B 1208 25.34 7.49 -14.12
CA PHE B 1208 25.94 8.81 -14.18
C PHE B 1208 25.51 9.58 -15.42
N LEU B 1209 25.36 8.89 -16.55
CA LEU B 1209 24.93 9.55 -17.77
C LEU B 1209 23.46 9.91 -17.77
N SER B 1210 22.65 9.23 -16.96
CA SER B 1210 21.23 9.54 -16.82
C SER B 1210 20.96 10.42 -15.61
N MET B 1211 22.01 10.93 -14.96
CA MET B 1211 21.88 11.87 -13.86
C MET B 1211 22.38 13.26 -14.23
N THR B 1212 23.19 13.40 -15.28
CA THR B 1212 23.66 14.69 -15.73
C THR B 1212 23.12 15.07 -17.10
N ILE B 1213 22.04 14.42 -17.54
CA ILE B 1213 21.35 14.82 -18.76
C ILE B 1213 19.87 15.03 -18.45
N TRP B 1214 19.24 14.06 -17.79
CA TRP B 1214 17.86 14.16 -17.35
C TRP B 1214 17.81 13.89 -15.84
N PRO B 1215 18.33 14.80 -15.02
CA PRO B 1215 18.25 14.59 -13.57
C PRO B 1215 16.80 14.66 -13.11
N SER B 1216 16.46 13.77 -12.18
CA SER B 1216 15.13 13.81 -11.60
C SER B 1216 15.06 14.91 -10.55
N GLU B 1217 13.83 15.32 -10.23
CA GLU B 1217 13.66 16.42 -9.28
C GLU B 1217 14.05 16.02 -7.87
N SER B 1218 14.29 14.74 -7.62
CA SER B 1218 14.86 14.32 -6.35
C SER B 1218 16.38 14.38 -6.33
N ASP B 1219 17.02 14.57 -7.48
CA ASP B 1219 18.47 14.70 -7.55
C ASP B 1219 18.91 16.14 -7.39
N LYS B 1220 18.13 17.10 -7.86
CA LYS B 1220 18.48 18.50 -7.69
C LYS B 1220 18.38 18.92 -6.24
N ILE B 1221 17.45 18.33 -5.48
CA ILE B 1221 17.31 18.67 -4.07
C ILE B 1221 18.53 18.23 -3.29
N GLN B 1222 19.13 17.09 -3.64
CA GLN B 1222 20.30 16.60 -2.93
C GLN B 1222 21.56 17.38 -3.26
N LYS B 1223 21.66 17.91 -4.48
CA LYS B 1223 22.83 18.69 -4.85
C LYS B 1223 22.94 19.98 -4.05
N HIS B 1224 21.80 20.63 -3.79
CA HIS B 1224 21.77 21.87 -3.04
C HIS B 1224 21.29 21.67 -1.61
N ARG B 1225 21.48 20.49 -1.05
CA ARG B 1225 21.08 20.23 0.33
C ARG B 1225 21.79 21.13 1.32
N LYS B 1226 22.99 21.61 0.98
CA LYS B 1226 23.78 22.44 1.87
C LYS B 1226 23.95 23.86 1.32
N ARG B 1227 23.08 24.29 0.42
CA ARG B 1227 23.13 25.62 -0.15
C ARG B 1227 21.74 26.23 -0.27
N LEU B 1228 20.92 26.06 0.77
CA LEU B 1228 19.54 26.52 0.75
C LEU B 1228 19.21 27.27 2.04
N LYS B 1229 18.22 28.16 1.95
CA LYS B 1229 17.81 28.99 3.07
C LYS B 1229 16.72 28.29 3.87
N ALA B 1230 16.07 29.01 4.78
CA ALA B 1230 15.00 28.50 5.61
C ALA B 1230 13.68 29.13 5.19
N GLU B 1231 12.60 28.74 5.86
CA GLU B 1231 11.28 29.27 5.57
C GLU B 1231 10.37 29.15 6.79
N GLU B 1232 9.48 30.13 6.98
CA GLU B 1232 8.45 30.08 8.01
C GLU B 1232 7.13 30.69 7.50
N GLN B 1233 6.75 30.34 6.28
CA GLN B 1233 5.69 31.04 5.56
C GLN B 1233 4.30 30.55 5.99
N TRP B 1234 3.27 30.89 5.20
CA TRP B 1234 1.86 30.70 5.49
C TRP B 1234 1.42 31.47 6.74
N GLN B 1235 1.22 32.78 6.65
CA GLN B 1235 0.63 33.48 7.81
C GLN B 1235 -0.90 33.48 7.75
N ARG B 1236 -1.48 34.28 6.84
CA ARG B 1236 -2.92 34.20 6.62
C ARG B 1236 -3.36 34.58 5.21
N ARG B 1237 -2.44 34.94 4.31
CA ARG B 1237 -2.77 35.61 3.05
C ARG B 1237 -3.57 36.90 3.33
N GLN B 1238 -2.87 37.85 3.96
CA GLN B 1238 -3.44 39.18 4.15
C GLN B 1238 -3.80 39.79 2.80
N GLN B 1239 -5.10 40.01 2.60
CA GLN B 1239 -5.68 40.49 1.35
C GLN B 1239 -6.63 41.66 1.64
N VAL B 1240 -6.09 42.65 2.35
CA VAL B 1240 -6.83 43.67 3.09
C VAL B 1240 -8.08 44.16 2.35
N PHE B 1241 -7.92 44.53 1.09
CA PHE B 1241 -9.06 44.88 0.24
C PHE B 1241 -8.73 44.56 -1.21
N ARG B 1242 -9.61 45.01 -2.09
CA ARG B 1242 -9.43 44.92 -3.53
C ARG B 1242 -10.00 46.16 -4.17
N ARG B 1243 -9.42 46.56 -5.30
CA ARG B 1243 -10.01 47.62 -6.11
C ARG B 1243 -11.20 47.11 -6.92
N GLY B 1244 -11.13 45.89 -7.43
CA GLY B 1244 -12.22 45.30 -8.18
C GLY B 1244 -13.27 44.71 -7.26
N VAL B 1245 -13.92 45.56 -6.46
CA VAL B 1245 -14.92 45.09 -5.52
C VAL B 1245 -16.14 44.55 -6.27
N SER B 1246 -16.31 43.24 -6.23
CA SER B 1246 -17.42 42.58 -6.91
C SER B 1246 -18.08 41.48 -6.09
N THR B 1247 -17.41 40.92 -5.09
CA THR B 1247 -17.96 39.81 -4.32
C THR B 1247 -19.23 40.22 -3.59
N ARG B 1248 -19.09 41.13 -2.62
CA ARG B 1248 -20.19 41.56 -1.76
C ARG B 1248 -21.05 40.37 -1.34
N ARG B 1249 -20.38 39.30 -0.94
CA ARG B 1249 -21.07 38.06 -0.59
C ARG B 1249 -21.40 38.05 0.89
N SER B 1250 -22.61 37.62 1.22
CA SER B 1250 -23.04 37.60 2.60
C SER B 1250 -22.36 36.47 3.36
N ALA B 1251 -21.84 36.79 4.55
CA ALA B 1251 -21.23 35.80 5.42
C ALA B 1251 -22.22 35.19 6.39
N TYR B 1252 -23.50 35.19 6.04
CA TYR B 1252 -24.53 34.74 6.98
C TYR B 1252 -24.39 33.25 7.24
N ALA B 1253 -24.49 32.87 8.50
CA ALA B 1253 -24.48 31.47 8.91
C ALA B 1253 -25.12 31.38 10.29
N PHE B 1254 -25.98 30.39 10.47
CA PHE B 1254 -26.71 30.24 11.71
C PHE B 1254 -27.18 28.80 11.83
N SER B 1255 -26.78 28.14 12.91
CA SER B 1255 -27.16 26.75 13.17
C SER B 1255 -28.26 26.76 14.22
N HIS B 1256 -29.51 26.62 13.77
CA HIS B 1256 -30.64 26.54 14.68
C HIS B 1256 -31.78 25.85 13.96
N GLN B 1257 -32.79 25.46 14.72
CA GLN B 1257 -33.95 24.76 14.20
C GLN B 1257 -35.20 25.62 14.38
N ARG B 1258 -36.29 25.14 13.81
CA ARG B 1258 -37.60 25.77 13.95
C ARG B 1258 -38.42 25.01 14.98
N GLY B 1259 -39.35 25.70 15.62
CA GLY B 1259 -40.26 25.08 16.55
C GLY B 1259 -39.83 25.09 18.00
N TYR B 1260 -38.78 25.82 18.34
CA TYR B 1260 -38.34 25.91 19.72
C TYR B 1260 -39.18 26.88 20.55
N ALA B 1261 -40.36 27.27 20.06
CA ALA B 1261 -41.30 28.06 20.85
C ALA B 1261 -42.12 27.14 21.77
N ASP B 1262 -41.39 26.27 22.47
CA ASP B 1262 -41.97 25.53 23.59
C ASP B 1262 -42.26 26.46 24.76
N LEU B 1263 -41.58 27.61 24.79
CA LEU B 1263 -41.67 28.54 25.90
C LEU B 1263 -43.08 29.10 26.03
N ILE B 1264 -43.61 29.65 24.93
CA ILE B 1264 -44.88 30.34 24.97
C ILE B 1264 -46.02 29.36 25.24
N SER B 1265 -45.87 28.11 24.83
CA SER B 1265 -46.90 27.11 25.04
C SER B 1265 -47.13 26.83 26.52
N SER B 1266 -46.11 26.30 27.21
CA SER B 1266 -46.32 25.88 28.59
C SER B 1266 -45.12 26.19 29.48
N GLY B 1267 -44.26 27.12 29.06
CA GLY B 1267 -43.13 27.53 29.87
C GLY B 1267 -42.32 26.40 30.47
N ARG B 1268 -41.56 25.69 29.62
CA ARG B 1268 -40.91 24.44 30.03
C ARG B 1268 -39.76 24.78 30.96
N SER B 1269 -40.12 25.15 32.19
CA SER B 1269 -39.15 25.59 33.18
C SER B 1269 -39.06 24.64 34.38
N ILE B 1270 -40.18 24.36 35.03
CA ILE B 1270 -40.18 23.56 36.25
C ILE B 1270 -41.55 22.96 36.52
C1 NAG C . 19.28 -46.56 -30.00
C2 NAG C . 19.71 -47.13 -28.65
C3 NAG C . 19.33 -48.60 -28.54
C4 NAG C . 17.86 -48.80 -28.87
C5 NAG C . 17.47 -48.09 -30.16
C6 NAG C . 15.98 -48.10 -30.42
C7 NAG C . 22.23 -47.30 -28.95
C8 NAG C . 22.06 -48.13 -30.20
N2 NAG C . 21.12 -46.89 -28.31
O3 NAG C . 19.60 -49.07 -27.22
O4 NAG C . 17.63 -50.19 -29.08
O5 NAG C . 17.87 -46.71 -30.14
O6 NAG C . 15.34 -46.97 -29.83
O7 NAG C . 23.35 -46.99 -28.53
C1 NAG C . 16.85 -50.81 -28.04
C2 NAG C . 16.50 -52.19 -28.56
C3 NAG C . 15.70 -52.97 -27.53
C4 NAG C . 16.45 -53.00 -26.20
C5 NAG C . 16.82 -51.59 -25.77
C6 NAG C . 17.69 -51.56 -24.54
C7 NAG C . 16.37 -52.07 -31.01
C8 NAG C . 15.45 -51.97 -32.20
N2 NAG C . 15.77 -52.11 -29.81
O3 NAG C . 15.49 -54.30 -27.99
O4 NAG C . 15.64 -53.60 -25.20
O5 NAG C . 17.56 -50.93 -26.81
O6 NAG C . 17.92 -52.87 -24.04
O7 NAG C . 17.59 -52.11 -31.13
C1 NAG D . 38.92 -49.99 -24.16
C2 NAG D . 38.83 -51.51 -24.16
C3 NAG D . 37.79 -51.97 -25.19
C4 NAG D . 36.46 -51.26 -24.95
C5 NAG D . 36.65 -49.75 -24.88
C6 NAG D . 35.39 -49.01 -24.48
C7 NAG D . 40.87 -52.69 -23.49
C8 NAG D . 40.32 -52.66 -22.10
N2 NAG D . 40.11 -52.12 -24.44
O3 NAG D . 37.62 -53.37 -25.09
O4 NAG D . 35.58 -51.57 -26.03
O5 NAG D . 37.64 -49.43 -23.90
O6 NAG D . 34.36 -49.19 -25.45
O7 NAG D . 41.95 -53.19 -23.75
C1 NAG D . 34.52 -52.44 -25.56
C2 NAG D . 33.44 -52.51 -26.64
C3 NAG D . 32.30 -53.40 -26.18
C4 NAG D . 32.81 -54.76 -25.73
C5 NAG D . 34.01 -54.63 -24.78
C6 NAG D . 34.68 -55.95 -24.49
C7 NAG D . 32.60 -50.81 -28.20
C8 NAG D . 32.13 -49.40 -28.36
N2 NAG D . 32.95 -51.17 -26.96
O3 NAG D . 31.38 -53.55 -27.25
O4 NAG D . 31.78 -55.42 -24.99
O5 NAG D . 35.01 -53.77 -25.32
O6 NAG D . 34.35 -56.46 -23.21
O7 NAG D . 32.67 -51.59 -29.14
C1 MAN D . 30.95 -56.29 -25.79
C2 MAN D . 30.78 -57.63 -24.98
C3 MAN D . 29.92 -58.63 -25.75
C4 MAN D . 29.72 -58.20 -27.21
C5 MAN D . 31.07 -57.75 -27.78
C6 MAN D . 31.02 -57.47 -29.27
O2 MAN D . 30.11 -57.42 -23.75
O3 MAN D . 28.67 -58.85 -25.11
O4 MAN D . 29.23 -59.28 -27.98
O5 MAN D . 31.48 -56.51 -27.11
O6 MAN D . 32.26 -57.88 -29.83
C1 NAG E . 56.04 -49.82 -30.35
C2 NAG E . 54.92 -50.74 -30.83
C3 NAG E . 55.06 -51.02 -32.33
C4 NAG E . 56.39 -51.71 -32.63
C5 NAG E . 57.49 -51.12 -31.75
C6 NAG E . 58.80 -50.95 -32.48
C7 NAG E . 54.42 -52.10 -28.83
C8 NAG E . 54.50 -53.47 -28.23
N2 NAG E . 54.91 -51.99 -30.07
O3 NAG E . 54.96 -49.81 -33.05
O4 NAG E . 56.29 -53.10 -32.38
O5 NAG E . 57.10 -49.81 -31.31
O6 NAG E . 59.08 -49.58 -32.75
O7 NAG E . 53.92 -51.15 -28.24
C1 NAG F . 58.34 -42.59 -38.74
C2 NAG F . 58.31 -43.06 -40.19
C3 NAG F . 59.02 -44.41 -40.33
C4 NAG F . 60.42 -44.33 -39.74
C5 NAG F . 60.36 -43.82 -38.30
C6 NAG F . 61.72 -43.62 -37.69
C7 NAG F . 56.28 -42.13 -41.20
C8 NAG F . 54.87 -42.40 -41.65
N2 NAG F . 56.94 -43.15 -40.66
O3 NAG F . 59.10 -44.76 -41.71
O4 NAG F . 61.02 -45.62 -39.75
O5 NAG F . 59.70 -42.55 -38.28
O6 NAG F . 61.70 -43.88 -36.29
O7 NAG F . 56.80 -41.01 -41.33
MG MG G . -18.33 14.14 11.22
#